data_6EOW
#
_entry.id   6EOW
#
_cell.length_a   49.038
_cell.length_b   81.733
_cell.length_c   93.046
_cell.angle_alpha   77.68
_cell.angle_beta   85.13
_cell.angle_gamma   72.70
#
_symmetry.space_group_name_H-M   'P 1'
#
loop_
_entity.id
_entity.type
_entity.pdbx_description
1 polymer 'Ketone/zingerone synthase 1'
2 non-polymer 'NADP NICOTINAMIDE-ADENINE-DINUCLEOTIDE PHOSPHATE'
3 non-polymer 4-(4-hydroxyphenyl)butan-2-one
4 water water
#
_entity_poly.entity_id   1
_entity_poly.type   'polypeptide(L)'
_entity_poly.pdbx_seq_one_letter_code
;MGSSHHHHHHSSGLVPRGSHMASGGEMQVSNKQVIFRDYVTGFPKESDMELTTRSITLKLPQGSTGLLLKNLYLSCDPYM
RARMTNHHRLSYVDSFKPGSPIIGYGVARVLESGNPKFNPGDLVWGFTGWEEYSVITATESLFKIHNTDVPLSYYTGLLG
MPGMTAYAGFYEICSPKKGETVYVSAASGAVGQLVGQFAKLTGCYVVGSAGSKEKVDLLKNKFGFDEAFNYKEEADLDAA
LRRYFPDGIDIYFENVGGKMLDAVLPNMRPKGRIAVCGMISQYNLEQPEGVRNLMALIVKQVRMEGFMVFSYYHLYGKFL
ETVLPYIKQGKITYVEDVVDGLDNAPAALIGLYSGRNVGKQVVVVSRE
;
_entity_poly.pdbx_strand_id   A,B,C,D
#
# COMPACT_ATOMS: atom_id res chain seq x y z
N GLN A 28 0.90 -56.62 38.36
CA GLN A 28 1.67 -55.59 39.05
C GLN A 28 3.06 -55.47 38.44
N VAL A 29 3.50 -54.24 38.16
CA VAL A 29 4.87 -53.94 37.77
C VAL A 29 5.34 -52.70 38.51
N SER A 30 6.66 -52.58 38.62
CA SER A 30 7.25 -51.39 39.22
C SER A 30 7.24 -50.24 38.22
N ASN A 31 7.12 -49.03 38.76
CA ASN A 31 7.04 -47.79 37.97
C ASN A 31 7.98 -46.79 38.65
N LYS A 32 9.21 -46.70 38.15
CA LYS A 32 10.11 -45.68 38.64
C LYS A 32 9.68 -44.32 38.10
N GLN A 33 9.87 -43.28 38.91
CA GLN A 33 9.38 -41.94 38.59
C GLN A 33 10.37 -40.86 39.02
N VAL A 34 10.40 -39.76 38.29
CA VAL A 34 11.11 -38.56 38.72
C VAL A 34 10.08 -37.58 39.25
N ILE A 35 10.13 -37.30 40.56
CA ILE A 35 9.15 -36.45 41.23
C ILE A 35 9.70 -35.04 41.40
N PHE A 36 8.87 -34.04 41.15
CA PHE A 36 9.24 -32.65 41.39
C PHE A 36 9.15 -32.37 42.89
N ARG A 37 10.28 -32.04 43.53
CA ARG A 37 10.20 -31.94 44.99
C ARG A 37 9.59 -30.62 45.44
N ASP A 38 10.07 -29.48 44.95
CA ASP A 38 9.55 -28.19 45.37
C ASP A 38 9.97 -27.08 44.41
N TYR A 39 9.28 -25.94 44.52
CA TYR A 39 9.52 -24.82 43.62
C TYR A 39 10.96 -24.32 43.74
N VAL A 40 11.47 -23.80 42.62
CA VAL A 40 12.89 -23.49 42.48
C VAL A 40 13.08 -21.98 42.39
N THR A 41 14.15 -21.50 43.01
CA THR A 41 14.58 -20.13 42.89
C THR A 41 16.01 -20.11 42.40
N GLY A 42 16.31 -19.30 41.38
CA GLY A 42 17.64 -19.35 40.81
C GLY A 42 17.82 -20.61 39.98
N PHE A 43 19.07 -21.08 39.90
CA PHE A 43 19.37 -22.28 39.11
C PHE A 43 18.83 -23.54 39.78
N PRO A 44 18.35 -24.51 39.01
CA PRO A 44 17.90 -25.78 39.58
C PRO A 44 19.06 -26.73 39.88
N LYS A 45 18.82 -27.62 40.83
CA LYS A 45 19.80 -28.67 41.15
C LYS A 45 19.13 -30.03 41.25
N GLU A 46 19.98 -31.06 41.24
CA GLU A 46 19.51 -32.44 41.25
C GLU A 46 18.49 -32.67 42.36
N SER A 47 18.77 -32.14 43.55
CA SER A 47 17.91 -32.35 44.70
C SER A 47 16.56 -31.66 44.57
N ASP A 48 16.31 -30.90 43.51
CA ASP A 48 14.97 -30.37 43.30
C ASP A 48 14.02 -31.44 42.76
N MET A 49 14.54 -32.60 42.36
CA MET A 49 13.74 -33.73 41.92
C MET A 49 14.07 -34.93 42.82
N GLU A 50 13.19 -35.93 42.82
CA GLU A 50 13.38 -37.16 43.60
C GLU A 50 13.06 -38.38 42.74
N LEU A 51 13.82 -39.45 42.92
CA LEU A 51 13.48 -40.70 42.26
C LEU A 51 12.87 -41.66 43.26
N THR A 52 11.71 -42.20 42.91
CA THR A 52 10.97 -43.16 43.71
C THR A 52 10.49 -44.27 42.79
N THR A 53 10.11 -45.42 43.37
CA THR A 53 9.53 -46.48 42.58
C THR A 53 8.21 -46.88 43.21
N ARG A 54 7.16 -46.97 42.38
CA ARG A 54 5.81 -47.29 42.79
C ARG A 54 5.38 -48.59 42.12
N SER A 55 4.33 -49.21 42.67
CA SER A 55 3.72 -50.38 42.07
C SER A 55 2.49 -49.93 41.28
N ILE A 56 2.31 -50.49 40.09
CA ILE A 56 1.21 -50.12 39.22
C ILE A 56 0.74 -51.36 38.47
N THR A 57 -0.53 -51.35 38.07
CA THR A 57 -1.11 -52.42 37.28
C THR A 57 -1.32 -51.94 35.86
N LEU A 58 -0.77 -52.67 34.89
CA LEU A 58 -0.88 -52.29 33.49
C LEU A 58 -2.29 -52.51 32.95
N LYS A 59 -3.27 -51.84 33.55
CA LYS A 59 -4.66 -51.94 33.14
C LYS A 59 -5.35 -50.62 33.43
N LEU A 60 -6.11 -50.11 32.45
CA LEU A 60 -6.84 -48.87 32.68
C LEU A 60 -8.07 -49.12 33.55
N PRO A 61 -8.58 -48.11 34.25
CA PRO A 61 -9.86 -48.30 34.95
C PRO A 61 -10.99 -48.53 33.96
N GLN A 62 -12.05 -49.18 34.44
CA GLN A 62 -13.19 -49.47 33.58
C GLN A 62 -13.78 -48.19 33.03
N GLY A 63 -14.18 -48.22 31.77
CA GLY A 63 -14.75 -47.07 31.11
C GLY A 63 -13.79 -45.94 30.82
N SER A 64 -12.49 -46.12 31.10
CA SER A 64 -11.53 -45.06 30.82
C SER A 64 -11.50 -44.73 29.34
N THR A 65 -11.47 -43.43 29.02
CA THR A 65 -11.26 -42.99 27.65
C THR A 65 -9.82 -42.53 27.42
N GLY A 66 -8.90 -42.87 28.34
CA GLY A 66 -7.52 -42.43 28.24
C GLY A 66 -6.60 -43.49 27.65
N LEU A 67 -5.30 -43.24 27.75
CA LEU A 67 -4.27 -44.13 27.24
C LEU A 67 -3.36 -44.60 28.35
N LEU A 68 -2.96 -45.88 28.30
CA LEU A 68 -1.89 -46.42 29.12
C LEU A 68 -0.64 -46.45 28.25
N LEU A 69 0.35 -45.62 28.58
CA LEU A 69 1.57 -45.53 27.78
C LEU A 69 2.76 -46.16 28.50
N LYS A 70 3.61 -46.84 27.72
CA LYS A 70 4.96 -47.19 28.18
C LYS A 70 5.93 -46.17 27.59
N ASN A 71 6.54 -45.37 28.47
CA ASN A 71 7.44 -44.31 28.02
C ASN A 71 8.77 -44.87 27.59
N LEU A 72 9.20 -44.50 26.39
CA LEU A 72 10.46 -44.96 25.80
C LEU A 72 11.57 -43.91 25.84
N TYR A 73 11.28 -42.67 25.40
CA TYR A 73 12.26 -41.58 25.40
C TYR A 73 11.63 -40.32 26.00
N LEU A 74 12.43 -39.54 26.73
CA LEU A 74 11.99 -38.25 27.27
C LEU A 74 12.89 -37.14 26.76
N SER A 75 12.29 -35.98 26.48
CA SER A 75 13.07 -34.80 26.10
C SER A 75 13.44 -34.00 27.36
N CYS A 76 14.66 -33.48 27.40
CA CYS A 76 14.98 -32.37 28.29
C CYS A 76 14.94 -31.13 27.43
N ASP A 77 14.07 -30.18 27.80
CA ASP A 77 13.89 -28.95 27.03
C ASP A 77 14.04 -27.74 27.95
N PRO A 78 14.71 -26.68 27.47
CA PRO A 78 14.93 -25.50 28.34
C PRO A 78 13.67 -24.88 28.97
N TYR A 79 12.50 -24.92 28.33
CA TYR A 79 11.33 -24.24 28.90
C TYR A 79 10.89 -24.87 30.22
N MET A 80 11.29 -26.11 30.52
CA MET A 80 10.81 -26.78 31.72
CA MET A 80 10.82 -26.78 31.73
C MET A 80 11.19 -26.02 32.99
N ARG A 81 12.26 -25.23 32.94
CA ARG A 81 12.64 -24.42 34.11
C ARG A 81 11.50 -23.51 34.54
N ALA A 82 10.81 -22.88 33.58
CA ALA A 82 9.68 -22.01 33.92
C ALA A 82 8.61 -22.73 34.71
N ARG A 83 8.46 -24.04 34.52
CA ARG A 83 7.41 -24.76 35.24
C ARG A 83 7.83 -25.13 36.65
N MET A 84 9.08 -24.88 37.01
CA MET A 84 9.53 -25.14 38.37
C MET A 84 9.30 -23.96 39.30
N THR A 85 8.81 -22.84 38.76
CA THR A 85 8.37 -21.67 39.53
C THR A 85 6.84 -21.69 39.64
N ASN A 86 6.31 -21.35 40.82
CA ASN A 86 4.86 -21.44 41.01
C ASN A 86 4.08 -20.50 40.09
N HIS A 87 4.46 -19.22 40.04
CA HIS A 87 3.63 -18.27 39.30
C HIS A 87 4.50 -17.18 38.69
N HIS A 88 4.10 -16.70 37.51
CA HIS A 88 4.84 -15.65 36.84
C HIS A 88 3.89 -14.85 35.97
N ARG A 89 4.16 -13.54 35.88
CA ARG A 89 3.42 -12.67 34.98
C ARG A 89 3.37 -13.24 33.57
N LEU A 90 4.50 -13.72 33.07
CA LEU A 90 4.60 -14.23 31.71
C LEU A 90 4.39 -15.73 31.65
N SER A 91 3.65 -16.31 32.59
CA SER A 91 3.37 -17.74 32.55
C SER A 91 2.54 -18.08 31.31
N TYR A 92 2.84 -19.21 30.66
CA TYR A 92 2.00 -19.70 29.56
C TYR A 92 1.39 -21.07 29.80
N VAL A 93 1.79 -21.78 30.86
CA VAL A 93 1.26 -23.11 31.17
C VAL A 93 1.35 -23.30 32.67
N ASP A 94 0.57 -24.24 33.18
CA ASP A 94 0.59 -24.53 34.61
C ASP A 94 1.95 -25.05 35.07
N SER A 95 2.37 -24.62 36.25
CA SER A 95 3.62 -25.12 36.81
C SER A 95 3.51 -26.58 37.23
N PHE A 96 4.65 -27.21 37.43
CA PHE A 96 4.72 -28.55 38.00
C PHE A 96 4.14 -28.54 39.43
N LYS A 97 3.56 -29.69 39.81
CA LYS A 97 2.97 -29.88 41.13
C LYS A 97 3.96 -30.63 42.02
N PRO A 98 4.41 -30.04 43.12
CA PRO A 98 5.31 -30.77 44.01
C PRO A 98 4.64 -32.04 44.52
N GLY A 99 5.44 -33.11 44.61
CA GLY A 99 4.94 -34.43 44.95
C GLY A 99 4.48 -35.25 43.76
N SER A 100 4.37 -34.65 42.58
CA SER A 100 3.93 -35.33 41.37
C SER A 100 5.07 -35.44 40.36
N PRO A 101 4.98 -36.39 39.43
CA PRO A 101 6.07 -36.57 38.46
C PRO A 101 6.26 -35.34 37.58
N ILE A 102 7.52 -35.04 37.25
CA ILE A 102 7.85 -34.12 36.16
C ILE A 102 7.03 -34.53 34.94
N ILE A 103 6.63 -33.57 34.12
CA ILE A 103 5.91 -33.79 32.87
C ILE A 103 6.68 -33.09 31.75
N GLY A 104 6.72 -33.70 30.57
CA GLY A 104 7.37 -33.08 29.42
C GLY A 104 7.15 -33.90 28.17
N TYR A 105 7.79 -33.46 27.08
CA TYR A 105 7.67 -34.17 25.82
C TYR A 105 8.35 -35.53 25.89
N GLY A 106 7.73 -36.51 25.24
CA GLY A 106 8.37 -37.82 25.21
C GLY A 106 7.87 -38.64 24.04
N VAL A 107 8.39 -39.86 23.94
CA VAL A 107 7.93 -40.81 22.94
C VAL A 107 7.57 -42.08 23.67
N ALA A 108 6.39 -42.63 23.36
CA ALA A 108 5.86 -43.75 24.12
C ALA A 108 5.10 -44.71 23.21
N ARG A 109 4.91 -45.94 23.69
CA ARG A 109 4.04 -46.90 23.02
C ARG A 109 2.75 -47.08 23.80
N VAL A 110 1.63 -47.13 23.08
CA VAL A 110 0.33 -47.33 23.70
C VAL A 110 0.21 -48.79 24.11
N LEU A 111 -0.01 -49.02 25.40
CA LEU A 111 -0.27 -50.38 25.88
C LEU A 111 -1.76 -50.71 25.83
N GLU A 112 -2.61 -49.76 26.18
CA GLU A 112 -4.06 -49.93 26.21
C GLU A 112 -4.70 -48.55 25.99
N SER A 113 -5.85 -48.55 25.34
CA SER A 113 -6.50 -47.30 24.94
C SER A 113 -7.99 -47.36 25.14
N GLY A 114 -8.54 -46.33 25.79
CA GLY A 114 -9.97 -46.10 25.84
C GLY A 114 -10.47 -45.14 24.78
N ASN A 115 -9.59 -44.75 23.86
CA ASN A 115 -9.88 -43.79 22.79
C ASN A 115 -9.73 -44.53 21.47
N PRO A 116 -10.77 -44.59 20.64
CA PRO A 116 -10.69 -45.36 19.39
C PRO A 116 -9.61 -44.87 18.44
N LYS A 117 -9.18 -43.61 18.55
CA LYS A 117 -8.14 -43.09 17.67
C LYS A 117 -6.78 -43.74 17.91
N PHE A 118 -6.57 -44.39 19.06
CA PHE A 118 -5.31 -45.07 19.37
C PHE A 118 -5.57 -46.53 19.70
N ASN A 119 -4.72 -47.41 19.18
CA ASN A 119 -4.79 -48.85 19.42
C ASN A 119 -3.47 -49.32 20.03
N PRO A 120 -3.48 -50.44 20.77
CA PRO A 120 -2.24 -50.92 21.38
C PRO A 120 -1.16 -51.14 20.33
N GLY A 121 0.08 -50.84 20.71
CA GLY A 121 1.20 -50.89 19.80
C GLY A 121 1.43 -49.61 19.02
N ASP A 122 0.47 -48.69 18.99
CA ASP A 122 0.69 -47.37 18.43
C ASP A 122 1.85 -46.67 19.15
N LEU A 123 2.66 -45.93 18.40
CA LEU A 123 3.73 -45.11 18.96
C LEU A 123 3.32 -43.64 18.85
N VAL A 124 3.52 -42.88 19.93
CA VAL A 124 3.07 -41.49 19.97
C VAL A 124 4.19 -40.61 20.50
N TRP A 125 4.09 -39.30 20.19
CA TRP A 125 4.94 -38.31 20.84
C TRP A 125 4.10 -37.13 21.30
N GLY A 126 4.51 -36.53 22.41
CA GLY A 126 3.70 -35.54 23.09
C GLY A 126 4.00 -35.54 24.59
N PHE A 127 3.13 -34.89 25.36
CA PHE A 127 3.39 -34.81 26.78
C PHE A 127 3.12 -36.14 27.48
N THR A 128 4.03 -36.53 28.36
CA THR A 128 3.90 -37.72 29.19
C THR A 128 4.63 -37.46 30.49
N GLY A 129 4.61 -38.46 31.39
CA GLY A 129 5.23 -38.32 32.68
C GLY A 129 6.66 -38.81 32.70
N TRP A 130 7.44 -38.22 33.58
CA TRP A 130 8.79 -38.70 33.83
C TRP A 130 8.69 -39.96 34.69
N GLU A 131 8.36 -41.06 34.02
CA GLU A 131 8.11 -42.35 34.67
C GLU A 131 8.14 -43.45 33.63
N GLU A 132 8.13 -44.71 34.09
CA GLU A 132 8.18 -45.77 33.10
C GLU A 132 6.84 -45.97 32.39
N TYR A 133 5.74 -45.73 33.11
CA TYR A 133 4.39 -45.89 32.57
C TYR A 133 3.53 -44.71 33.01
N SER A 134 2.75 -44.14 32.08
CA SER A 134 1.82 -43.07 32.37
C SER A 134 0.43 -43.40 31.84
N VAL A 135 -0.58 -42.87 32.54
CA VAL A 135 -1.97 -42.85 32.07
C VAL A 135 -2.30 -41.44 31.64
N ILE A 136 -2.63 -41.27 30.37
CA ILE A 136 -2.87 -39.96 29.77
C ILE A 136 -4.36 -39.78 29.55
N THR A 137 -4.90 -38.68 30.07
CA THR A 137 -6.29 -38.32 29.84
C THR A 137 -6.45 -37.35 28.67
N ALA A 138 -5.67 -36.29 28.65
CA ALA A 138 -5.71 -35.33 27.55
C ALA A 138 -4.86 -35.87 26.41
N THR A 139 -5.49 -36.45 25.40
CA THR A 139 -4.77 -37.17 24.35
C THR A 139 -4.59 -36.39 23.05
N GLU A 140 -4.99 -35.11 22.99
CA GLU A 140 -4.92 -34.37 21.74
C GLU A 140 -3.60 -33.65 21.54
N SER A 141 -2.77 -33.52 22.57
CA SER A 141 -1.41 -33.11 22.29
C SER A 141 -0.60 -34.22 21.62
N LEU A 142 -1.15 -35.44 21.52
CA LEU A 142 -0.38 -36.57 21.02
C LEU A 142 -0.38 -36.63 19.50
N PHE A 143 0.81 -36.84 18.93
CA PHE A 143 0.96 -37.14 17.52
C PHE A 143 1.19 -38.64 17.39
N LYS A 144 0.52 -39.26 16.44
CA LYS A 144 0.74 -40.68 16.13
C LYS A 144 1.91 -40.78 15.18
N ILE A 145 2.94 -41.51 15.57
CA ILE A 145 4.11 -41.69 14.71
C ILE A 145 3.76 -42.70 13.62
N HIS A 146 4.03 -42.32 12.38
CA HIS A 146 3.85 -43.19 11.23
C HIS A 146 5.18 -43.73 10.71
N ASN A 147 6.16 -42.85 10.50
CA ASN A 147 7.45 -43.25 9.95
C ASN A 147 8.32 -43.79 11.07
N THR A 148 8.57 -45.10 11.05
CA THR A 148 9.57 -45.70 11.93
C THR A 148 10.85 -46.03 11.18
N ASP A 149 11.04 -45.45 10.00
CA ASP A 149 12.29 -45.51 9.25
C ASP A 149 13.43 -44.79 9.96
N VAL A 150 13.17 -44.19 11.13
CA VAL A 150 14.12 -43.33 11.84
C VAL A 150 14.19 -43.76 13.30
N PRO A 151 15.30 -43.45 13.97
CA PRO A 151 15.35 -43.67 15.42
C PRO A 151 14.17 -42.99 16.10
N LEU A 152 13.47 -43.75 16.95
CA LEU A 152 12.34 -43.16 17.67
C LEU A 152 12.75 -41.93 18.48
N SER A 153 13.99 -41.88 18.97
CA SER A 153 14.42 -40.73 19.75
C SER A 153 14.26 -39.43 18.95
N TYR A 154 14.28 -39.51 17.62
CA TYR A 154 14.11 -38.32 16.78
C TYR A 154 12.83 -37.57 17.11
N TYR A 155 11.84 -38.26 17.64
CA TYR A 155 10.55 -37.60 17.85
C TYR A 155 10.51 -36.81 19.18
N THR A 156 11.63 -36.74 19.90
CA THR A 156 11.79 -35.75 20.97
C THR A 156 12.48 -34.49 20.50
N GLY A 157 12.99 -34.47 19.28
CA GLY A 157 13.90 -33.42 18.83
C GLY A 157 13.70 -33.07 17.36
N LEU A 158 14.54 -33.64 16.50
CA LEU A 158 14.50 -33.38 15.06
C LEU A 158 13.10 -33.42 14.46
N LEU A 159 12.32 -34.46 14.81
CA LEU A 159 10.99 -34.65 14.26
C LEU A 159 9.89 -34.36 15.27
N GLY A 160 10.24 -33.80 16.43
CA GLY A 160 9.24 -33.37 17.40
C GLY A 160 9.23 -31.86 17.55
N MET A 161 8.96 -31.40 18.77
CA MET A 161 8.74 -29.98 19.03
C MET A 161 9.96 -29.11 18.68
N PRO A 162 11.19 -29.49 19.02
CA PRO A 162 12.33 -28.63 18.66
C PRO A 162 12.53 -28.50 17.17
N GLY A 163 12.34 -29.59 16.43
CA GLY A 163 12.45 -29.49 14.99
C GLY A 163 11.41 -28.57 14.38
N MET A 164 10.19 -28.66 14.87
CA MET A 164 9.12 -27.82 14.42
C MET A 164 9.41 -26.37 14.74
N THR A 165 9.98 -26.17 15.90
CA THR A 165 10.37 -24.81 16.27
C THR A 165 11.35 -24.21 15.28
N ALA A 166 12.38 -24.96 14.93
CA ALA A 166 13.36 -24.45 13.99
C ALA A 166 12.72 -24.16 12.64
N TYR A 167 11.87 -25.08 12.17
CA TYR A 167 11.18 -24.90 10.89
C TYR A 167 10.31 -23.65 10.91
N ALA A 168 9.47 -23.51 11.94
CA ALA A 168 8.56 -22.37 12.00
C ALA A 168 9.34 -21.08 12.18
N GLY A 169 10.28 -21.06 13.14
CA GLY A 169 10.98 -19.82 13.39
C GLY A 169 11.77 -19.36 12.18
N PHE A 170 12.42 -20.29 11.49
CA PHE A 170 13.25 -19.87 10.36
C PHE A 170 12.40 -19.53 9.16
N TYR A 171 11.52 -20.44 8.74
CA TYR A 171 10.83 -20.18 7.48
C TYR A 171 9.62 -19.26 7.62
N GLU A 172 8.93 -19.26 8.78
CA GLU A 172 7.75 -18.40 8.89
C GLU A 172 8.04 -17.04 9.50
N ILE A 173 9.09 -16.90 10.29
CA ILE A 173 9.40 -15.63 10.92
C ILE A 173 10.51 -14.87 10.21
N CYS A 174 11.52 -15.58 9.66
CA CYS A 174 12.74 -14.88 9.21
C CYS A 174 12.75 -14.43 7.76
N SER A 175 11.77 -14.85 6.95
CA SER A 175 11.69 -14.56 5.51
C SER A 175 13.09 -14.67 4.85
N PRO A 176 13.78 -15.77 5.01
CA PRO A 176 15.16 -15.84 4.52
C PRO A 176 15.24 -15.85 2.99
N LYS A 177 16.29 -15.23 2.47
CA LYS A 177 16.56 -15.19 1.03
C LYS A 177 18.00 -15.61 0.76
N LYS A 178 18.23 -16.23 -0.40
CA LYS A 178 19.58 -16.63 -0.78
C LYS A 178 20.54 -15.45 -0.67
N GLY A 179 21.75 -15.73 -0.20
CA GLY A 179 22.78 -14.72 -0.06
C GLY A 179 22.71 -13.91 1.22
N GLU A 180 21.65 -14.07 2.01
CA GLU A 180 21.58 -13.31 3.25
C GLU A 180 22.47 -13.94 4.33
N THR A 181 22.84 -13.13 5.32
CA THR A 181 23.68 -13.60 6.42
C THR A 181 22.83 -13.96 7.61
N VAL A 182 23.11 -15.11 8.22
CA VAL A 182 22.33 -15.63 9.35
C VAL A 182 23.26 -15.89 10.52
N TYR A 183 22.90 -15.37 11.70
CA TYR A 183 23.60 -15.73 12.93
C TYR A 183 22.66 -16.55 13.80
N VAL A 184 23.14 -17.70 14.30
CA VAL A 184 22.34 -18.60 15.14
C VAL A 184 23.03 -18.71 16.49
N SER A 185 22.31 -18.35 17.57
CA SER A 185 22.85 -18.58 18.90
C SER A 185 22.38 -19.95 19.40
N ALA A 186 23.07 -20.45 20.43
CA ALA A 186 22.93 -21.86 20.87
C ALA A 186 22.91 -22.82 19.70
N ALA A 187 23.87 -22.64 18.76
CA ALA A 187 23.69 -23.15 17.41
C ALA A 187 23.87 -24.66 17.34
N SER A 188 24.52 -25.28 18.32
CA SER A 188 24.68 -26.73 18.29
C SER A 188 23.53 -27.44 19.00
N GLY A 189 22.55 -26.67 19.49
CA GLY A 189 21.46 -27.24 20.24
C GLY A 189 20.39 -27.88 19.39
N ALA A 190 19.35 -28.36 20.07
CA ALA A 190 18.26 -29.05 19.41
C ALA A 190 17.63 -28.21 18.31
N VAL A 191 17.38 -26.92 18.59
CA VAL A 191 16.74 -26.05 17.61
C VAL A 191 17.76 -25.47 16.66
N GLY A 192 18.84 -24.94 17.24
CA GLY A 192 19.83 -24.22 16.45
C GLY A 192 20.50 -25.07 15.40
N GLN A 193 20.78 -26.34 15.70
CA GLN A 193 21.52 -27.12 14.71
C GLN A 193 20.69 -27.31 13.45
N LEU A 194 19.38 -27.33 13.59
CA LEU A 194 18.50 -27.44 12.43
C LEU A 194 18.31 -26.10 11.73
N VAL A 195 18.12 -25.02 12.49
CA VAL A 195 18.07 -23.69 11.86
C VAL A 195 19.25 -23.49 10.90
N GLY A 196 20.47 -23.79 11.38
CA GLY A 196 21.65 -23.54 10.58
C GLY A 196 21.66 -24.34 9.29
N GLN A 197 21.27 -25.62 9.36
CA GLN A 197 21.20 -26.45 8.16
C GLN A 197 20.13 -25.98 7.19
N PHE A 198 18.94 -25.62 7.70
CA PHE A 198 17.92 -25.01 6.85
C PHE A 198 18.47 -23.76 6.17
N ALA A 199 19.24 -22.97 6.91
CA ALA A 199 19.76 -21.73 6.32
C ALA A 199 20.73 -22.04 5.20
N LYS A 200 21.62 -23.01 5.42
CA LYS A 200 22.54 -23.44 4.35
C LYS A 200 21.78 -23.91 3.12
N LEU A 201 20.77 -24.74 3.33
CA LEU A 201 19.99 -25.27 2.21
C LEU A 201 19.27 -24.17 1.47
N THR A 202 18.93 -23.09 2.16
CA THR A 202 18.30 -21.95 1.54
CA THR A 202 18.29 -21.97 1.52
C THR A 202 19.29 -21.10 0.76
N GLY A 203 20.59 -21.33 0.94
CA GLY A 203 21.61 -20.54 0.30
C GLY A 203 22.09 -19.36 1.09
N CYS A 204 21.79 -19.32 2.40
CA CYS A 204 22.29 -18.26 3.26
C CYS A 204 23.70 -18.54 3.69
N TYR A 205 24.39 -17.47 4.10
CA TYR A 205 25.68 -17.59 4.76
C TYR A 205 25.41 -17.66 6.26
N VAL A 206 25.89 -18.71 6.94
CA VAL A 206 25.46 -18.99 8.32
C VAL A 206 26.64 -19.09 9.25
N VAL A 207 26.58 -18.36 10.36
CA VAL A 207 27.56 -18.49 11.44
C VAL A 207 26.79 -18.90 12.68
N GLY A 208 27.33 -19.83 13.45
CA GLY A 208 26.72 -20.22 14.70
C GLY A 208 27.69 -20.00 15.84
N SER A 209 27.21 -19.83 17.06
CA SER A 209 28.11 -19.89 18.21
C SER A 209 27.59 -20.92 19.20
N ALA A 210 28.52 -21.49 19.95
CA ALA A 210 28.22 -22.50 20.95
C ALA A 210 29.31 -22.39 22.02
N GLY A 211 29.17 -23.16 23.09
CA GLY A 211 30.00 -22.87 24.25
C GLY A 211 31.14 -23.85 24.51
N SER A 212 31.57 -24.62 23.52
CA SER A 212 32.75 -25.48 23.67
C SER A 212 33.40 -25.75 22.31
N LYS A 213 34.68 -26.15 22.35
CA LYS A 213 35.35 -26.55 21.11
C LYS A 213 34.63 -27.72 20.45
N GLU A 214 34.21 -28.69 21.24
CA GLU A 214 33.49 -29.83 20.72
C GLU A 214 32.29 -29.38 19.89
N LYS A 215 31.52 -28.45 20.44
CA LYS A 215 30.32 -27.97 19.77
C LYS A 215 30.68 -27.16 18.52
N VAL A 216 31.72 -26.33 18.62
CA VAL A 216 32.15 -25.57 17.43
C VAL A 216 32.60 -26.50 16.33
N ASP A 217 33.33 -27.56 16.69
CA ASP A 217 33.73 -28.54 15.68
C ASP A 217 32.51 -29.15 15.00
N LEU A 218 31.45 -29.47 15.77
CA LEU A 218 30.27 -30.02 15.13
C LEU A 218 29.68 -29.02 14.16
N LEU A 219 29.66 -27.75 14.54
CA LEU A 219 29.03 -26.76 13.68
C LEU A 219 29.74 -26.70 12.32
N LYS A 220 31.07 -26.74 12.33
CA LYS A 220 31.84 -26.63 11.09
C LYS A 220 31.91 -27.95 10.34
N ASN A 221 32.12 -29.05 11.05
CA ASN A 221 32.52 -30.32 10.45
C ASN A 221 31.40 -31.33 10.32
N LYS A 222 30.27 -31.13 10.99
CA LYS A 222 29.15 -32.01 10.81
C LYS A 222 27.93 -31.31 10.26
N PHE A 223 27.65 -30.09 10.70
CA PHE A 223 26.44 -29.41 10.28
C PHE A 223 26.66 -28.48 9.08
N GLY A 224 27.90 -28.25 8.66
CA GLY A 224 28.14 -27.43 7.48
C GLY A 224 27.89 -25.94 7.63
N PHE A 225 27.98 -25.39 8.84
CA PHE A 225 27.90 -23.94 8.98
C PHE A 225 29.08 -23.32 8.26
N ASP A 226 28.89 -22.12 7.70
CA ASP A 226 30.04 -21.49 7.02
C ASP A 226 31.15 -21.17 8.01
N GLU A 227 30.77 -20.72 9.20
CA GLU A 227 31.71 -20.39 10.26
C GLU A 227 31.04 -20.64 11.60
N ALA A 228 31.85 -20.67 12.64
CA ALA A 228 31.35 -20.90 13.98
C ALA A 228 32.42 -20.45 14.95
N PHE A 229 31.99 -20.01 16.13
CA PHE A 229 32.95 -19.63 17.15
C PHE A 229 32.41 -20.03 18.51
N ASN A 230 33.31 -20.11 19.48
CA ASN A 230 32.97 -20.42 20.86
C ASN A 230 32.76 -19.08 21.56
N TYR A 231 31.50 -18.78 21.96
CA TYR A 231 31.27 -17.42 22.45
C TYR A 231 31.95 -17.21 23.79
N LYS A 232 32.32 -18.28 24.48
CA LYS A 232 33.05 -18.11 25.74
C LYS A 232 34.47 -17.65 25.50
N GLU A 233 34.99 -17.80 24.29
CA GLU A 233 36.34 -17.35 23.98
C GLU A 233 36.39 -15.90 23.54
N GLU A 234 35.24 -15.23 23.46
CA GLU A 234 35.17 -13.87 22.93
C GLU A 234 34.82 -12.90 24.05
N ALA A 235 35.80 -12.12 24.50
CA ALA A 235 35.55 -11.15 25.55
C ALA A 235 34.68 -10.00 25.02
N ASP A 236 34.70 -9.76 23.73
CA ASP A 236 33.92 -8.68 23.12
C ASP A 236 33.08 -9.31 22.02
N LEU A 237 31.83 -9.65 22.35
CA LEU A 237 30.95 -10.33 21.39
C LEU A 237 30.61 -9.46 20.19
N ASP A 238 30.47 -8.14 20.42
CA ASP A 238 30.18 -7.22 19.34
C ASP A 238 31.32 -7.23 18.33
N ALA A 239 32.55 -7.12 18.84
CA ALA A 239 33.73 -7.24 17.98
C ALA A 239 33.78 -8.58 17.27
N ALA A 240 33.43 -9.66 17.97
CA ALA A 240 33.46 -10.97 17.33
C ALA A 240 32.47 -11.01 16.18
N LEU A 241 31.26 -10.48 16.38
CA LEU A 241 30.28 -10.51 15.30
C LEU A 241 30.74 -9.62 14.14
N ARG A 242 31.47 -8.55 14.42
CA ARG A 242 31.96 -7.71 13.33
C ARG A 242 32.98 -8.47 12.50
N ARG A 243 33.77 -9.32 13.15
CA ARG A 243 34.73 -10.14 12.44
C ARG A 243 34.03 -11.21 11.59
N TYR A 244 33.02 -11.88 12.14
CA TYR A 244 32.40 -12.99 11.39
C TYR A 244 31.36 -12.50 10.38
N PHE A 245 30.86 -11.27 10.53
CA PHE A 245 29.84 -10.68 9.67
C PHE A 245 30.34 -9.32 9.21
N PRO A 246 31.33 -9.33 8.31
CA PRO A 246 31.94 -8.05 7.92
C PRO A 246 30.95 -7.07 7.30
N ASP A 247 29.85 -7.54 6.72
CA ASP A 247 28.84 -6.62 6.18
C ASP A 247 27.52 -6.70 6.97
N GLY A 248 27.56 -7.33 8.15
CA GLY A 248 26.42 -7.29 9.07
C GLY A 248 25.55 -8.52 8.95
N ILE A 249 24.50 -8.54 9.77
CA ILE A 249 23.64 -9.70 9.97
C ILE A 249 22.25 -9.39 9.41
N ASP A 250 21.76 -10.21 8.46
CA ASP A 250 20.38 -9.99 8.02
C ASP A 250 19.38 -10.62 8.98
N ILE A 251 19.71 -11.82 9.49
CA ILE A 251 18.81 -12.62 10.33
C ILE A 251 19.54 -13.09 11.58
N TYR A 252 18.94 -12.86 12.76
CA TYR A 252 19.45 -13.42 14.00
C TYR A 252 18.39 -14.36 14.54
N PHE A 253 18.75 -15.63 14.65
CA PHE A 253 17.86 -16.60 15.28
C PHE A 253 18.21 -16.63 16.77
N GLU A 254 17.35 -16.00 17.58
CA GLU A 254 17.70 -15.67 18.95
C GLU A 254 17.25 -16.78 19.89
N ASN A 255 18.22 -17.43 20.55
CA ASN A 255 17.98 -18.51 21.51
C ASN A 255 18.46 -18.14 22.90
N VAL A 256 19.12 -17.01 23.07
CA VAL A 256 19.99 -16.80 24.21
C VAL A 256 19.62 -15.56 25.02
N GLY A 257 19.43 -14.41 24.35
CA GLY A 257 19.12 -13.18 25.07
C GLY A 257 20.32 -12.52 25.75
N GLY A 258 20.00 -11.52 26.58
CA GLY A 258 21.00 -10.84 27.41
C GLY A 258 22.11 -10.20 26.58
N LYS A 259 23.35 -10.34 27.06
CA LYS A 259 24.48 -9.67 26.40
C LYS A 259 24.66 -10.10 24.95
N MET A 260 24.31 -11.35 24.63
CA MET A 260 24.40 -11.81 23.25
C MET A 260 23.49 -10.99 22.34
N LEU A 261 22.24 -10.76 22.77
CA LEU A 261 21.34 -9.92 21.98
C LEU A 261 21.89 -8.50 21.85
N ASP A 262 22.44 -7.95 22.92
CA ASP A 262 22.96 -6.59 22.83
C ASP A 262 24.13 -6.51 21.87
N ALA A 263 24.92 -7.57 21.75
CA ALA A 263 26.02 -7.59 20.78
C ALA A 263 25.51 -7.69 19.35
N VAL A 264 24.39 -8.38 19.15
CA VAL A 264 23.82 -8.53 17.82
C VAL A 264 23.24 -7.23 17.31
N LEU A 265 22.51 -6.51 18.17
CA LEU A 265 21.67 -5.40 17.69
C LEU A 265 22.41 -4.40 16.83
N PRO A 266 23.56 -3.84 17.24
CA PRO A 266 24.29 -2.90 16.36
C PRO A 266 24.87 -3.52 15.12
N ASN A 267 24.96 -4.84 15.05
CA ASN A 267 25.44 -5.54 13.87
C ASN A 267 24.33 -5.93 12.89
N MET A 268 23.05 -5.65 13.19
CA MET A 268 22.02 -5.96 12.23
C MET A 268 22.13 -5.06 10.98
N ARG A 269 21.70 -5.61 9.84
CA ARG A 269 21.59 -4.88 8.59
C ARG A 269 20.22 -4.23 8.45
N PRO A 270 20.12 -3.20 7.59
CA PRO A 270 18.82 -2.59 7.32
C PRO A 270 17.82 -3.65 6.90
N LYS A 271 16.61 -3.54 7.44
CA LYS A 271 15.52 -4.47 7.20
C LYS A 271 15.86 -5.86 7.72
N GLY A 272 16.81 -5.94 8.65
CA GLY A 272 17.12 -7.20 9.29
C GLY A 272 15.96 -7.73 10.10
N ARG A 273 16.06 -9.01 10.46
CA ARG A 273 15.02 -9.68 11.21
C ARG A 273 15.63 -10.47 12.34
N ILE A 274 14.99 -10.42 13.52
CA ILE A 274 15.39 -11.24 14.67
C ILE A 274 14.19 -12.12 15.00
N ALA A 275 14.36 -13.42 14.95
CA ALA A 275 13.30 -14.31 15.40
C ALA A 275 13.57 -14.62 16.85
N VAL A 276 12.69 -14.16 17.73
CA VAL A 276 12.89 -14.33 19.17
C VAL A 276 12.29 -15.67 19.54
N CYS A 277 13.16 -16.66 19.58
CA CYS A 277 12.78 -18.03 19.91
C CYS A 277 12.90 -18.32 21.41
N GLY A 278 14.06 -18.02 22.00
CA GLY A 278 14.27 -18.24 23.42
C GLY A 278 15.28 -17.24 23.94
N MET A 279 15.40 -17.18 25.27
CA MET A 279 16.41 -16.34 25.90
C MET A 279 16.97 -17.10 27.10
N ILE A 280 17.60 -18.25 26.82
CA ILE A 280 17.97 -19.18 27.93
C ILE A 280 18.92 -18.54 28.95
N SER A 281 19.67 -17.51 28.56
CA SER A 281 20.54 -16.87 29.56
C SER A 281 19.75 -16.18 30.66
N GLN A 282 18.44 -16.02 30.45
CA GLN A 282 17.62 -15.30 31.41
C GLN A 282 16.78 -16.21 32.31
N TYR A 283 16.72 -17.51 32.02
CA TYR A 283 15.65 -18.31 32.61
C TYR A 283 15.87 -18.57 34.10
N ASN A 284 17.08 -18.37 34.62
CA ASN A 284 17.39 -18.68 36.02
C ASN A 284 17.71 -17.45 36.84
N LEU A 285 17.35 -16.28 36.33
CA LEU A 285 17.64 -15.02 37.01
C LEU A 285 16.41 -14.54 37.75
N GLU A 286 16.62 -13.97 38.93
CA GLU A 286 15.47 -13.38 39.60
C GLU A 286 15.04 -12.09 38.94
N GLN A 287 15.97 -11.37 38.33
CA GLN A 287 15.63 -10.20 37.55
C GLN A 287 16.26 -10.37 36.17
N PRO A 288 15.50 -10.21 35.09
CA PRO A 288 16.14 -10.26 33.76
C PRO A 288 17.12 -9.13 33.60
N GLU A 289 18.16 -9.38 32.80
CA GLU A 289 19.13 -8.37 32.46
C GLU A 289 18.55 -7.33 31.51
N GLY A 290 19.05 -6.10 31.62
CA GLY A 290 18.63 -5.01 30.74
C GLY A 290 19.35 -5.09 29.40
N VAL A 291 18.59 -4.95 28.33
CA VAL A 291 19.11 -4.87 26.96
C VAL A 291 19.08 -3.38 26.57
N ARG A 292 20.24 -2.85 26.18
CA ARG A 292 20.43 -1.41 26.05
C ARG A 292 20.41 -0.88 24.63
N ASN A 293 20.54 -1.75 23.61
CA ASN A 293 20.80 -1.27 22.24
C ASN A 293 19.56 -1.29 21.33
N LEU A 294 18.36 -1.23 21.90
CA LEU A 294 17.16 -1.36 21.10
C LEU A 294 16.97 -0.21 20.12
N MET A 295 17.66 0.92 20.29
CA MET A 295 17.52 1.98 19.30
CA MET A 295 17.57 1.99 19.31
C MET A 295 18.02 1.53 17.95
N ALA A 296 18.84 0.46 17.91
CA ALA A 296 19.27 -0.07 16.63
C ALA A 296 18.08 -0.54 15.81
N LEU A 297 16.97 -0.92 16.46
CA LEU A 297 15.79 -1.35 15.72
C LEU A 297 15.27 -0.24 14.82
N ILE A 298 15.37 1.01 15.27
CA ILE A 298 14.88 2.13 14.47
C ILE A 298 15.82 2.37 13.30
N VAL A 299 17.09 2.62 13.60
CA VAL A 299 17.96 3.11 12.55
C VAL A 299 18.19 2.03 11.50
N LYS A 300 18.12 0.76 11.89
CA LYS A 300 18.25 -0.33 10.95
C LYS A 300 16.91 -0.90 10.49
N GLN A 301 15.79 -0.34 10.97
CA GLN A 301 14.45 -0.80 10.54
C GLN A 301 14.34 -2.32 10.65
N VAL A 302 14.63 -2.82 11.84
CA VAL A 302 14.66 -4.25 12.11
C VAL A 302 13.31 -4.71 12.63
N ARG A 303 12.85 -5.87 12.13
CA ARG A 303 11.69 -6.58 12.71
C ARG A 303 12.18 -7.60 13.71
N MET A 304 11.82 -7.42 14.99
CA MET A 304 12.17 -8.36 16.05
CA MET A 304 12.17 -8.38 16.04
C MET A 304 10.88 -9.00 16.54
N GLU A 305 10.69 -10.31 16.25
CA GLU A 305 9.36 -10.91 16.43
C GLU A 305 9.47 -12.21 17.19
N GLY A 306 8.71 -12.34 18.30
CA GLY A 306 8.71 -13.61 19.00
C GLY A 306 7.63 -14.54 18.46
N PHE A 307 7.75 -15.82 18.77
CA PHE A 307 6.79 -16.78 18.26
C PHE A 307 6.80 -17.97 19.22
N MET A 308 5.72 -18.75 19.18
CA MET A 308 5.63 -19.99 19.95
CA MET A 308 5.61 -19.99 19.96
C MET A 308 5.29 -21.12 19.00
N VAL A 309 6.00 -22.24 19.16
CA VAL A 309 5.85 -23.33 18.20
C VAL A 309 4.43 -23.88 18.22
N PHE A 310 3.74 -23.78 19.37
CA PHE A 310 2.38 -24.31 19.46
C PHE A 310 1.46 -23.70 18.42
N SER A 311 1.74 -22.48 17.98
CA SER A 311 0.92 -21.84 16.95
C SER A 311 1.22 -22.29 15.55
N TYR A 312 2.13 -23.26 15.35
CA TYR A 312 2.56 -23.63 14.01
C TYR A 312 2.37 -25.10 13.68
N TYR A 313 1.74 -25.85 14.57
CA TYR A 313 1.61 -27.29 14.34
C TYR A 313 0.71 -27.61 13.15
N HIS A 314 -0.03 -26.64 12.63
CA HIS A 314 -0.76 -26.88 11.38
C HIS A 314 0.21 -27.10 10.22
N LEU A 315 1.48 -26.72 10.37
CA LEU A 315 2.51 -26.98 9.36
C LEU A 315 3.28 -28.28 9.60
N TYR A 316 2.89 -29.12 10.57
CA TYR A 316 3.70 -30.28 10.93
C TYR A 316 3.82 -31.26 9.77
N GLY A 317 2.70 -31.56 9.11
CA GLY A 317 2.74 -32.47 7.96
C GLY A 317 3.67 -31.97 6.87
N LYS A 318 3.63 -30.67 6.59
CA LYS A 318 4.51 -30.12 5.56
C LYS A 318 5.96 -30.15 6.00
N PHE A 319 6.22 -29.90 7.28
CA PHE A 319 7.57 -30.02 7.81
C PHE A 319 8.11 -31.42 7.61
N LEU A 320 7.32 -32.43 7.98
CA LEU A 320 7.77 -33.82 7.86
C LEU A 320 8.03 -34.21 6.40
N GLU A 321 7.14 -33.79 5.50
CA GLU A 321 7.37 -34.02 4.07
C GLU A 321 8.68 -33.37 3.63
N THR A 322 9.05 -32.25 4.24
CA THR A 322 10.25 -31.55 3.81
C THR A 322 11.51 -32.21 4.33
N VAL A 323 11.55 -32.51 5.63
CA VAL A 323 12.80 -32.90 6.27
C VAL A 323 13.11 -34.39 6.10
N LEU A 324 12.09 -35.25 6.05
CA LEU A 324 12.36 -36.69 5.96
C LEU A 324 13.21 -37.03 4.75
N PRO A 325 12.91 -36.57 3.53
CA PRO A 325 13.80 -36.92 2.41
C PRO A 325 15.22 -36.39 2.61
N TYR A 326 15.36 -35.21 3.20
CA TYR A 326 16.68 -34.68 3.51
C TYR A 326 17.43 -35.59 4.48
N ILE A 327 16.73 -36.10 5.49
CA ILE A 327 17.36 -37.04 6.42
C ILE A 327 17.74 -38.31 5.67
N LYS A 328 16.82 -38.81 4.84
CA LYS A 328 17.08 -39.98 4.01
C LYS A 328 18.29 -39.78 3.10
N GLN A 329 18.41 -38.60 2.50
CA GLN A 329 19.50 -38.30 1.58
C GLN A 329 20.76 -37.80 2.30
N GLY A 330 20.82 -37.87 3.63
CA GLY A 330 21.95 -37.34 4.37
C GLY A 330 22.18 -35.84 4.26
N LYS A 331 21.23 -35.10 3.66
CA LYS A 331 21.38 -33.65 3.50
C LYS A 331 21.06 -32.88 4.77
N ILE A 332 20.42 -33.54 5.75
CA ILE A 332 20.21 -32.99 7.07
C ILE A 332 20.66 -34.06 8.06
N THR A 333 21.54 -33.69 8.98
CA THR A 333 21.92 -34.60 10.05
C THR A 333 21.50 -34.02 11.41
N TYR A 334 21.71 -34.82 12.46
CA TYR A 334 21.28 -34.41 13.80
C TYR A 334 22.17 -35.08 14.83
N VAL A 335 22.51 -34.33 15.86
CA VAL A 335 23.30 -34.84 16.99
C VAL A 335 22.43 -34.81 18.24
N GLU A 336 22.24 -35.97 18.86
CA GLU A 336 21.61 -36.07 20.18
C GLU A 336 22.62 -36.38 21.26
N ASP A 337 22.31 -35.91 22.46
CA ASP A 337 23.00 -36.28 23.69
C ASP A 337 22.08 -37.28 24.41
N VAL A 338 22.55 -38.52 24.57
CA VAL A 338 21.69 -39.60 25.03
C VAL A 338 22.19 -40.08 26.38
N VAL A 339 21.36 -39.95 27.41
CA VAL A 339 21.67 -40.51 28.72
C VAL A 339 20.72 -41.67 28.97
N ASP A 340 21.23 -42.75 29.56
CA ASP A 340 20.40 -43.91 29.85
C ASP A 340 19.80 -43.80 31.24
N GLY A 341 18.48 -43.91 31.32
CA GLY A 341 17.82 -44.18 32.59
C GLY A 341 17.20 -43.01 33.32
N LEU A 342 16.02 -43.25 33.87
CA LEU A 342 15.33 -42.20 34.62
C LEU A 342 16.19 -41.67 35.75
N ASP A 343 17.00 -42.52 36.40
CA ASP A 343 17.88 -42.02 37.46
C ASP A 343 18.74 -40.86 36.96
N ASN A 344 19.11 -40.87 35.68
CA ASN A 344 19.97 -39.84 35.10
C ASN A 344 19.21 -38.64 34.53
N ALA A 345 17.87 -38.66 34.54
CA ALA A 345 17.10 -37.56 33.95
C ALA A 345 17.23 -36.22 34.69
N PRO A 346 17.25 -36.18 36.03
CA PRO A 346 17.39 -34.87 36.69
C PRO A 346 18.68 -34.15 36.35
N ALA A 347 19.80 -34.86 36.39
CA ALA A 347 21.07 -34.28 35.97
C ALA A 347 21.00 -33.78 34.53
N ALA A 348 20.37 -34.54 33.64
CA ALA A 348 20.32 -34.16 32.23
C ALA A 348 19.49 -32.89 32.02
N LEU A 349 18.43 -32.69 32.80
CA LEU A 349 17.65 -31.45 32.67
C LEU A 349 18.42 -30.25 33.21
N ILE A 350 18.98 -30.38 34.42
CA ILE A 350 19.80 -29.32 35.02
C ILE A 350 20.94 -28.93 34.09
N GLY A 351 21.49 -29.92 33.38
CA GLY A 351 22.67 -29.71 32.57
C GLY A 351 22.45 -28.79 31.39
N LEU A 352 21.20 -28.64 30.94
CA LEU A 352 20.93 -27.67 29.87
C LEU A 352 21.47 -26.29 30.21
N TYR A 353 21.31 -25.86 31.46
CA TYR A 353 21.57 -24.47 31.84
C TYR A 353 23.05 -24.22 32.10
N SER A 354 23.89 -25.23 32.00
CA SER A 354 25.33 -25.02 31.98
C SER A 354 25.94 -25.56 30.71
N GLY A 355 25.11 -25.94 29.73
CA GLY A 355 25.66 -26.36 28.45
C GLY A 355 26.25 -27.76 28.45
N ARG A 356 25.82 -28.63 29.38
CA ARG A 356 26.38 -29.99 29.45
C ARG A 356 25.98 -30.82 28.24
N ASN A 357 24.79 -30.58 27.69
CA ASN A 357 24.31 -31.38 26.56
C ASN A 357 25.08 -31.05 25.30
N VAL A 358 25.46 -32.11 24.56
CA VAL A 358 26.05 -31.92 23.25
C VAL A 358 25.00 -32.30 22.21
N GLY A 359 24.29 -31.29 21.70
CA GLY A 359 23.15 -31.52 20.82
C GLY A 359 21.89 -31.72 21.65
N LYS A 360 20.88 -32.31 21.03
CA LYS A 360 19.56 -32.39 21.68
C LYS A 360 19.58 -33.39 22.85
N GLN A 361 19.19 -32.94 24.05
CA GLN A 361 19.27 -33.81 25.24
C GLN A 361 18.11 -34.80 25.27
N VAL A 362 18.44 -36.09 25.24
CA VAL A 362 17.46 -37.18 25.32
C VAL A 362 17.74 -38.00 26.58
N VAL A 363 16.67 -38.47 27.22
CA VAL A 363 16.75 -39.51 28.26
C VAL A 363 16.09 -40.76 27.71
N VAL A 364 16.79 -41.88 27.69
CA VAL A 364 16.15 -43.10 27.22
C VAL A 364 15.59 -43.83 28.43
N VAL A 365 14.27 -43.95 28.48
CA VAL A 365 13.62 -44.71 29.56
C VAL A 365 13.67 -46.20 29.28
N SER A 366 13.38 -46.58 28.04
CA SER A 366 13.39 -47.98 27.65
C SER A 366 13.74 -48.01 26.18
N ARG A 367 14.92 -48.54 25.85
CA ARG A 367 15.44 -48.48 24.49
C ARG A 367 14.68 -49.43 23.56
N GLU A 368 14.03 -48.84 22.55
CA GLU A 368 13.26 -49.58 21.55
C GLU A 368 13.39 -48.95 20.16
N VAL B 29 20.92 42.50 2.58
CA VAL B 29 20.09 42.60 3.77
C VAL B 29 20.71 41.82 4.91
N SER B 30 20.14 41.98 6.09
CA SER B 30 20.61 41.23 7.25
C SER B 30 20.01 39.82 7.24
N ASN B 31 20.75 38.89 7.83
CA ASN B 31 20.36 37.48 7.88
C ASN B 31 20.80 36.91 9.22
N LYS B 32 19.89 36.97 10.20
CA LYS B 32 20.19 36.34 11.47
C LYS B 32 20.15 34.83 11.31
N GLN B 33 20.99 34.15 12.07
CA GLN B 33 21.22 32.73 11.96
C GLN B 33 21.32 32.13 13.35
N VAL B 34 20.89 30.88 13.49
CA VAL B 34 21.15 30.10 14.69
C VAL B 34 22.32 29.20 14.37
N ILE B 35 23.47 29.43 15.02
CA ILE B 35 24.70 28.69 14.73
C ILE B 35 24.90 27.56 15.73
N PHE B 36 25.34 26.41 15.23
CA PHE B 36 25.72 25.29 16.10
C PHE B 36 27.10 25.56 16.68
N ARG B 37 27.15 25.81 17.99
CA ARG B 37 28.43 26.14 18.62
C ARG B 37 29.38 24.94 18.64
N ASP B 38 29.01 23.87 19.35
CA ASP B 38 29.90 22.71 19.43
C ASP B 38 29.12 21.46 19.84
N TYR B 39 29.72 20.30 19.54
CA TYR B 39 29.12 19.00 19.80
C TYR B 39 28.68 18.86 21.25
N VAL B 40 27.57 18.13 21.44
CA VAL B 40 26.86 18.09 22.71
C VAL B 40 27.08 16.74 23.37
N THR B 41 27.27 16.77 24.69
CA THR B 41 27.24 15.59 25.55
C THR B 41 26.10 15.76 26.52
N GLY B 42 25.35 14.68 26.77
CA GLY B 42 24.19 14.78 27.64
C GLY B 42 23.08 15.60 27.00
N PHE B 43 22.33 16.35 27.81
CA PHE B 43 21.26 17.18 27.27
C PHE B 43 21.81 18.43 26.60
N PRO B 44 21.13 18.92 25.56
CA PRO B 44 21.53 20.19 24.95
C PRO B 44 21.12 21.35 25.84
N LYS B 45 21.80 22.47 25.63
CA LYS B 45 21.47 23.70 26.33
C LYS B 45 21.63 24.85 25.35
N GLU B 46 21.09 26.00 25.74
CA GLU B 46 21.03 27.11 24.79
C GLU B 46 22.42 27.57 24.39
N SER B 47 23.39 27.48 25.29
CA SER B 47 24.77 27.83 24.98
C SER B 47 25.37 26.96 23.88
N ASP B 48 24.77 25.81 23.58
CA ASP B 48 25.27 25.00 22.47
C ASP B 48 24.90 25.59 21.11
N MET B 49 24.07 26.62 21.09
CA MET B 49 23.73 27.34 19.88
C MET B 49 24.00 28.82 20.11
N GLU B 50 24.31 29.53 19.05
CA GLU B 50 24.62 30.95 19.18
C GLU B 50 23.89 31.69 18.09
N LEU B 51 23.30 32.82 18.46
CA LEU B 51 22.66 33.71 17.51
C LEU B 51 23.70 34.64 16.91
N THR B 52 23.57 34.89 15.62
CA THR B 52 24.45 35.84 14.94
C THR B 52 23.69 36.43 13.77
N THR B 53 24.22 37.51 13.22
CA THR B 53 23.68 38.13 12.02
C THR B 53 24.81 38.29 11.02
N ARG B 54 24.51 38.03 9.76
CA ARG B 54 25.45 38.24 8.68
C ARG B 54 24.76 39.02 7.58
N SER B 55 25.57 39.75 6.80
CA SER B 55 25.08 40.53 5.67
C SER B 55 25.12 39.66 4.42
N ILE B 56 24.03 39.65 3.66
CA ILE B 56 23.94 38.86 2.44
C ILE B 56 23.21 39.65 1.36
N THR B 57 23.48 39.30 0.12
CA THR B 57 22.76 39.84 -1.02
C THR B 57 21.80 38.77 -1.53
N LEU B 58 20.59 39.19 -1.92
CA LEU B 58 19.55 38.25 -2.29
C LEU B 58 19.50 38.05 -3.82
N LYS B 59 20.53 37.37 -4.34
CA LYS B 59 20.46 36.97 -5.74
C LYS B 59 20.86 35.51 -5.88
N LEU B 60 22.03 35.22 -6.45
CA LEU B 60 22.56 33.85 -6.55
C LEU B 60 23.94 33.88 -7.21
N SER B 64 23.75 30.31 -10.75
CA SER B 64 24.03 29.03 -10.12
C SER B 64 22.88 28.06 -10.33
N THR B 65 23.10 26.79 -10.04
CA THR B 65 22.04 25.79 -10.18
C THR B 65 21.21 25.65 -8.92
N GLY B 66 21.51 26.40 -7.86
CA GLY B 66 20.88 26.23 -6.58
C GLY B 66 19.59 27.03 -6.43
N LEU B 67 19.21 27.23 -5.17
CA LEU B 67 17.92 27.79 -4.82
C LEU B 67 18.11 28.82 -3.71
N LEU B 68 17.47 29.97 -3.83
CA LEU B 68 17.51 31.00 -2.81
C LEU B 68 16.16 31.05 -2.11
N LEU B 69 16.15 30.78 -0.79
CA LEU B 69 14.92 30.61 -0.04
C LEU B 69 14.74 31.71 1.01
N LYS B 70 13.50 32.20 1.14
CA LYS B 70 13.09 32.92 2.34
C LYS B 70 12.41 31.93 3.28
N ASN B 71 13.00 31.70 4.44
CA ASN B 71 12.46 30.74 5.39
C ASN B 71 11.32 31.36 6.19
N LEU B 72 10.18 30.68 6.21
CA LEU B 72 8.97 31.14 6.89
C LEU B 72 8.75 30.46 8.23
N TYR B 73 8.77 29.11 8.24
CA TYR B 73 8.52 28.34 9.45
C TYR B 73 9.61 27.28 9.58
N LEU B 74 10.01 26.97 10.83
CA LEU B 74 11.00 25.94 11.13
C LEU B 74 10.40 24.95 12.09
N SER B 75 10.70 23.67 11.89
CA SER B 75 10.27 22.64 12.83
C SER B 75 11.33 22.42 13.90
N CYS B 76 10.89 22.15 15.13
CA CYS B 76 11.73 21.59 16.16
C CYS B 76 11.33 20.12 16.24
N ASP B 77 12.26 19.25 15.93
CA ASP B 77 12.03 17.80 15.93
C ASP B 77 13.01 17.10 16.85
N PRO B 78 12.55 16.08 17.60
CA PRO B 78 13.45 15.38 18.53
C PRO B 78 14.71 14.80 17.93
N TYR B 79 14.68 14.32 16.67
CA TYR B 79 15.87 13.70 16.10
C TYR B 79 17.04 14.65 16.01
N MET B 80 16.79 15.97 16.08
CA MET B 80 17.89 16.92 15.91
CA MET B 80 17.90 16.89 15.87
C MET B 80 18.99 16.71 16.92
N ARG B 81 18.64 16.26 18.13
CA ARG B 81 19.67 15.98 19.13
C ARG B 81 20.73 15.02 18.59
N ALA B 82 20.33 14.02 17.80
CA ALA B 82 21.31 13.06 17.32
C ALA B 82 22.36 13.73 16.43
N ARG B 83 21.99 14.81 15.73
CA ARG B 83 22.94 15.50 14.85
C ARG B 83 23.87 16.41 15.62
N MET B 84 23.68 16.55 16.93
CA MET B 84 24.58 17.33 17.76
C MET B 84 25.72 16.48 18.32
N THR B 85 25.77 15.19 18.01
CA THR B 85 26.82 14.32 18.45
C THR B 85 27.80 14.09 17.31
N ASN B 86 29.09 14.26 17.61
CA ASN B 86 30.22 13.93 16.74
C ASN B 86 30.05 12.59 16.05
N SER B 91 24.93 8.52 13.13
CA SER B 91 24.36 7.16 13.00
C SER B 91 23.62 7.01 11.68
N TYR B 92 22.59 7.84 11.38
CA TYR B 92 21.84 7.71 10.14
C TYR B 92 21.97 8.90 9.19
N VAL B 93 22.48 10.05 9.65
CA VAL B 93 22.72 11.19 8.78
C VAL B 93 23.89 11.97 9.35
N ASP B 94 24.55 12.75 8.49
CA ASP B 94 25.69 13.55 8.91
C ASP B 94 25.35 14.46 10.07
N SER B 95 26.30 14.60 10.99
CA SER B 95 26.16 15.47 12.14
C SER B 95 26.20 16.92 11.69
N PHE B 96 25.70 17.81 12.56
CA PHE B 96 25.79 19.26 12.33
C PHE B 96 27.26 19.67 12.35
N LYS B 97 27.58 20.77 11.67
CA LYS B 97 28.97 21.23 11.62
C LYS B 97 29.13 22.46 12.49
N PRO B 98 30.03 22.44 13.49
CA PRO B 98 30.24 23.62 14.34
C PRO B 98 30.65 24.83 13.53
N GLY B 99 30.09 25.98 13.88
CA GLY B 99 30.30 27.21 13.16
C GLY B 99 29.28 27.49 12.07
N SER B 100 28.52 26.44 11.65
CA SER B 100 27.51 26.53 10.60
C SER B 100 26.11 26.51 11.20
N PRO B 101 25.14 27.07 10.48
CA PRO B 101 23.77 27.11 11.00
C PRO B 101 23.20 25.71 11.24
N ILE B 102 22.33 25.61 12.24
CA ILE B 102 21.48 24.43 12.40
C ILE B 102 20.70 24.24 11.12
N ILE B 103 20.52 22.99 10.69
CA ILE B 103 19.61 22.71 9.58
C ILE B 103 18.50 21.80 10.09
N GLY B 104 17.35 21.89 9.46
CA GLY B 104 16.28 20.94 9.71
C GLY B 104 15.11 21.27 8.81
N TYR B 105 13.98 20.60 9.08
CA TYR B 105 12.80 20.78 8.25
C TYR B 105 12.20 22.17 8.43
N GLY B 106 11.76 22.76 7.32
CA GLY B 106 11.15 24.06 7.33
C GLY B 106 10.20 24.24 6.17
N VAL B 107 9.61 25.42 6.11
CA VAL B 107 8.71 25.83 5.02
C VAL B 107 9.25 27.16 4.53
N ALA B 108 9.45 27.28 3.22
CA ALA B 108 10.11 28.48 2.71
C ALA B 108 9.52 28.88 1.37
N ARG B 109 9.78 30.15 1.02
CA ARG B 109 9.39 30.75 -0.25
C ARG B 109 10.60 30.86 -1.17
N VAL B 110 10.45 30.36 -2.39
CA VAL B 110 11.53 30.43 -3.37
C VAL B 110 11.62 31.85 -3.92
N LEU B 111 12.75 32.52 -3.67
CA LEU B 111 13.00 33.88 -4.19
C LEU B 111 13.60 33.84 -5.58
N GLU B 112 14.45 32.85 -5.87
CA GLU B 112 15.13 32.76 -7.14
C GLU B 112 15.63 31.33 -7.29
N SER B 113 15.66 30.86 -8.52
CA SER B 113 16.04 29.48 -8.80
C SER B 113 16.96 29.39 -10.00
N GLY B 114 18.04 28.65 -9.86
CA GLY B 114 18.82 28.23 -11.00
C GLY B 114 18.56 26.77 -11.34
N ASN B 115 17.44 26.23 -10.84
CA ASN B 115 17.05 24.90 -11.21
C ASN B 115 15.62 24.92 -11.73
N PRO B 116 15.37 24.29 -12.88
CA PRO B 116 14.11 24.51 -13.61
C PRO B 116 12.85 24.03 -12.90
N LYS B 117 12.94 23.07 -11.97
CA LYS B 117 11.75 22.51 -11.33
C LYS B 117 11.13 23.46 -10.30
N PHE B 118 11.82 24.52 -9.91
CA PHE B 118 11.27 25.50 -8.99
C PHE B 118 11.38 26.89 -9.60
N ASN B 119 10.36 27.71 -9.38
CA ASN B 119 10.29 29.08 -9.86
C ASN B 119 10.13 30.02 -8.68
N PRO B 120 10.50 31.30 -8.85
CA PRO B 120 10.22 32.28 -7.80
C PRO B 120 8.75 32.29 -7.46
N GLY B 121 8.46 32.37 -6.15
CA GLY B 121 7.13 32.36 -5.63
C GLY B 121 6.65 31.01 -5.12
N ASP B 122 7.31 29.93 -5.52
CA ASP B 122 6.97 28.60 -5.03
C ASP B 122 7.13 28.55 -3.52
N LEU B 123 6.24 27.81 -2.87
CA LEU B 123 6.36 27.44 -1.47
C LEU B 123 6.83 25.99 -1.41
N VAL B 124 7.82 25.72 -0.57
CA VAL B 124 8.39 24.39 -0.45
C VAL B 124 8.54 24.03 1.02
N TRP B 125 8.56 22.72 1.28
CA TRP B 125 8.98 22.24 2.58
C TRP B 125 10.04 21.17 2.41
N GLY B 126 10.92 21.07 3.39
CA GLY B 126 12.10 20.22 3.29
C GLY B 126 13.20 20.81 4.17
N PHE B 127 14.43 20.36 3.94
CA PHE B 127 15.54 20.82 4.76
C PHE B 127 15.96 22.22 4.37
N THR B 128 16.09 23.09 5.36
CA THR B 128 16.64 24.43 5.14
C THR B 128 17.45 24.81 6.37
N GLY B 129 18.06 25.99 6.33
CA GLY B 129 18.87 26.46 7.43
C GLY B 129 18.07 27.26 8.46
N TRP B 130 18.58 27.28 9.69
CA TRP B 130 17.99 28.05 10.77
C TRP B 130 18.46 29.50 10.61
N GLU B 131 17.76 30.21 9.74
CA GLU B 131 18.19 31.53 9.29
C GLU B 131 17.07 32.16 8.47
N GLU B 132 17.17 33.47 8.26
CA GLU B 132 16.12 34.14 7.51
C GLU B 132 16.15 33.74 6.04
N TYR B 133 17.35 33.56 5.48
CA TYR B 133 17.50 33.19 4.09
C TYR B 133 18.56 32.12 3.92
N SER B 134 18.29 31.17 3.03
CA SER B 134 19.16 30.04 2.79
C SER B 134 19.38 29.85 1.31
N VAL B 135 20.59 29.43 0.93
CA VAL B 135 20.89 28.98 -0.42
C VAL B 135 21.02 27.46 -0.37
N ILE B 136 20.17 26.77 -1.12
CA ILE B 136 20.03 25.32 -1.02
C ILE B 136 20.50 24.70 -2.33
N THR B 137 21.33 23.68 -2.23
CA THR B 137 21.81 22.92 -3.39
C THR B 137 21.06 21.59 -3.48
N ALA B 138 19.76 21.69 -3.73
CA ALA B 138 18.90 20.50 -3.86
C ALA B 138 17.53 20.82 -4.45
N SER B 141 16.09 17.08 -0.34
CA SER B 141 15.12 17.26 -1.42
C SER B 141 13.80 17.83 -0.89
N LEU B 142 13.30 18.81 -1.63
CA LEU B 142 12.14 19.61 -1.22
C LEU B 142 10.86 19.10 -1.87
N PHE B 143 9.75 19.41 -1.21
CA PHE B 143 8.41 19.19 -1.75
C PHE B 143 7.82 20.56 -2.09
N LYS B 144 7.27 20.69 -3.30
CA LYS B 144 6.54 21.90 -3.64
C LYS B 144 5.13 21.82 -3.08
N ILE B 145 4.74 22.85 -2.34
CA ILE B 145 3.44 22.92 -1.69
C ILE B 145 2.39 23.41 -2.68
N HIS B 146 1.35 22.62 -2.89
CA HIS B 146 0.25 23.00 -3.79
C HIS B 146 -0.92 23.57 -3.01
N ASN B 147 -1.44 22.80 -2.07
CA ASN B 147 -2.59 23.22 -1.28
C ASN B 147 -2.18 24.29 -0.27
N THR B 148 -2.70 25.50 -0.45
CA THR B 148 -2.43 26.62 0.44
C THR B 148 -3.65 27.01 1.27
N ASP B 149 -4.73 26.22 1.21
CA ASP B 149 -5.91 26.47 2.01
C ASP B 149 -5.84 25.81 3.38
N VAL B 150 -4.64 25.46 3.83
CA VAL B 150 -4.37 25.03 5.20
C VAL B 150 -3.29 25.96 5.74
N PRO B 151 -3.17 26.16 7.05
CA PRO B 151 -2.05 26.97 7.57
C PRO B 151 -0.72 26.41 7.07
N LEU B 152 0.13 27.30 6.54
CA LEU B 152 1.40 26.83 5.98
C LEU B 152 2.25 26.12 7.02
N SER B 153 2.07 26.46 8.30
CA SER B 153 2.88 25.82 9.33
C SER B 153 2.63 24.32 9.35
N TYR B 154 1.50 23.89 8.79
CA TYR B 154 1.17 22.46 8.78
C TYR B 154 2.22 21.64 8.04
N TYR B 155 2.95 22.27 7.09
CA TYR B 155 3.93 21.51 6.34
C TYR B 155 5.24 21.30 7.11
N THR B 156 5.30 21.72 8.39
CA THR B 156 6.35 21.29 9.30
C THR B 156 5.92 20.12 10.17
N GLY B 157 4.65 19.74 10.13
CA GLY B 157 4.11 18.80 11.09
C GLY B 157 3.05 17.89 10.48
N LEU B 158 1.78 18.24 10.68
CA LEU B 158 0.66 17.45 10.20
C LEU B 158 0.83 17.00 8.75
N LEU B 159 1.23 17.92 7.86
CA LEU B 159 1.39 17.60 6.45
C LEU B 159 2.86 17.46 6.05
N GLY B 160 3.76 17.37 7.03
CA GLY B 160 5.17 17.27 6.72
C GLY B 160 5.73 15.96 7.26
N MET B 161 6.99 15.98 7.67
CA MET B 161 7.64 14.74 8.10
C MET B 161 6.95 14.08 9.28
N PRO B 162 6.52 14.80 10.34
CA PRO B 162 5.90 14.08 11.47
C PRO B 162 4.59 13.42 11.08
N GLY B 163 3.79 14.06 10.25
CA GLY B 163 2.55 13.44 9.82
C GLY B 163 2.79 12.21 8.99
N MET B 164 3.77 12.28 8.08
CA MET B 164 4.16 11.12 7.29
C MET B 164 4.62 9.98 8.18
N THR B 165 5.33 10.33 9.26
CA THR B 165 5.79 9.34 10.24
C THR B 165 4.62 8.62 10.90
N ALA B 166 3.64 9.39 11.38
CA ALA B 166 2.44 8.79 11.96
C ALA B 166 1.74 7.89 10.97
N TYR B 167 1.61 8.34 9.73
CA TYR B 167 0.90 7.56 8.71
C TYR B 167 1.64 6.26 8.38
N ALA B 168 2.94 6.36 8.11
CA ALA B 168 3.71 5.16 7.80
C ALA B 168 3.75 4.21 9.00
N GLY B 169 4.08 4.73 10.19
CA GLY B 169 4.20 3.85 11.33
C GLY B 169 2.89 3.15 11.65
N PHE B 170 1.78 3.90 11.63
CA PHE B 170 0.51 3.30 12.01
C PHE B 170 0.00 2.36 10.91
N TYR B 171 -0.13 2.87 9.68
CA TYR B 171 -0.77 2.07 8.66
C TYR B 171 0.14 1.03 8.04
N GLU B 172 1.45 1.30 7.95
CA GLU B 172 2.33 0.33 7.30
C GLU B 172 3.02 -0.63 8.27
N ILE B 173 3.15 -0.29 9.55
CA ILE B 173 3.84 -1.14 10.50
C ILE B 173 2.87 -1.85 11.44
N CYS B 174 1.78 -1.18 11.87
CA CYS B 174 0.94 -1.78 12.91
C CYS B 174 -0.17 -2.73 12.43
N SER B 175 -0.44 -2.84 11.13
CA SER B 175 -1.55 -3.67 10.64
C SER B 175 -2.81 -3.52 11.47
N PRO B 176 -3.30 -2.29 11.68
CA PRO B 176 -4.42 -2.11 12.62
C PRO B 176 -5.73 -2.62 12.06
N LYS B 177 -6.59 -3.07 12.97
CA LYS B 177 -7.90 -3.58 12.63
C LYS B 177 -8.91 -3.02 13.61
N LYS B 178 -10.13 -2.77 13.12
CA LYS B 178 -11.20 -2.34 14.02
C LYS B 178 -11.28 -3.23 15.26
N GLY B 179 -11.53 -2.64 16.41
CA GLY B 179 -11.67 -3.39 17.64
C GLY B 179 -10.38 -3.61 18.42
N GLU B 180 -9.22 -3.42 17.79
CA GLU B 180 -7.96 -3.61 18.50
C GLU B 180 -7.71 -2.46 19.46
N THR B 181 -6.97 -2.76 20.53
CA THR B 181 -6.59 -1.74 21.51
C THR B 181 -5.23 -1.15 21.15
N VAL B 182 -5.11 0.16 21.27
CA VAL B 182 -3.90 0.90 20.88
C VAL B 182 -3.45 1.78 22.03
N TYR B 183 -2.16 1.68 22.39
CA TYR B 183 -1.56 2.61 23.35
C TYR B 183 -0.57 3.49 22.59
N VAL B 184 -0.61 4.80 22.83
CA VAL B 184 0.27 5.77 22.17
C VAL B 184 1.04 6.53 23.25
N SER B 185 2.39 6.43 23.23
CA SER B 185 3.16 7.26 24.14
C SER B 185 3.50 8.58 23.46
N ALA B 186 3.87 9.59 24.27
CA ALA B 186 4.02 10.98 23.78
C ALA B 186 2.81 11.38 22.93
N ALA B 187 1.62 11.06 23.45
CA ALA B 187 0.42 10.98 22.65
C ALA B 187 -0.08 12.35 22.21
N SER B 188 0.30 13.41 22.92
CA SER B 188 -0.13 14.74 22.48
C SER B 188 0.86 15.42 21.56
N GLY B 189 1.91 14.74 21.13
CA GLY B 189 2.95 15.36 20.33
C GLY B 189 2.63 15.36 18.84
N ALA B 190 3.61 15.82 18.04
CA ALA B 190 3.40 15.94 16.60
C ALA B 190 2.99 14.63 15.95
N VAL B 191 3.68 13.54 16.30
CA VAL B 191 3.40 12.23 15.72
C VAL B 191 2.24 11.57 16.44
N GLY B 192 2.34 11.50 17.78
CA GLY B 192 1.32 10.82 18.58
C GLY B 192 -0.09 11.32 18.35
N GLN B 193 -0.29 12.64 18.21
CA GLN B 193 -1.68 13.10 18.16
C GLN B 193 -2.32 12.60 16.89
N LEU B 194 -1.51 12.37 15.85
CA LEU B 194 -2.06 11.88 14.60
C LEU B 194 -2.26 10.37 14.64
N VAL B 195 -1.31 9.63 15.19
CA VAL B 195 -1.51 8.18 15.35
C VAL B 195 -2.85 7.91 16.04
N GLY B 196 -3.09 8.60 17.17
CA GLY B 196 -4.29 8.35 17.94
C GLY B 196 -5.56 8.59 17.13
N GLN B 197 -5.59 9.69 16.37
CA GLN B 197 -6.75 9.99 15.54
C GLN B 197 -6.94 8.98 14.42
N PHE B 198 -5.84 8.60 13.73
CA PHE B 198 -5.95 7.53 12.74
C PHE B 198 -6.51 6.27 13.38
N ALA B 199 -6.04 5.93 14.59
CA ALA B 199 -6.51 4.69 15.20
C ALA B 199 -8.01 4.80 15.52
N LYS B 200 -8.47 5.98 15.95
CA LYS B 200 -9.89 6.15 16.21
C LYS B 200 -10.70 5.98 14.92
N LEU B 201 -10.25 6.63 13.85
CA LEU B 201 -10.92 6.49 12.55
C LEU B 201 -11.00 5.05 12.09
N THR B 202 -9.98 4.24 12.38
CA THR B 202 -10.00 2.81 12.02
C THR B 202 -10.95 1.99 12.91
N GLY B 203 -11.44 2.55 14.00
CA GLY B 203 -12.30 1.81 14.90
C GLY B 203 -11.58 1.15 16.05
N CYS B 204 -10.36 1.57 16.37
CA CYS B 204 -9.61 1.04 17.49
C CYS B 204 -10.03 1.70 18.79
N TYR B 205 -9.74 1.02 19.88
CA TYR B 205 -9.88 1.59 21.21
C TYR B 205 -8.51 2.17 21.57
N VAL B 206 -8.45 3.47 21.87
CA VAL B 206 -7.18 4.19 21.91
C VAL B 206 -6.94 4.88 23.25
N VAL B 207 -5.78 4.62 23.87
CA VAL B 207 -5.38 5.31 25.10
C VAL B 207 -4.05 5.99 24.85
N GLY B 208 -3.93 7.24 25.29
CA GLY B 208 -2.67 7.96 25.19
C GLY B 208 -2.14 8.38 26.54
N SER B 209 -0.84 8.56 26.68
CA SER B 209 -0.31 9.24 27.86
C SER B 209 0.53 10.45 27.45
N ALA B 210 0.61 11.43 28.34
CA ALA B 210 1.36 12.66 28.11
C ALA B 210 1.75 13.20 29.49
N GLY B 211 2.58 14.25 29.52
CA GLY B 211 3.29 14.62 30.75
C GLY B 211 2.69 15.78 31.52
N SER B 212 1.49 16.23 31.18
CA SER B 212 0.84 17.32 31.89
C SER B 212 -0.67 17.19 31.84
N LYS B 213 -1.36 17.78 32.82
CA LYS B 213 -2.82 17.82 32.78
C LYS B 213 -3.32 18.47 31.49
N GLU B 214 -2.68 19.56 31.06
CA GLU B 214 -3.11 20.28 29.86
C GLU B 214 -3.09 19.35 28.65
N LYS B 215 -2.03 18.53 28.53
CA LYS B 215 -1.93 17.61 27.39
C LYS B 215 -2.94 16.48 27.51
N VAL B 216 -3.13 15.96 28.73
CA VAL B 216 -4.10 14.87 28.90
C VAL B 216 -5.50 15.36 28.53
N ASP B 217 -5.84 16.59 28.94
CA ASP B 217 -7.14 17.16 28.55
C ASP B 217 -7.27 17.25 27.03
N LEU B 218 -6.21 17.66 26.33
CA LEU B 218 -6.28 17.69 24.87
C LEU B 218 -6.58 16.32 24.30
N LEU B 219 -5.94 15.28 24.84
CA LEU B 219 -6.15 13.93 24.33
C LEU B 219 -7.61 13.52 24.44
N LYS B 220 -8.27 13.86 25.56
CA LYS B 220 -9.64 13.38 25.77
C LYS B 220 -10.67 14.29 25.11
N ASN B 221 -10.41 15.60 25.11
CA ASN B 221 -11.43 16.58 24.74
C ASN B 221 -11.32 17.09 23.32
N LYS B 222 -10.10 17.15 22.77
CA LYS B 222 -9.89 17.56 21.39
C LYS B 222 -9.62 16.40 20.45
N PHE B 223 -8.75 15.46 20.83
CA PHE B 223 -8.34 14.43 19.88
C PHE B 223 -9.22 13.20 19.95
N GLY B 224 -10.11 13.12 20.93
CA GLY B 224 -11.06 12.02 20.96
C GLY B 224 -10.47 10.68 21.34
N PHE B 225 -9.37 10.66 22.08
CA PHE B 225 -8.88 9.39 22.63
C PHE B 225 -9.94 8.81 23.58
N ASP B 226 -10.04 7.48 23.62
CA ASP B 226 -10.98 6.85 24.55
C ASP B 226 -10.63 7.14 26.01
N GLU B 227 -9.35 7.03 26.35
CA GLU B 227 -8.84 7.39 27.67
C GLU B 227 -7.46 8.00 27.53
N ALA B 228 -7.01 8.67 28.58
CA ALA B 228 -5.67 9.25 28.61
C ALA B 228 -5.21 9.45 30.05
N PHE B 229 -3.90 9.41 30.26
CA PHE B 229 -3.39 9.66 31.60
C PHE B 229 -2.06 10.39 31.57
N ASN B 230 -1.78 11.11 32.66
CA ASN B 230 -0.53 11.82 32.88
C ASN B 230 0.48 10.84 33.44
N TYR B 231 1.44 10.42 32.59
CA TYR B 231 2.35 9.37 33.03
C TYR B 231 3.32 9.85 34.08
N LYS B 232 3.52 11.17 34.23
CA LYS B 232 4.42 11.65 35.27
C LYS B 232 3.77 11.52 36.64
N GLU B 233 2.44 11.44 36.71
CA GLU B 233 1.74 11.31 37.97
C GLU B 233 1.30 9.89 38.29
N GLU B 234 1.62 8.93 37.43
CA GLU B 234 1.41 7.52 37.74
C GLU B 234 2.62 6.98 38.50
N ALA B 235 2.37 6.49 39.73
CA ALA B 235 3.43 5.90 40.53
C ALA B 235 3.98 4.60 39.93
N ASP B 236 3.17 3.90 39.14
CA ASP B 236 3.57 2.61 38.60
C ASP B 236 2.95 2.51 37.21
N LEU B 237 3.77 2.62 36.17
CA LEU B 237 3.25 2.63 34.80
C LEU B 237 2.56 1.33 34.45
N ASP B 238 3.11 0.21 34.93
CA ASP B 238 2.54 -1.09 34.61
C ASP B 238 1.12 -1.17 35.18
N ALA B 239 0.93 -0.64 36.38
CA ALA B 239 -0.40 -0.58 37.00
C ALA B 239 -1.37 0.26 36.17
N ALA B 240 -0.93 1.41 35.68
CA ALA B 240 -1.81 2.20 34.84
C ALA B 240 -2.16 1.42 33.58
N LEU B 241 -1.19 0.72 32.98
CA LEU B 241 -1.57 0.07 31.74
C LEU B 241 -2.49 -1.12 31.98
N ARG B 242 -2.32 -1.80 33.12
CA ARG B 242 -3.20 -2.91 33.46
C ARG B 242 -4.64 -2.44 33.65
N ARG B 243 -4.80 -1.23 34.19
CA ARG B 243 -6.13 -0.66 34.39
C ARG B 243 -6.75 -0.23 33.05
N TYR B 244 -5.98 0.50 32.24
CA TYR B 244 -6.57 1.02 31.01
C TYR B 244 -6.69 -0.04 29.92
N PHE B 245 -5.95 -1.14 30.03
CA PHE B 245 -6.00 -2.27 29.07
C PHE B 245 -6.16 -3.59 29.83
N PRO B 246 -7.32 -3.80 30.46
CA PRO B 246 -7.53 -5.00 31.26
C PRO B 246 -7.37 -6.28 30.47
N ASP B 247 -7.60 -6.22 29.15
CA ASP B 247 -7.42 -7.36 28.27
C ASP B 247 -6.16 -7.23 27.43
N GLY B 248 -5.32 -6.25 27.73
CA GLY B 248 -4.04 -6.16 27.04
C GLY B 248 -4.09 -5.18 25.86
N ILE B 249 -2.87 -4.95 25.31
CA ILE B 249 -2.58 -3.96 24.27
C ILE B 249 -2.31 -4.73 22.97
N ASP B 250 -3.12 -4.49 21.92
CA ASP B 250 -2.81 -5.06 20.59
C ASP B 250 -1.68 -4.31 19.90
N ILE B 251 -1.66 -2.98 20.00
CA ILE B 251 -0.68 -2.17 19.28
C ILE B 251 -0.11 -1.13 20.23
N TYR B 252 1.23 -1.10 20.37
CA TYR B 252 1.91 0.00 21.05
C TYR B 252 2.64 0.84 20.02
N PHE B 253 2.29 2.13 19.94
CA PHE B 253 3.03 3.07 19.10
C PHE B 253 4.10 3.72 19.99
N GLU B 254 5.34 3.29 19.81
CA GLU B 254 6.42 3.57 20.75
C GLU B 254 7.15 4.85 20.33
N ASN B 255 7.07 5.88 21.19
CA ASN B 255 7.80 7.13 20.97
C ASN B 255 8.84 7.40 22.05
N VAL B 256 8.92 6.58 23.09
CA VAL B 256 9.54 6.99 24.35
C VAL B 256 10.69 6.08 24.77
N GLY B 257 10.49 4.74 24.72
CA GLY B 257 11.50 3.82 25.18
C GLY B 257 11.65 3.74 26.71
N GLY B 258 12.76 3.13 27.11
CA GLY B 258 13.08 2.97 28.52
C GLY B 258 12.00 2.34 29.38
N LYS B 259 11.78 2.95 30.56
CA LYS B 259 10.82 2.44 31.53
C LYS B 259 9.42 2.26 30.93
N MET B 260 9.00 3.18 30.06
CA MET B 260 7.67 3.08 29.45
C MET B 260 7.54 1.81 28.62
N LEU B 261 8.57 1.51 27.83
CA LEU B 261 8.55 0.27 27.05
C LEU B 261 8.51 -0.94 27.95
N ASP B 262 9.29 -0.94 29.05
CA ASP B 262 9.23 -2.09 29.93
C ASP B 262 7.85 -2.26 30.57
N ALA B 263 7.13 -1.17 30.80
CA ALA B 263 5.78 -1.27 31.36
C ALA B 263 4.82 -1.86 30.34
N VAL B 264 5.02 -1.52 29.05
CA VAL B 264 4.14 -1.99 27.98
C VAL B 264 4.30 -3.48 27.75
N LEU B 265 5.56 -3.96 27.71
CA LEU B 265 5.84 -5.31 27.19
C LEU B 265 4.98 -6.42 27.81
N PRO B 266 4.90 -6.56 29.12
CA PRO B 266 4.07 -7.65 29.68
C PRO B 266 2.57 -7.42 29.55
N ASN B 267 2.15 -6.23 29.14
CA ASN B 267 0.74 -5.95 28.87
C ASN B 267 0.33 -6.18 27.40
N MET B 268 1.25 -6.59 26.52
CA MET B 268 0.85 -6.84 25.14
C MET B 268 -0.08 -8.06 25.01
N ARG B 269 -0.99 -8.01 24.02
CA ARG B 269 -1.83 -9.15 23.68
C ARG B 269 -1.09 -10.11 22.74
N PRO B 270 -1.51 -11.38 22.69
CA PRO B 270 -0.97 -12.30 21.69
C PRO B 270 -1.05 -11.69 20.29
N LYS B 271 0.03 -11.86 19.54
CA LYS B 271 0.15 -11.33 18.17
C LYS B 271 0.12 -9.81 18.17
N GLY B 272 0.38 -9.20 19.32
CA GLY B 272 0.46 -7.74 19.39
C GLY B 272 1.61 -7.22 18.55
N ARG B 273 1.59 -5.90 18.30
CA ARG B 273 2.62 -5.25 17.50
C ARG B 273 3.11 -3.98 18.18
N ILE B 274 4.44 -3.76 18.14
CA ILE B 274 5.02 -2.51 18.64
C ILE B 274 5.69 -1.82 17.48
N ALA B 275 5.21 -0.64 17.11
CA ALA B 275 5.89 0.10 16.05
C ALA B 275 6.93 0.95 16.74
N VAL B 276 8.21 0.67 16.50
CA VAL B 276 9.29 1.37 17.22
C VAL B 276 9.59 2.63 16.42
N CYS B 277 8.92 3.72 16.79
CA CYS B 277 9.08 5.02 16.11
C CYS B 277 10.21 5.84 16.70
N GLY B 278 10.20 6.08 18.00
CA GLY B 278 11.25 6.85 18.63
C GLY B 278 11.46 6.31 20.04
N MET B 279 12.54 6.78 20.69
CA MET B 279 12.79 6.46 22.09
C MET B 279 13.36 7.71 22.77
N ILE B 280 12.54 8.76 22.84
CA ILE B 280 13.07 10.07 23.21
C ILE B 280 13.66 10.09 24.62
N SER B 281 13.24 9.17 25.49
CA SER B 281 13.83 9.11 26.84
C SER B 281 15.31 8.75 26.82
N GLN B 282 15.82 8.29 25.66
CA GLN B 282 17.18 7.76 25.57
C GLN B 282 18.13 8.71 24.87
N TYR B 283 17.60 9.77 24.25
CA TYR B 283 18.39 10.49 23.25
C TYR B 283 19.51 11.32 23.88
N ASN B 284 19.39 11.65 25.16
CA ASN B 284 20.35 12.51 25.84
C ASN B 284 21.19 11.76 26.85
N LEU B 285 21.14 10.42 26.82
CA LEU B 285 21.93 9.59 27.72
C LEU B 285 23.27 9.25 27.07
N GLU B 286 24.34 9.38 27.84
CA GLU B 286 25.59 8.85 27.35
C GLU B 286 25.52 7.32 27.25
N GLN B 287 24.74 6.69 28.12
CA GLN B 287 24.56 5.23 28.12
C GLN B 287 23.07 4.91 28.11
N PRO B 288 22.54 4.24 27.08
CA PRO B 288 21.10 3.95 27.07
C PRO B 288 20.74 3.01 28.20
N GLU B 289 19.50 3.14 28.67
CA GLU B 289 18.99 2.33 29.77
C GLU B 289 18.69 0.91 29.27
N GLY B 290 18.80 -0.06 30.18
CA GLY B 290 18.47 -1.44 29.82
C GLY B 290 16.97 -1.70 29.94
N VAL B 291 16.44 -2.38 28.94
CA VAL B 291 15.04 -2.82 28.89
C VAL B 291 15.03 -4.30 29.24
N ARG B 292 14.27 -4.67 30.28
CA ARG B 292 14.37 -5.98 30.89
C ARG B 292 13.32 -6.98 30.47
N ASN B 293 12.19 -6.55 29.88
CA ASN B 293 11.04 -7.43 29.76
C ASN B 293 10.89 -8.06 28.37
N LEU B 294 11.97 -8.22 27.61
CA LEU B 294 11.81 -8.64 26.22
C LEU B 294 11.37 -10.10 26.08
N MET B 295 11.47 -10.91 27.16
CA MET B 295 10.89 -12.24 27.10
C MET B 295 9.40 -12.21 26.78
N ALA B 296 8.71 -11.11 27.13
CA ALA B 296 7.30 -10.98 26.77
C ALA B 296 7.09 -11.10 25.26
N LEU B 297 8.10 -10.81 24.44
CA LEU B 297 7.89 -10.92 23.01
C LEU B 297 7.60 -12.35 22.60
N ILE B 298 8.17 -13.31 23.32
CA ILE B 298 8.01 -14.71 23.00
C ILE B 298 6.62 -15.18 23.38
N VAL B 299 6.30 -15.05 24.66
CA VAL B 299 5.08 -15.63 25.19
C VAL B 299 3.85 -14.95 24.62
N LYS B 300 3.95 -13.66 24.24
CA LYS B 300 2.84 -12.99 23.56
C LYS B 300 2.99 -12.95 22.03
N GLN B 301 4.04 -13.56 21.47
CA GLN B 301 4.24 -13.61 20.02
C GLN B 301 4.07 -12.22 19.40
N VAL B 302 4.85 -11.28 19.91
CA VAL B 302 4.72 -9.88 19.51
C VAL B 302 5.72 -9.55 18.40
N ARG B 303 5.29 -8.73 17.42
CA ARG B 303 6.21 -8.20 16.39
C ARG B 303 6.59 -6.78 16.78
N MET B 304 7.88 -6.57 17.07
CA MET B 304 8.39 -5.26 17.48
C MET B 304 9.29 -4.79 16.36
N GLU B 305 8.84 -3.76 15.62
CA GLU B 305 9.52 -3.41 14.37
C GLU B 305 9.80 -1.92 14.29
N GLY B 306 11.08 -1.57 14.05
CA GLY B 306 11.46 -0.18 13.87
C GLY B 306 11.28 0.22 12.40
N PHE B 307 11.16 1.51 12.19
CA PHE B 307 11.00 2.05 10.84
C PHE B 307 11.55 3.48 10.84
N MET B 308 11.91 3.95 9.64
CA MET B 308 12.34 5.32 9.44
C MET B 308 11.49 5.95 8.37
N VAL B 309 11.02 7.19 8.64
CA VAL B 309 10.02 7.78 7.75
C VAL B 309 10.63 8.00 6.37
N PHE B 310 11.94 8.19 6.31
CA PHE B 310 12.61 8.39 5.02
C PHE B 310 12.29 7.30 4.02
N SER B 311 12.04 6.08 4.50
CA SER B 311 11.79 4.99 3.57
C SER B 311 10.37 4.95 3.06
N TYR B 312 9.51 5.89 3.46
CA TYR B 312 8.09 5.88 3.12
C TYR B 312 7.67 7.09 2.30
N TYR B 313 8.61 7.94 1.88
CA TYR B 313 8.20 9.18 1.25
C TYR B 313 7.56 8.94 -0.12
N HIS B 314 7.76 7.76 -0.72
CA HIS B 314 6.98 7.43 -1.93
C HIS B 314 5.49 7.36 -1.66
N LEU B 315 5.05 7.29 -0.40
CA LEU B 315 3.65 7.27 -0.08
C LEU B 315 3.13 8.66 0.25
N TYR B 316 3.96 9.69 0.09
CA TYR B 316 3.55 11.02 0.56
C TYR B 316 2.34 11.51 -0.21
N GLY B 317 2.30 11.26 -1.52
CA GLY B 317 1.12 11.64 -2.29
C GLY B 317 -0.12 10.97 -1.77
N LYS B 318 -0.05 9.67 -1.51
CA LYS B 318 -1.21 8.95 -1.00
C LYS B 318 -1.59 9.45 0.39
N PHE B 319 -0.61 9.76 1.22
CA PHE B 319 -0.88 10.33 2.54
C PHE B 319 -1.69 11.61 2.43
N LEU B 320 -1.27 12.53 1.56
CA LEU B 320 -2.04 13.74 1.32
C LEU B 320 -3.46 13.42 0.83
N GLU B 321 -3.57 12.49 -0.12
CA GLU B 321 -4.90 12.08 -0.58
C GLU B 321 -5.78 11.60 0.55
N THR B 322 -5.19 10.96 1.54
CA THR B 322 -5.99 10.40 2.62
C THR B 322 -6.30 11.46 3.67
N VAL B 323 -5.33 12.29 4.02
CA VAL B 323 -5.48 13.15 5.19
C VAL B 323 -6.18 14.47 4.85
N LEU B 324 -5.89 15.06 3.69
CA LEU B 324 -6.45 16.37 3.39
C LEU B 324 -7.98 16.37 3.42
N PRO B 325 -8.67 15.34 2.92
CA PRO B 325 -10.13 15.29 3.15
C PRO B 325 -10.51 15.20 4.62
N TYR B 326 -9.79 14.39 5.41
CA TYR B 326 -10.14 14.27 6.83
C TYR B 326 -10.03 15.60 7.54
N ILE B 327 -8.99 16.39 7.21
CA ILE B 327 -8.86 17.72 7.76
C ILE B 327 -10.05 18.58 7.36
N LYS B 328 -10.45 18.50 6.09
CA LYS B 328 -11.57 19.27 5.55
C LYS B 328 -12.86 18.97 6.28
N GLN B 329 -13.13 17.69 6.52
CA GLN B 329 -14.35 17.25 7.16
C GLN B 329 -14.23 17.26 8.67
N GLY B 330 -13.15 17.85 9.19
CA GLY B 330 -12.98 18.00 10.62
C GLY B 330 -12.80 16.70 11.38
N LYS B 331 -12.46 15.61 10.69
CA LYS B 331 -12.22 14.35 11.37
C LYS B 331 -10.82 14.29 11.99
N ILE B 332 -9.89 15.12 11.52
CA ILE B 332 -8.51 15.19 11.98
C ILE B 332 -8.25 16.63 12.39
N THR B 333 -7.82 16.85 13.63
CA THR B 333 -7.37 18.18 14.05
C THR B 333 -5.90 18.13 14.46
N TYR B 334 -5.31 19.30 14.68
CA TYR B 334 -3.89 19.38 15.00
C TYR B 334 -3.67 20.50 15.99
N VAL B 335 -2.81 20.25 16.99
CA VAL B 335 -2.38 21.26 17.93
C VAL B 335 -0.91 21.55 17.69
N GLU B 336 -0.59 22.83 17.47
CA GLU B 336 0.78 23.31 17.33
C GLU B 336 1.13 24.24 18.48
N ASP B 337 2.40 24.17 18.88
CA ASP B 337 3.02 25.10 19.83
C ASP B 337 3.83 26.06 18.98
N VAL B 338 3.45 27.33 18.93
CA VAL B 338 4.02 28.27 17.98
C VAL B 338 4.80 29.35 18.73
N VAL B 339 6.10 29.44 18.49
CA VAL B 339 6.91 30.50 19.06
C VAL B 339 7.37 31.40 17.91
N ASP B 340 7.46 32.70 18.18
CA ASP B 340 7.83 33.68 17.15
C ASP B 340 9.32 34.02 17.22
N GLY B 341 9.98 33.99 16.07
CA GLY B 341 11.34 34.47 15.96
C GLY B 341 12.47 33.47 16.11
N LEU B 342 13.49 33.63 15.26
CA LEU B 342 14.68 32.80 15.37
C LEU B 342 15.29 32.83 16.76
N ASP B 343 15.23 33.98 17.45
CA ASP B 343 15.89 34.10 18.75
C ASP B 343 15.38 33.06 19.75
N ASN B 344 14.15 32.61 19.56
CA ASN B 344 13.51 31.67 20.46
C ASN B 344 13.63 30.22 20.01
N ALA B 345 14.23 29.97 18.84
CA ALA B 345 14.35 28.59 18.34
C ALA B 345 15.21 27.70 19.22
N PRO B 346 16.37 28.13 19.74
CA PRO B 346 17.14 27.23 20.62
C PRO B 346 16.34 26.73 21.81
N ALA B 347 15.67 27.63 22.54
CA ALA B 347 14.90 27.19 23.70
C ALA B 347 13.73 26.30 23.29
N ALA B 348 13.11 26.57 22.13
CA ALA B 348 12.02 25.71 21.64
C ALA B 348 12.52 24.30 21.33
N LEU B 349 13.72 24.19 20.75
CA LEU B 349 14.26 22.86 20.46
C LEU B 349 14.64 22.14 21.76
N ILE B 350 15.33 22.84 22.65
CA ILE B 350 15.72 22.21 23.91
C ILE B 350 14.50 21.81 24.73
N GLY B 351 13.41 22.58 24.61
CA GLY B 351 12.22 22.29 25.38
C GLY B 351 11.57 20.97 25.01
N LEU B 352 11.84 20.45 23.82
CA LEU B 352 11.29 19.13 23.49
C LEU B 352 11.64 18.09 24.55
N TYR B 353 12.87 18.14 25.09
CA TYR B 353 13.36 17.06 25.94
C TYR B 353 12.92 17.24 27.38
N SER B 354 12.22 18.34 27.67
CA SER B 354 11.53 18.53 28.94
CA SER B 354 11.53 18.55 28.93
C SER B 354 10.01 18.56 28.78
N GLY B 355 9.50 18.29 27.58
CA GLY B 355 8.05 18.32 27.41
C GLY B 355 7.46 19.72 27.41
N ARG B 356 8.28 20.74 27.15
CA ARG B 356 7.77 22.12 27.21
C ARG B 356 6.79 22.42 26.07
N ASN B 357 6.98 21.82 24.89
CA ASN B 357 6.05 22.00 23.78
C ASN B 357 4.70 21.41 24.10
N VAL B 358 3.63 22.10 23.69
CA VAL B 358 2.27 21.56 23.79
C VAL B 358 1.81 21.31 22.37
N GLY B 359 1.90 20.05 21.93
CA GLY B 359 1.71 19.74 20.52
C GLY B 359 2.99 19.98 19.73
N LYS B 360 2.81 20.03 18.39
CA LYS B 360 3.94 20.13 17.45
C LYS B 360 4.68 21.47 17.60
N GLN B 361 6.00 21.41 17.84
CA GLN B 361 6.75 22.63 18.09
C GLN B 361 7.14 23.31 16.78
N VAL B 362 6.66 24.55 16.58
CA VAL B 362 6.90 25.33 15.37
C VAL B 362 7.64 26.60 15.77
N VAL B 363 8.57 27.05 14.92
CA VAL B 363 9.20 28.36 15.09
C VAL B 363 8.83 29.19 13.88
N VAL B 364 8.23 30.36 14.10
CA VAL B 364 7.87 31.27 13.00
C VAL B 364 9.05 32.20 12.76
N VAL B 365 9.71 32.03 11.61
CA VAL B 365 10.79 32.95 11.22
C VAL B 365 10.18 34.20 10.60
N SER B 366 9.21 34.00 9.71
CA SER B 366 8.43 35.07 9.11
C SER B 366 7.12 34.50 8.58
N ARG B 367 5.99 35.08 8.95
CA ARG B 367 4.71 34.64 8.43
C ARG B 367 4.63 34.88 6.93
N GLU B 368 3.79 34.08 6.25
CA GLU B 368 3.62 34.26 4.80
C GLU B 368 2.96 35.60 4.48
N GLN C 28 1.13 0.08 -26.82
CA GLN C 28 0.50 0.57 -28.03
C GLN C 28 -1.02 0.39 -28.00
N VAL C 29 -1.74 1.52 -27.98
CA VAL C 29 -3.19 1.55 -27.76
C VAL C 29 -3.87 2.43 -28.81
N SER C 30 -5.20 2.37 -28.80
CA SER C 30 -6.00 3.09 -29.78
C SER C 30 -6.20 4.54 -29.34
N ASN C 31 -6.23 5.43 -30.32
CA ASN C 31 -6.34 6.88 -30.08
C ASN C 31 -7.41 7.43 -31.01
N LYS C 32 -8.62 7.63 -30.47
CA LYS C 32 -9.67 8.33 -31.20
C LYS C 32 -9.29 9.80 -31.36
N GLN C 33 -9.61 10.37 -32.53
CA GLN C 33 -9.20 11.74 -32.89
C GLN C 33 -10.31 12.43 -33.66
N VAL C 34 -10.40 13.75 -33.49
CA VAL C 34 -11.28 14.57 -34.30
C VAL C 34 -10.41 15.32 -35.31
N ILE C 35 -10.54 14.97 -36.56
CA ILE C 35 -9.70 15.53 -37.60
C ILE C 35 -10.40 16.69 -38.27
N PHE C 36 -9.65 17.77 -38.54
CA PHE C 36 -10.14 18.88 -39.33
C PHE C 36 -10.07 18.51 -40.80
N ARG C 37 -11.20 18.62 -41.51
CA ARG C 37 -11.28 18.15 -42.89
C ARG C 37 -10.72 19.17 -43.88
N ASP C 38 -11.34 20.35 -43.95
CA ASP C 38 -10.90 21.40 -44.87
C ASP C 38 -11.44 22.73 -44.39
N TYR C 39 -10.90 23.80 -44.99
CA TYR C 39 -11.26 25.14 -44.54
C TYR C 39 -12.75 25.41 -44.79
N VAL C 40 -13.33 26.23 -43.91
CA VAL C 40 -14.78 26.37 -43.79
C VAL C 40 -15.21 27.70 -44.38
N THR C 41 -16.36 27.70 -45.07
CA THR C 41 -17.03 28.94 -45.44
C THR C 41 -18.41 29.00 -44.78
N GLY C 42 -18.77 30.17 -44.25
CA GLY C 42 -20.02 30.30 -43.52
C GLY C 42 -19.95 29.57 -42.18
N PHE C 43 -21.08 29.01 -41.76
CA PHE C 43 -21.10 28.28 -40.49
C PHE C 43 -20.40 26.93 -40.60
N PRO C 44 -19.71 26.50 -39.55
CA PRO C 44 -19.14 25.15 -39.56
C PRO C 44 -20.24 24.11 -39.51
N LYS C 45 -19.94 22.94 -40.09
CA LYS C 45 -20.84 21.80 -40.14
C LYS C 45 -20.14 20.59 -39.53
N GLU C 46 -20.94 19.57 -39.20
CA GLU C 46 -20.32 18.37 -38.65
C GLU C 46 -19.39 17.70 -39.65
N SER C 47 -19.72 17.78 -40.95
CA SER C 47 -18.88 17.20 -42.00
C SER C 47 -17.58 17.94 -42.19
N ASP C 48 -17.37 19.08 -41.52
CA ASP C 48 -16.07 19.72 -41.60
C ASP C 48 -15.05 19.06 -40.70
N MET C 49 -15.49 18.16 -39.83
CA MET C 49 -14.60 17.37 -39.00
C MET C 49 -14.89 15.89 -39.26
N GLU C 50 -13.94 15.03 -38.92
CA GLU C 50 -14.21 13.61 -39.09
C GLU C 50 -13.54 12.84 -37.96
N LEU C 51 -14.24 11.81 -37.49
CA LEU C 51 -13.69 11.00 -36.42
C LEU C 51 -12.80 9.89 -37.01
N THR C 52 -11.84 9.45 -36.21
CA THR C 52 -10.78 8.57 -36.68
C THR C 52 -10.17 7.93 -35.45
N THR C 53 -9.67 6.71 -35.61
CA THR C 53 -8.85 6.10 -34.58
C THR C 53 -7.52 5.69 -35.18
N ARG C 54 -6.46 5.88 -34.41
CA ARG C 54 -5.12 5.50 -34.78
C ARG C 54 -4.54 4.71 -33.62
N SER C 55 -3.52 3.89 -33.92
CA SER C 55 -2.80 3.19 -32.88
C SER C 55 -1.60 4.04 -32.48
N ILE C 56 -1.44 4.25 -31.17
CA ILE C 56 -0.43 5.13 -30.59
C ILE C 56 0.41 4.29 -29.64
N THR C 57 1.70 4.65 -29.51
CA THR C 57 2.54 4.12 -28.46
C THR C 57 2.72 5.17 -27.38
N LEU C 58 2.48 4.79 -26.13
CA LEU C 58 2.53 5.74 -25.02
C LEU C 58 3.97 5.95 -24.53
N LYS C 59 4.79 6.47 -25.44
CA LYS C 59 6.12 6.94 -25.05
C LYS C 59 6.66 7.99 -26.03
N LEU C 67 5.56 16.80 -23.90
CA LEU C 67 4.86 15.96 -22.95
C LEU C 67 3.95 14.97 -23.66
N LEU C 68 3.65 13.88 -22.96
CA LEU C 68 2.66 12.90 -23.38
C LEU C 68 1.48 13.00 -22.43
N LEU C 69 0.32 13.39 -22.96
CA LEU C 69 -0.85 13.68 -22.14
C LEU C 69 -1.97 12.69 -22.40
N LYS C 70 -2.68 12.33 -21.33
CA LYS C 70 -4.01 11.74 -21.46
C LYS C 70 -4.99 12.88 -21.31
N ASN C 71 -5.74 13.16 -22.38
CA ASN C 71 -6.65 14.31 -22.34
C ASN C 71 -7.92 13.93 -21.61
N LEU C 72 -8.32 14.77 -20.65
CA LEU C 72 -9.49 14.47 -19.84
C LEU C 72 -10.69 15.29 -20.29
N TYR C 73 -10.55 16.61 -20.37
CA TYR C 73 -11.63 17.50 -20.76
C TYR C 73 -11.17 18.39 -21.91
N LEU C 74 -12.08 18.68 -22.85
CA LEU C 74 -11.83 19.67 -23.89
C LEU C 74 -12.83 20.82 -23.80
N SER C 75 -12.35 22.03 -24.03
CA SER C 75 -13.21 23.20 -24.08
C SER C 75 -13.76 23.36 -25.48
N CYS C 76 -15.04 23.76 -25.61
CA CYS C 76 -15.50 24.31 -26.89
C CYS C 76 -15.54 25.83 -26.74
N ASP C 77 -14.78 26.53 -27.59
CA ASP C 77 -14.65 27.99 -27.53
C ASP C 77 -14.99 28.64 -28.86
N PRO C 78 -15.70 29.77 -28.82
CA PRO C 78 -16.07 30.46 -30.07
C PRO C 78 -14.91 30.80 -31.00
N TYR C 79 -13.73 31.15 -30.47
CA TYR C 79 -12.65 31.59 -31.35
C TYR C 79 -12.23 30.49 -32.31
N MET C 80 -12.56 29.22 -32.02
CA MET C 80 -12.05 28.12 -32.84
CA MET C 80 -12.05 28.13 -32.85
C MET C 80 -12.50 28.25 -34.30
N ARG C 81 -13.67 28.85 -34.54
CA ARG C 81 -14.14 29.08 -35.92
C ARG C 81 -13.10 29.85 -36.73
N ALA C 82 -12.42 30.81 -36.10
CA ALA C 82 -11.44 31.60 -36.85
C ALA C 82 -10.32 30.70 -37.38
N ARG C 83 -10.01 29.63 -36.67
CA ARG C 83 -8.92 28.75 -37.09
C ARG C 83 -9.35 27.81 -38.20
N MET C 84 -10.63 27.85 -38.60
CA MET C 84 -11.10 27.00 -39.69
C MET C 84 -11.08 27.72 -41.03
N THR C 85 -10.67 28.98 -41.03
CA THR C 85 -10.47 29.79 -42.22
C THR C 85 -8.97 29.83 -42.54
N ASN C 86 -8.63 29.70 -43.81
CA ASN C 86 -7.23 29.79 -44.20
C ASN C 86 -6.77 31.26 -44.18
N LEU C 90 -5.39 39.49 -40.29
CA LEU C 90 -6.16 39.67 -39.05
C LEU C 90 -6.39 38.36 -38.28
N SER C 91 -5.74 37.30 -38.73
CA SER C 91 -5.62 36.12 -37.88
C SER C 91 -4.61 36.44 -36.79
N TYR C 92 -4.87 35.94 -35.59
CA TYR C 92 -3.98 36.12 -34.45
C TYR C 92 -3.26 34.84 -34.10
N VAL C 93 -3.48 33.77 -34.88
CA VAL C 93 -2.91 32.47 -34.59
C VAL C 93 -3.03 31.65 -35.88
N ASP C 94 -2.13 30.70 -36.05
CA ASP C 94 -2.15 29.87 -37.25
C ASP C 94 -3.44 29.08 -37.36
N SER C 95 -3.91 28.88 -38.59
CA SER C 95 -5.11 28.10 -38.87
C SER C 95 -4.93 26.63 -38.47
N PHE C 96 -6.04 25.89 -38.44
CA PHE C 96 -5.98 24.44 -38.33
C PHE C 96 -5.45 23.86 -39.64
N LYS C 97 -4.81 22.69 -39.56
CA LYS C 97 -4.28 22.01 -40.74
C LYS C 97 -5.20 20.88 -41.16
N PRO C 98 -5.70 20.87 -42.40
CA PRO C 98 -6.49 19.72 -42.87
C PRO C 98 -5.73 18.41 -42.72
N GLY C 99 -6.42 17.38 -42.21
CA GLY C 99 -5.84 16.09 -41.98
C GLY C 99 -5.25 15.92 -40.58
N SER C 100 -5.10 17.03 -39.84
CA SER C 100 -4.57 16.99 -38.50
C SER C 100 -5.69 17.25 -37.48
N PRO C 101 -5.55 16.73 -36.27
CA PRO C 101 -6.63 16.90 -35.29
C PRO C 101 -6.90 18.37 -34.98
N ILE C 102 -8.14 18.64 -34.60
CA ILE C 102 -8.49 19.93 -34.01
C ILE C 102 -7.61 20.10 -32.77
N ILE C 103 -7.22 21.36 -32.49
CA ILE C 103 -6.47 21.70 -31.28
C ILE C 103 -7.27 22.75 -30.52
N GLY C 104 -7.18 22.74 -29.21
CA GLY C 104 -7.79 23.81 -28.41
C GLY C 104 -7.50 23.59 -26.94
N TYR C 105 -8.09 24.45 -26.11
CA TYR C 105 -7.86 24.32 -24.68
C TYR C 105 -8.44 23.02 -24.11
N GLY C 106 -7.71 22.43 -23.17
CA GLY C 106 -8.15 21.22 -22.51
C GLY C 106 -7.51 21.06 -21.15
N VAL C 107 -7.91 19.99 -20.46
CA VAL C 107 -7.32 19.57 -19.19
C VAL C 107 -6.80 18.15 -19.40
N ALA C 108 -5.54 17.91 -19.03
CA ALA C 108 -4.94 16.60 -19.25
C ALA C 108 -4.14 16.14 -18.05
N ARG C 109 -3.89 14.83 -18.00
CA ARG C 109 -2.95 14.24 -17.06
C ARG C 109 -1.66 13.93 -17.81
N VAL C 110 -0.53 14.38 -17.26
CA VAL C 110 0.77 14.06 -17.82
C VAL C 110 1.09 12.58 -17.56
N LEU C 111 1.43 11.86 -18.62
CA LEU C 111 1.88 10.47 -18.52
C LEU C 111 3.40 10.37 -18.48
N GLU C 112 4.07 11.11 -19.38
CA GLU C 112 5.51 11.09 -19.49
C GLU C 112 5.97 12.49 -19.82
N SER C 113 7.13 12.87 -19.30
CA SER C 113 7.63 14.22 -19.46
C SER C 113 9.00 14.22 -20.10
N GLY C 114 9.29 15.30 -20.82
CA GLY C 114 10.60 15.55 -21.34
C GLY C 114 11.06 16.88 -20.80
N ASN C 115 10.25 17.48 -19.94
CA ASN C 115 10.59 18.80 -19.48
C ASN C 115 10.60 18.85 -17.96
N PRO C 116 11.70 19.29 -17.36
CA PRO C 116 11.85 19.22 -15.91
C PRO C 116 10.68 19.83 -15.16
N LYS C 117 10.01 20.83 -15.74
CA LYS C 117 8.91 21.50 -15.05
C LYS C 117 7.79 20.52 -14.68
N PHE C 118 7.36 19.69 -15.62
CA PHE C 118 6.24 18.80 -15.37
C PHE C 118 6.73 17.39 -15.08
N ASN C 119 6.07 16.72 -14.13
CA ASN C 119 6.28 15.35 -13.73
C ASN C 119 5.10 14.49 -14.15
N PRO C 120 5.31 13.19 -14.33
CA PRO C 120 4.18 12.31 -14.61
C PRO C 120 3.18 12.32 -13.46
N GLY C 121 1.89 12.26 -13.81
CA GLY C 121 0.82 12.39 -12.86
C GLY C 121 0.33 13.81 -12.63
N ASP C 122 1.07 14.81 -13.11
CA ASP C 122 0.63 16.19 -13.04
C ASP C 122 -0.69 16.37 -13.80
N LEU C 123 -1.53 17.29 -13.31
CA LEU C 123 -2.70 17.77 -14.04
C LEU C 123 -2.37 19.14 -14.63
N VAL C 124 -2.66 19.33 -15.92
CA VAL C 124 -2.33 20.57 -16.59
C VAL C 124 -3.52 21.01 -17.44
N TRP C 125 -3.56 22.33 -17.70
CA TRP C 125 -4.47 22.85 -18.71
C TRP C 125 -3.74 23.78 -19.66
N GLY C 126 -4.20 23.79 -20.91
CA GLY C 126 -3.57 24.53 -21.97
C GLY C 126 -3.96 23.90 -23.29
N PHE C 127 -3.22 24.23 -24.35
CA PHE C 127 -3.56 23.70 -25.66
C PHE C 127 -3.19 22.23 -25.73
N THR C 128 -4.11 21.43 -26.26
CA THR C 128 -3.87 20.01 -26.51
C THR C 128 -4.69 19.63 -27.73
N GLY C 129 -4.55 18.37 -28.17
CA GLY C 129 -5.26 17.92 -29.33
C GLY C 129 -6.62 17.33 -28.98
N TRP C 130 -7.52 17.38 -29.96
CA TRP C 130 -8.84 16.74 -29.88
C TRP C 130 -8.66 15.23 -30.14
N GLU C 131 -8.17 14.54 -29.11
CA GLU C 131 -7.85 13.11 -29.17
C GLU C 131 -7.69 12.59 -27.75
N GLU C 132 -7.62 11.26 -27.61
CA GLU C 132 -7.47 10.72 -26.27
C GLU C 132 -6.07 10.96 -25.73
N TYR C 133 -5.06 10.94 -26.59
CA TYR C 133 -3.68 11.07 -26.20
C TYR C 133 -2.99 12.00 -27.16
N SER C 134 -2.16 12.89 -26.62
CA SER C 134 -1.49 13.91 -27.43
C SER C 134 -0.03 14.05 -27.00
N VAL C 135 0.83 14.45 -27.94
CA VAL C 135 2.22 14.81 -27.67
C VAL C 135 2.38 16.30 -27.91
N ILE C 136 2.74 17.04 -26.86
CA ILE C 136 2.72 18.50 -26.84
C ILE C 136 4.13 19.03 -26.63
N THR C 137 4.39 20.25 -27.12
CA THR C 137 5.63 20.97 -26.87
C THR C 137 5.41 22.22 -26.01
N LEU C 142 1.40 25.58 -21.15
CA LEU C 142 0.60 24.77 -20.23
C LEU C 142 0.68 25.30 -18.80
N PHE C 143 -0.45 25.22 -18.07
CA PHE C 143 -0.50 25.59 -16.66
C PHE C 143 -0.64 24.34 -15.80
N LYS C 144 0.13 24.27 -14.72
CA LYS C 144 0.05 23.13 -13.82
C LYS C 144 -1.04 23.36 -12.77
N ILE C 145 -1.98 22.42 -12.67
CA ILE C 145 -3.10 22.54 -11.74
C ILE C 145 -2.66 22.11 -10.34
N HIS C 146 -2.77 23.02 -9.38
CA HIS C 146 -2.50 22.72 -7.97
C HIS C 146 -3.78 22.38 -7.23
N ASN C 147 -4.74 23.30 -7.24
CA ASN C 147 -5.98 23.14 -6.48
C ASN C 147 -6.88 22.15 -7.19
N THR C 148 -6.92 20.92 -6.67
CA THR C 148 -7.79 19.88 -7.20
C THR C 148 -9.06 19.72 -6.36
N ASP C 149 -9.39 20.74 -5.57
CA ASP C 149 -10.58 20.84 -4.73
C ASP C 149 -11.83 21.21 -5.51
N VAL C 150 -11.69 21.75 -6.72
CA VAL C 150 -12.81 22.16 -7.56
C VAL C 150 -13.03 21.09 -8.63
N PRO C 151 -14.20 21.01 -9.27
CA PRO C 151 -14.34 20.15 -10.44
C PRO C 151 -13.25 20.47 -11.45
N LEU C 152 -12.57 19.44 -11.93
CA LEU C 152 -11.46 19.63 -12.87
C LEU C 152 -11.92 20.29 -14.16
N SER C 153 -13.18 20.08 -14.55
CA SER C 153 -13.70 20.73 -15.75
C SER C 153 -13.62 22.24 -15.65
N TYR C 154 -13.49 22.76 -14.43
CA TYR C 154 -13.41 24.21 -14.26
C TYR C 154 -12.23 24.80 -14.99
N TYR C 155 -11.15 24.01 -15.19
CA TYR C 155 -9.96 24.54 -15.82
C TYR C 155 -10.08 24.64 -17.34
N THR C 156 -11.25 24.29 -17.90
CA THR C 156 -11.60 24.67 -19.27
C THR C 156 -12.36 25.99 -19.33
N GLY C 157 -12.87 26.47 -18.20
CA GLY C 157 -13.78 27.60 -18.20
C GLY C 157 -13.53 28.59 -17.07
N LEU C 158 -14.28 28.41 -15.96
CA LEU C 158 -14.19 29.30 -14.80
C LEU C 158 -12.75 29.59 -14.38
N LEU C 159 -11.92 28.56 -14.31
CA LEU C 159 -10.53 28.69 -13.87
C LEU C 159 -9.53 28.59 -15.02
N GLY C 160 -9.98 28.65 -16.27
CA GLY C 160 -9.07 28.59 -17.40
C GLY C 160 -9.19 29.84 -18.26
N MET C 161 -9.06 29.69 -19.57
CA MET C 161 -8.99 30.88 -20.43
C MET C 161 -10.26 31.73 -20.36
N PRO C 162 -11.47 31.18 -20.39
CA PRO C 162 -12.65 32.06 -20.36
C PRO C 162 -12.74 32.86 -19.08
N GLY C 163 -12.42 32.25 -17.93
CA GLY C 163 -12.47 33.00 -16.68
C GLY C 163 -11.43 34.11 -16.63
N MET C 164 -10.21 33.79 -17.09
CA MET C 164 -9.17 34.82 -17.23
C MET C 164 -9.64 35.96 -18.14
N THR C 165 -10.37 35.62 -19.21
CA THR C 165 -10.90 36.62 -20.14
C THR C 165 -11.87 37.55 -19.44
N ALA C 166 -12.81 36.98 -18.69
CA ALA C 166 -13.75 37.77 -17.90
C ALA C 166 -13.00 38.67 -16.92
N TYR C 167 -12.02 38.14 -16.22
CA TYR C 167 -11.31 38.91 -15.21
C TYR C 167 -10.53 40.07 -15.84
N ALA C 168 -9.76 39.78 -16.89
CA ALA C 168 -8.99 40.84 -17.53
C ALA C 168 -9.91 41.87 -18.18
N GLY C 169 -10.89 41.40 -18.95
CA GLY C 169 -11.77 42.32 -19.64
C GLY C 169 -12.51 43.23 -18.67
N PHE C 170 -13.02 42.66 -17.58
CA PHE C 170 -13.79 43.48 -16.67
C PHE C 170 -12.89 44.35 -15.78
N TYR C 171 -11.91 43.75 -15.11
CA TYR C 171 -11.15 44.55 -14.15
C TYR C 171 -10.06 45.39 -14.80
N GLU C 172 -9.47 44.94 -15.89
CA GLU C 172 -8.37 45.68 -16.48
C GLU C 172 -8.82 46.62 -17.59
N ILE C 173 -9.91 46.32 -18.29
CA ILE C 173 -10.32 47.23 -19.37
C ILE C 173 -11.45 48.17 -18.95
N CYS C 174 -12.35 47.74 -18.04
CA CYS C 174 -13.58 48.50 -17.78
C CYS C 174 -13.50 49.50 -16.62
N SER C 175 -12.44 49.46 -15.77
CA SER C 175 -12.34 50.43 -14.67
C SER C 175 -13.65 50.53 -13.88
N PRO C 176 -14.21 49.42 -13.43
CA PRO C 176 -15.55 49.48 -12.84
C PRO C 176 -15.52 50.05 -11.43
N LYS C 177 -16.61 50.71 -11.09
CA LYS C 177 -16.79 51.36 -9.80
C LYS C 177 -18.18 51.05 -9.27
N LYS C 178 -18.29 50.99 -7.94
CA LYS C 178 -19.58 50.77 -7.30
C LYS C 178 -20.62 51.73 -7.83
N GLY C 179 -21.82 51.22 -8.10
CA GLY C 179 -22.91 52.06 -8.57
C GLY C 179 -22.99 52.24 -10.08
N GLU C 180 -21.93 51.92 -10.81
CA GLU C 180 -21.99 52.01 -12.27
C GLU C 180 -22.94 50.94 -12.82
N THR C 181 -23.54 51.25 -13.97
CA THR C 181 -24.42 50.30 -14.66
C THR C 181 -23.62 49.53 -15.71
N VAL C 182 -23.89 48.23 -15.78
CA VAL C 182 -23.12 47.31 -16.61
C VAL C 182 -24.10 46.47 -17.43
N TYR C 183 -23.87 46.39 -18.75
CA TYR C 183 -24.63 45.53 -19.64
C TYR C 183 -23.68 44.47 -20.17
N VAL C 184 -24.09 43.21 -20.09
CA VAL C 184 -23.29 42.06 -20.55
C VAL C 184 -24.07 41.34 -21.65
N SER C 185 -23.48 41.21 -22.85
CA SER C 185 -24.13 40.37 -23.86
C SER C 185 -23.56 38.95 -23.77
N ALA C 186 -24.28 38.00 -24.37
CA ALA C 186 -24.01 36.56 -24.21
C ALA C 186 -23.80 36.23 -22.74
N ALA C 187 -24.69 36.76 -21.90
CA ALA C 187 -24.40 36.89 -20.48
C ALA C 187 -24.42 35.58 -19.75
N SER C 188 -25.10 34.56 -20.29
CA SER C 188 -25.10 33.26 -19.61
C SER C 188 -23.96 32.36 -20.05
N GLY C 189 -23.05 32.88 -20.88
CA GLY C 189 -21.95 32.09 -21.42
C GLY C 189 -20.77 31.97 -20.49
N ALA C 190 -19.72 31.32 -21.00
CA ALA C 190 -18.54 31.02 -20.20
C ALA C 190 -17.92 32.29 -19.64
N VAL C 191 -17.79 33.31 -20.49
CA VAL C 191 -17.18 34.58 -20.08
C VAL C 191 -18.23 35.46 -19.41
N GLY C 192 -19.38 35.62 -20.07
CA GLY C 192 -20.39 36.55 -19.57
C GLY C 192 -20.91 36.23 -18.17
N GLN C 193 -21.07 34.95 -17.84
CA GLN C 193 -21.64 34.66 -16.52
C GLN C 193 -20.67 35.06 -15.42
N LEU C 194 -19.37 35.02 -15.69
CA LEU C 194 -18.39 35.48 -14.69
C LEU C 194 -18.32 37.01 -14.66
N VAL C 195 -18.33 37.67 -15.82
CA VAL C 195 -18.33 39.16 -15.82
C VAL C 195 -19.47 39.70 -14.96
N GLY C 196 -20.69 39.20 -15.18
CA GLY C 196 -21.84 39.67 -14.43
C GLY C 196 -21.70 39.48 -12.93
N GLN C 197 -21.16 38.33 -12.49
CA GLN C 197 -20.99 38.12 -11.06
C GLN C 197 -19.91 39.03 -10.47
N PHE C 198 -18.79 39.21 -11.19
CA PHE C 198 -17.78 40.18 -10.77
C PHE C 198 -18.41 41.56 -10.63
N ALA C 199 -19.25 41.95 -11.59
CA ALA C 199 -19.83 43.28 -11.53
C ALA C 199 -20.79 43.41 -10.33
N LYS C 200 -21.57 42.35 -10.06
CA LYS C 200 -22.39 42.37 -8.86
C LYS C 200 -21.55 42.51 -7.60
N LEU C 201 -20.48 41.73 -7.51
CA LEU C 201 -19.62 41.78 -6.33
C LEU C 201 -18.99 43.16 -6.14
N THR C 202 -18.69 43.86 -7.23
CA THR C 202 -18.15 45.22 -7.19
C THR C 202 -19.20 46.25 -6.77
N GLY C 203 -20.49 45.89 -6.77
CA GLY C 203 -21.52 46.82 -6.42
C GLY C 203 -22.13 47.53 -7.60
N CYS C 204 -21.98 46.98 -8.80
CA CYS C 204 -22.58 47.54 -10.00
C CYS C 204 -24.01 47.06 -10.14
N TYR C 205 -24.77 47.81 -10.94
CA TYR C 205 -26.09 47.43 -11.38
C TYR C 205 -25.92 46.72 -12.71
N VAL C 206 -26.35 45.45 -12.79
CA VAL C 206 -25.96 44.58 -13.91
C VAL C 206 -27.18 44.00 -14.62
N VAL C 207 -27.22 44.14 -15.96
CA VAL C 207 -28.24 43.56 -16.81
C VAL C 207 -27.54 42.68 -17.83
N GLY C 208 -28.10 41.49 -18.10
CA GLY C 208 -27.56 40.61 -19.12
C GLY C 208 -28.66 40.24 -20.11
N SER C 209 -28.24 39.88 -21.32
CA SER C 209 -29.17 39.28 -22.27
C SER C 209 -28.65 37.91 -22.70
N ALA C 210 -29.58 37.01 -22.98
CA ALA C 210 -29.22 35.68 -23.47
C ALA C 210 -30.35 35.24 -24.39
N GLY C 211 -30.18 34.07 -25.02
CA GLY C 211 -31.03 33.72 -26.14
C GLY C 211 -32.22 32.84 -25.85
N SER C 212 -32.56 32.61 -24.57
CA SER C 212 -33.69 31.74 -24.21
C SER C 212 -34.18 32.04 -22.81
N LYS C 213 -35.44 31.67 -22.53
CA LYS C 213 -35.96 31.87 -21.17
C LYS C 213 -35.14 31.11 -20.15
N GLU C 214 -34.70 29.90 -20.49
CA GLU C 214 -33.88 29.10 -19.58
C GLU C 214 -32.63 29.87 -19.14
N LYS C 215 -31.95 30.48 -20.11
CA LYS C 215 -30.73 31.23 -19.80
C LYS C 215 -31.06 32.52 -19.04
N VAL C 216 -32.13 33.21 -19.44
CA VAL C 216 -32.55 34.42 -18.72
C VAL C 216 -32.87 34.09 -17.27
N ASP C 217 -33.59 32.99 -17.04
CA ASP C 217 -33.86 32.58 -15.65
C ASP C 217 -32.58 32.25 -14.90
N LEU C 218 -31.58 31.65 -15.57
CA LEU C 218 -30.30 31.42 -14.90
C LEU C 218 -29.68 32.75 -14.49
N LEU C 219 -29.67 33.72 -15.40
CA LEU C 219 -29.11 35.04 -15.09
C LEU C 219 -29.75 35.64 -13.84
N LYS C 220 -31.09 35.62 -13.78
CA LYS C 220 -31.82 36.28 -12.69
C LYS C 220 -31.77 35.47 -11.39
N ASN C 221 -31.99 34.17 -11.49
CA ASN C 221 -32.24 33.34 -10.33
C ASN C 221 -31.01 32.60 -9.83
N LYS C 222 -30.00 32.42 -10.66
CA LYS C 222 -28.79 31.77 -10.18
C LYS C 222 -27.59 32.71 -10.09
N PHE C 223 -27.39 33.55 -11.10
CA PHE C 223 -26.20 34.39 -11.11
C PHE C 223 -26.42 35.73 -10.44
N GLY C 224 -27.67 36.02 -10.03
CA GLY C 224 -27.97 37.26 -9.33
C GLY C 224 -27.85 38.53 -10.14
N PHE C 225 -28.02 38.47 -11.46
CA PHE C 225 -28.12 39.69 -12.26
C PHE C 225 -29.31 40.52 -11.79
N ASP C 226 -29.18 41.84 -11.86
CA ASP C 226 -30.29 42.70 -11.42
C ASP C 226 -31.47 42.57 -12.36
N GLU C 227 -31.20 42.45 -13.65
CA GLU C 227 -32.24 42.19 -14.63
C GLU C 227 -31.63 41.42 -15.78
N ALA C 228 -32.51 40.79 -16.56
CA ALA C 228 -32.06 40.07 -17.74
C ALA C 228 -33.21 40.00 -18.74
N PHE C 229 -32.86 39.80 -20.01
CA PHE C 229 -33.89 39.66 -21.02
C PHE C 229 -33.43 38.76 -22.14
N ASN C 230 -34.42 38.20 -22.83
CA ASN C 230 -34.20 37.36 -24.00
C ASN C 230 -34.08 38.27 -25.22
N TYR C 231 -32.86 38.43 -25.73
CA TYR C 231 -32.70 39.39 -26.83
C TYR C 231 -33.37 38.91 -28.11
N LYS C 232 -33.59 37.60 -28.26
CA LYS C 232 -34.29 37.11 -29.44
C LYS C 232 -35.76 37.52 -29.44
N GLU C 233 -36.35 37.85 -28.29
CA GLU C 233 -37.73 38.31 -28.24
C GLU C 233 -37.89 39.82 -28.38
N GLU C 234 -36.81 40.58 -28.52
CA GLU C 234 -36.93 42.04 -28.58
C GLU C 234 -36.79 42.50 -30.02
N ALA C 235 -37.84 43.16 -30.54
CA ALA C 235 -37.78 43.71 -31.88
C ALA C 235 -36.99 45.01 -31.93
N ASP C 236 -36.77 45.66 -30.80
CA ASP C 236 -36.04 46.94 -30.74
C ASP C 236 -35.08 46.85 -29.57
N LEU C 237 -33.85 46.39 -29.86
CA LEU C 237 -32.84 46.27 -28.81
C LEU C 237 -32.48 47.62 -28.21
N ASP C 238 -32.43 48.67 -29.04
CA ASP C 238 -32.19 50.01 -28.52
C ASP C 238 -33.24 50.39 -27.48
N ALA C 239 -34.51 50.26 -27.84
CA ALA C 239 -35.56 50.63 -26.90
C ALA C 239 -35.53 49.74 -25.65
N ALA C 240 -35.24 48.44 -25.82
CA ALA C 240 -35.10 47.58 -24.65
C ALA C 240 -34.01 48.11 -23.72
N LEU C 241 -32.86 48.49 -24.25
CA LEU C 241 -31.82 48.96 -23.34
C LEU C 241 -32.19 50.26 -22.68
N ARG C 242 -32.98 51.11 -23.36
CA ARG C 242 -33.45 52.35 -22.71
C ARG C 242 -34.35 52.04 -21.52
N ARG C 243 -35.10 50.96 -21.59
CA ARG C 243 -35.94 50.53 -20.48
C ARG C 243 -35.13 49.95 -19.35
N TYR C 244 -34.16 49.07 -19.65
CA TYR C 244 -33.37 48.45 -18.59
C TYR C 244 -32.34 49.40 -18.02
N PHE C 245 -31.97 50.43 -18.79
CA PHE C 245 -30.98 51.42 -18.39
C PHE C 245 -31.56 52.82 -18.63
N PRO C 246 -32.57 53.19 -17.84
CA PRO C 246 -33.19 54.51 -18.05
C PRO C 246 -32.20 55.65 -17.99
N ASP C 247 -31.11 55.51 -17.24
CA ASP C 247 -30.09 56.55 -17.17
C ASP C 247 -28.83 56.21 -17.97
N GLY C 248 -28.86 55.19 -18.79
CA GLY C 248 -27.69 54.87 -19.60
C GLY C 248 -26.81 53.79 -18.99
N ILE C 249 -25.84 53.38 -19.81
CA ILE C 249 -24.93 52.25 -19.57
C ILE C 249 -23.53 52.83 -19.35
N ASP C 250 -22.96 52.59 -18.18
CA ASP C 250 -21.56 52.98 -17.95
C ASP C 250 -20.58 52.04 -18.64
N ILE C 251 -20.84 50.73 -18.61
CA ILE C 251 -19.94 49.70 -19.12
C ILE C 251 -20.71 48.72 -19.98
N TYR C 252 -20.25 48.49 -21.22
CA TYR C 252 -20.78 47.39 -22.02
C TYR C 252 -19.68 46.35 -22.17
N PHE C 253 -19.93 45.12 -21.72
CA PHE C 253 -19.01 44.00 -21.97
C PHE C 253 -19.46 43.32 -23.25
N GLU C 254 -18.72 43.56 -24.34
CA GLU C 254 -19.16 43.23 -25.69
C GLU C 254 -18.68 41.83 -26.04
N ASN C 255 -19.63 40.91 -26.24
CA ASN C 255 -19.36 39.54 -26.68
C ASN C 255 -19.97 39.21 -28.04
N VAL C 256 -20.74 40.12 -28.64
CA VAL C 256 -21.68 39.75 -29.71
C VAL C 256 -21.46 40.55 -30.98
N GLY C 257 -21.34 41.87 -30.86
CA GLY C 257 -21.16 42.71 -32.07
C GLY C 257 -22.46 42.95 -32.85
N GLY C 258 -22.31 43.46 -34.07
CA GLY C 258 -23.43 43.64 -34.98
C GLY C 258 -24.53 44.52 -34.43
N LYS C 259 -25.79 44.12 -34.68
CA LYS C 259 -26.93 44.94 -34.24
C LYS C 259 -26.92 45.20 -32.73
N MET C 260 -26.43 44.26 -31.94
CA MET C 260 -26.39 44.46 -30.50
C MET C 260 -25.51 45.65 -30.13
N LEU C 261 -24.34 45.75 -30.76
CA LEU C 261 -23.46 46.88 -30.51
C LEU C 261 -24.10 48.18 -30.93
N ASP C 262 -24.81 48.17 -32.06
CA ASP C 262 -25.47 49.39 -32.50
C ASP C 262 -26.59 49.80 -31.55
N ALA C 263 -27.18 48.84 -30.85
CA ALA C 263 -28.22 49.18 -29.88
C ALA C 263 -27.61 49.80 -28.63
N VAL C 264 -26.42 49.35 -28.26
CA VAL C 264 -25.76 49.82 -27.04
C VAL C 264 -25.25 51.24 -27.20
N LEU C 265 -24.65 51.54 -28.36
CA LEU C 265 -23.86 52.75 -28.56
C LEU C 265 -24.62 54.00 -28.16
N PRO C 266 -25.84 54.24 -28.63
CA PRO C 266 -26.56 55.47 -28.24
C PRO C 266 -27.01 55.47 -26.80
N ASN C 267 -26.94 54.32 -26.14
CA ASN C 267 -27.34 54.19 -24.75
C ASN C 267 -26.18 54.33 -23.76
N MET C 268 -24.95 54.57 -24.23
CA MET C 268 -23.83 54.74 -23.30
C MET C 268 -23.92 56.06 -22.53
N ARG C 269 -23.43 56.01 -21.31
CA ARG C 269 -23.30 57.21 -20.48
C ARG C 269 -22.00 57.94 -20.80
N PRO C 270 -21.92 59.24 -20.50
CA PRO C 270 -20.66 59.96 -20.67
C PRO C 270 -19.52 59.28 -19.97
N LYS C 271 -18.36 59.23 -20.65
CA LYS C 271 -17.17 58.56 -20.14
C LYS C 271 -17.40 57.07 -19.97
N GLY C 272 -18.42 56.53 -20.66
CA GLY C 272 -18.66 55.10 -20.63
C GLY C 272 -17.53 54.33 -21.30
N ARG C 273 -17.55 53.04 -21.09
CA ARG C 273 -16.50 52.14 -21.57
C ARG C 273 -17.11 50.89 -22.19
N ILE C 274 -16.57 50.48 -23.35
CA ILE C 274 -16.96 49.23 -23.99
C ILE C 274 -15.71 48.37 -24.06
N ALA C 275 -15.75 47.21 -23.42
CA ALA C 275 -14.65 46.26 -23.51
C ALA C 275 -15.00 45.35 -24.68
N VAL C 276 -14.22 45.43 -25.75
CA VAL C 276 -14.53 44.65 -26.97
C VAL C 276 -13.85 43.30 -26.79
N CYS C 277 -14.60 42.34 -26.28
CA CYS C 277 -14.10 40.99 -26.01
C CYS C 277 -14.28 40.09 -27.22
N GLY C 278 -15.50 40.05 -27.76
CA GLY C 278 -15.80 39.18 -28.88
C GLY C 278 -16.92 39.80 -29.69
N MET C 279 -17.12 39.26 -30.89
CA MET C 279 -18.23 39.66 -31.73
C MET C 279 -18.78 38.43 -32.45
N ILE C 280 -19.31 37.50 -31.65
CA ILE C 280 -19.63 36.16 -32.19
C ILE C 280 -20.69 36.21 -33.29
N SER C 281 -21.54 37.25 -33.30
CA SER C 281 -22.52 37.38 -34.39
C SER C 281 -21.87 37.55 -35.76
N GLN C 282 -20.56 37.82 -35.83
CA GLN C 282 -19.84 38.08 -37.07
C GLN C 282 -18.99 36.91 -37.53
N TYR C 283 -18.77 35.92 -36.66
CA TYR C 283 -17.67 34.99 -36.88
C TYR C 283 -17.90 34.07 -38.07
N ASN C 284 -19.15 33.89 -38.48
CA ASN C 284 -19.50 32.97 -39.57
C ASN C 284 -20.00 33.70 -40.80
N LEU C 285 -19.80 35.02 -40.89
CA LEU C 285 -20.21 35.78 -42.05
C LEU C 285 -19.06 35.92 -43.02
N GLU C 286 -19.35 35.70 -44.32
CA GLU C 286 -18.37 36.01 -45.34
C GLU C 286 -18.05 37.49 -45.34
N GLN C 287 -19.02 38.34 -45.04
CA GLN C 287 -18.82 39.77 -45.00
C GLN C 287 -19.33 40.32 -43.67
N PRO C 288 -18.49 40.95 -42.86
CA PRO C 288 -18.98 41.45 -41.56
C PRO C 288 -20.04 42.51 -41.78
N GLU C 289 -20.96 42.62 -40.81
CA GLU C 289 -22.03 43.60 -40.85
C GLU C 289 -21.47 44.99 -40.49
N GLY C 290 -22.10 46.02 -41.06
CA GLY C 290 -21.67 47.39 -40.78
C GLY C 290 -22.31 47.90 -39.50
N VAL C 291 -21.49 48.49 -38.63
CA VAL C 291 -21.96 49.13 -37.40
C VAL C 291 -22.09 50.62 -37.68
N ARG C 292 -23.26 51.21 -37.43
CA ARG C 292 -23.57 52.55 -37.91
C ARG C 292 -23.50 53.65 -36.86
N ASN C 293 -23.47 53.32 -35.57
CA ASN C 293 -23.72 54.35 -34.54
C ASN C 293 -22.45 54.82 -33.85
N LEU C 294 -21.29 54.72 -34.51
CA LEU C 294 -20.04 55.06 -33.84
C LEU C 294 -19.94 56.54 -33.50
N MET C 295 -20.76 57.39 -34.13
CA MET C 295 -20.71 58.78 -33.72
C MET C 295 -21.07 58.95 -32.24
N ALA C 296 -21.79 57.98 -31.65
CA ALA C 296 -22.10 58.04 -30.21
C ALA C 296 -20.84 58.05 -29.36
N LEU C 297 -19.74 57.48 -29.85
CA LEU C 297 -18.50 57.52 -29.08
C LEU C 297 -18.04 58.95 -28.80
N ILE C 298 -18.32 59.85 -29.73
CA ILE C 298 -17.89 61.24 -29.59
C ILE C 298 -18.74 61.94 -28.53
N VAL C 299 -20.06 61.95 -28.74
CA VAL C 299 -20.89 62.80 -27.89
C VAL C 299 -20.92 62.26 -26.47
N LYS C 300 -20.77 60.95 -26.30
CA LYS C 300 -20.72 60.35 -24.96
C LYS C 300 -19.31 60.14 -24.47
N GLN C 301 -18.29 60.53 -25.26
CA GLN C 301 -16.89 60.43 -24.85
C GLN C 301 -16.59 59.04 -24.31
N VAL C 302 -16.88 58.04 -25.12
CA VAL C 302 -16.75 56.64 -24.70
C VAL C 302 -15.40 56.07 -25.09
N ARG C 303 -14.83 55.23 -24.23
CA ARG C 303 -13.63 54.47 -24.58
C ARG C 303 -14.03 53.05 -24.97
N MET C 304 -13.75 52.67 -26.22
CA MET C 304 -14.12 51.35 -26.75
C MET C 304 -12.80 50.66 -27.07
N GLU C 305 -12.47 49.63 -26.29
CA GLU C 305 -11.11 49.08 -26.33
C GLU C 305 -11.16 47.57 -26.44
N GLY C 306 -10.49 47.06 -27.48
CA GLY C 306 -10.32 45.62 -27.64
C GLY C 306 -9.17 45.10 -26.81
N PHE C 307 -9.22 43.78 -26.55
CA PHE C 307 -8.15 43.16 -25.78
C PHE C 307 -8.13 41.68 -26.10
N MET C 308 -6.98 41.05 -25.89
CA MET C 308 -6.86 39.61 -26.04
C MET C 308 -6.32 39.00 -24.74
N VAL C 309 -6.94 37.90 -24.29
CA VAL C 309 -6.63 37.34 -22.99
C VAL C 309 -5.19 36.89 -22.92
N PHE C 310 -4.59 36.57 -24.06
CA PHE C 310 -3.19 36.13 -24.06
C PHE C 310 -2.26 37.14 -23.41
N SER C 311 -2.54 38.43 -23.58
CA SER C 311 -1.70 39.46 -23.01
C SER C 311 -1.87 39.62 -21.50
N TYR C 312 -2.71 38.83 -20.84
CA TYR C 312 -3.01 39.04 -19.43
C TYR C 312 -2.68 37.84 -18.57
N TYR C 313 -2.05 36.80 -19.13
CA TYR C 313 -1.83 35.61 -18.33
C TYR C 313 -0.84 35.86 -17.20
N HIS C 314 -0.06 36.95 -17.26
CA HIS C 314 0.77 37.28 -16.10
C HIS C 314 -0.08 37.53 -14.85
N LEU C 315 -1.38 37.78 -15.01
CA LEU C 315 -2.29 38.02 -13.90
C LEU C 315 -3.01 36.75 -13.46
N TYR C 316 -2.66 35.59 -14.01
CA TYR C 316 -3.42 34.38 -13.72
C TYR C 316 -3.34 34.01 -12.24
N GLY C 317 -2.14 34.13 -11.64
CA GLY C 317 -2.02 33.84 -10.22
C GLY C 317 -2.93 34.70 -9.37
N LYS C 318 -3.01 36.00 -9.68
CA LYS C 318 -3.85 36.92 -8.91
C LYS C 318 -5.33 36.66 -9.15
N PHE C 319 -5.67 36.31 -10.39
CA PHE C 319 -7.02 35.85 -10.69
C PHE C 319 -7.42 34.68 -9.79
N LEU C 320 -6.59 33.64 -9.74
CA LEU C 320 -6.89 32.50 -8.88
C LEU C 320 -7.02 32.94 -7.44
N GLU C 321 -6.08 33.77 -6.97
CA GLU C 321 -6.13 34.27 -5.59
C GLU C 321 -7.44 34.98 -5.29
N THR C 322 -7.98 35.68 -6.29
CA THR C 322 -9.21 36.43 -6.10
C THR C 322 -10.44 35.53 -6.19
N VAL C 323 -10.49 34.61 -7.15
CA VAL C 323 -11.74 33.93 -7.45
CA VAL C 323 -11.74 33.92 -7.44
C VAL C 323 -11.93 32.69 -6.57
N LEU C 324 -10.86 31.97 -6.24
CA LEU C 324 -11.02 30.72 -5.48
C LEU C 324 -11.68 30.94 -4.13
N PRO C 325 -11.39 31.99 -3.36
CA PRO C 325 -12.19 32.22 -2.15
C PRO C 325 -13.65 32.50 -2.44
N TYR C 326 -13.94 33.26 -3.50
CA TYR C 326 -15.33 33.49 -3.83
C TYR C 326 -16.04 32.18 -4.16
N ILE C 327 -15.39 31.29 -4.90
CA ILE C 327 -16.02 30.01 -5.22
C ILE C 327 -16.26 29.22 -3.95
N LYS C 328 -15.25 29.15 -3.09
CA LYS C 328 -15.35 28.38 -1.86
C LYS C 328 -16.51 28.88 -0.99
N GLN C 329 -16.68 30.19 -0.93
CA GLN C 329 -17.74 30.80 -0.13
C GLN C 329 -19.08 30.82 -0.85
N GLY C 330 -19.20 30.17 -2.00
CA GLY C 330 -20.44 30.23 -2.75
C GLY C 330 -20.82 31.62 -3.26
N LYS C 331 -19.86 32.56 -3.28
CA LYS C 331 -20.16 33.90 -3.76
C LYS C 331 -20.16 33.97 -5.28
N ILE C 332 -19.48 33.03 -5.94
CA ILE C 332 -19.50 32.90 -7.38
C ILE C 332 -19.88 31.45 -7.69
N THR C 333 -20.76 31.27 -8.68
CA THR C 333 -21.11 29.94 -9.15
C THR C 333 -20.87 29.87 -10.67
N TYR C 334 -21.09 28.67 -11.22
CA TYR C 334 -20.76 28.46 -12.63
C TYR C 334 -21.70 27.40 -13.18
N VAL C 335 -22.16 27.62 -14.40
CA VAL C 335 -22.98 26.66 -15.12
C VAL C 335 -22.20 26.18 -16.33
N GLU C 336 -21.99 24.86 -16.39
CA GLU C 336 -21.33 24.20 -17.49
C GLU C 336 -22.34 23.33 -18.24
N ASP C 337 -22.12 23.21 -19.55
CA ASP C 337 -22.86 22.31 -20.41
C ASP C 337 -21.90 21.15 -20.72
N VAL C 338 -22.18 19.97 -20.19
CA VAL C 338 -21.21 18.87 -20.24
C VAL C 338 -21.71 17.79 -21.19
N VAL C 339 -20.93 17.50 -22.24
CA VAL C 339 -21.26 16.40 -23.14
C VAL C 339 -20.18 15.34 -23.04
N ASP C 340 -20.60 14.08 -23.09
CA ASP C 340 -19.70 12.97 -22.93
C ASP C 340 -19.22 12.50 -24.30
N GLY C 341 -17.93 12.35 -24.43
CA GLY C 341 -17.39 11.64 -25.57
C GLY C 341 -16.84 12.50 -26.69
N LEU C 342 -15.62 12.15 -27.10
CA LEU C 342 -15.00 12.81 -28.24
C LEU C 342 -15.90 12.79 -29.48
N ASP C 343 -16.66 11.72 -29.68
CA ASP C 343 -17.55 11.66 -30.84
C ASP C 343 -18.57 12.79 -30.84
N ASN C 344 -18.87 13.36 -29.68
CA ASN C 344 -19.85 14.43 -29.62
C ASN C 344 -19.22 15.82 -29.69
N ALA C 345 -17.89 15.92 -29.70
CA ALA C 345 -17.24 17.23 -29.70
C ALA C 345 -17.58 18.10 -30.92
N PRO C 346 -17.67 17.58 -32.15
CA PRO C 346 -17.97 18.50 -33.27
C PRO C 346 -19.34 19.15 -33.12
N ALA C 347 -20.37 18.38 -32.77
CA ALA C 347 -21.69 18.95 -32.57
C ALA C 347 -21.65 20.00 -31.45
N ALA C 348 -20.90 19.71 -30.38
CA ALA C 348 -20.77 20.65 -29.26
C ALA C 348 -20.16 21.96 -29.69
N LEU C 349 -19.14 21.89 -30.54
CA LEU C 349 -18.49 23.10 -31.02
C LEU C 349 -19.43 23.86 -31.96
N ILE C 350 -20.07 23.15 -32.90
CA ILE C 350 -20.94 23.84 -33.84
C ILE C 350 -22.12 24.50 -33.12
N GLY C 351 -22.59 23.89 -32.01
CA GLY C 351 -23.74 24.41 -31.31
C GLY C 351 -23.51 25.75 -30.64
N LEU C 352 -22.25 26.14 -30.43
CA LEU C 352 -21.97 27.49 -29.91
C LEU C 352 -22.63 28.56 -30.77
N TYR C 353 -22.62 28.38 -32.08
CA TYR C 353 -23.03 29.44 -32.97
C TYR C 353 -24.55 29.46 -33.13
N SER C 354 -25.23 28.47 -32.52
CA SER C 354 -26.68 28.47 -32.43
CA SER C 354 -26.68 28.44 -32.42
C SER C 354 -27.16 28.63 -30.99
N GLY C 355 -26.26 28.86 -30.04
CA GLY C 355 -26.72 29.03 -28.67
C GLY C 355 -27.12 27.74 -28.02
N ARG C 356 -26.71 26.59 -28.60
CA ARG C 356 -27.12 25.29 -28.08
C ARG C 356 -26.59 25.04 -26.68
N ASN C 357 -25.37 25.53 -26.38
CA ASN C 357 -24.81 25.40 -25.05
C ASN C 357 -25.58 26.22 -24.02
N VAL C 358 -25.77 25.63 -22.83
CA VAL C 358 -26.30 26.33 -21.67
C VAL C 358 -25.16 26.50 -20.69
N GLY C 359 -24.52 27.65 -20.70
CA GLY C 359 -23.29 27.86 -19.96
C GLY C 359 -22.07 27.39 -20.75
N LYS C 360 -20.96 27.22 -20.03
CA LYS C 360 -19.68 26.93 -20.68
C LYS C 360 -19.68 25.52 -21.27
N GLN C 361 -19.34 25.41 -22.54
CA GLN C 361 -19.44 24.11 -23.22
C GLN C 361 -18.17 23.30 -22.98
N VAL C 362 -18.33 22.10 -22.41
CA VAL C 362 -17.26 21.18 -22.03
C VAL C 362 -17.49 19.86 -22.76
N VAL C 363 -16.40 19.22 -23.20
CA VAL C 363 -16.45 17.83 -23.70
C VAL C 363 -15.63 16.96 -22.75
N VAL C 364 -16.22 15.86 -22.28
CA VAL C 364 -15.52 14.90 -21.43
C VAL C 364 -14.91 13.83 -22.32
N VAL C 365 -13.58 13.86 -22.44
CA VAL C 365 -12.86 12.81 -23.17
C VAL C 365 -12.68 11.59 -22.28
N SER C 366 -12.23 11.81 -21.05
CA SER C 366 -12.14 10.79 -20.01
C SER C 366 -12.14 11.47 -18.64
N ARG C 367 -12.99 11.01 -17.73
CA ARG C 367 -12.96 11.56 -16.39
C ARG C 367 -11.67 11.19 -15.67
N GLU C 368 -11.28 12.03 -14.71
CA GLU C 368 -10.06 11.80 -13.94
C GLU C 368 -10.19 10.52 -13.12
N VAL D 29 -22.68 11.72 -13.76
CA VAL D 29 -21.83 11.20 -14.84
C VAL D 29 -22.49 10.00 -15.51
N SER D 30 -22.07 9.72 -16.74
CA SER D 30 -22.59 8.56 -17.44
C SER D 30 -21.86 7.29 -16.97
N ASN D 31 -22.59 6.18 -16.94
CA ASN D 31 -22.05 4.90 -16.48
C ASN D 31 -22.41 3.82 -17.50
N LYS D 32 -21.47 3.50 -18.36
CA LYS D 32 -21.65 2.39 -19.29
C LYS D 32 -21.58 1.07 -18.50
N GLN D 33 -22.42 0.11 -18.91
CA GLN D 33 -22.55 -1.18 -18.22
C GLN D 33 -22.61 -2.33 -19.23
N VAL D 34 -22.21 -3.51 -18.78
CA VAL D 34 -22.44 -4.74 -19.53
C VAL D 34 -23.46 -5.53 -18.74
N ILE D 35 -24.66 -5.67 -19.30
CA ILE D 35 -25.76 -6.33 -18.62
C ILE D 35 -25.85 -7.78 -19.05
N PHE D 36 -26.04 -8.68 -18.09
CA PHE D 36 -26.35 -10.07 -18.41
C PHE D 36 -27.78 -10.14 -18.91
N ARG D 37 -27.96 -10.63 -20.14
CA ARG D 37 -29.31 -10.59 -20.71
C ARG D 37 -30.15 -11.79 -20.28
N ASP D 38 -29.64 -13.01 -20.43
CA ASP D 38 -30.41 -14.19 -20.04
C ASP D 38 -29.49 -15.41 -19.96
N TYR D 39 -30.01 -16.44 -19.31
CA TYR D 39 -29.23 -17.66 -19.07
C TYR D 39 -28.82 -18.31 -20.37
N VAL D 40 -27.71 -19.05 -20.31
CA VAL D 40 -27.01 -19.57 -21.48
C VAL D 40 -27.06 -21.10 -21.46
N THR D 41 -27.29 -21.70 -22.62
CA THR D 41 -27.17 -23.15 -22.80
C THR D 41 -26.14 -23.42 -23.88
N GLY D 42 -25.19 -24.29 -23.59
CA GLY D 42 -24.10 -24.50 -24.53
C GLY D 42 -23.13 -23.33 -24.54
N PHE D 43 -22.62 -22.96 -25.71
CA PHE D 43 -21.62 -21.91 -25.79
C PHE D 43 -22.26 -20.52 -25.73
N PRO D 44 -21.62 -19.57 -25.06
CA PRO D 44 -22.15 -18.22 -24.99
C PRO D 44 -21.91 -17.45 -26.29
N LYS D 45 -22.75 -16.46 -26.54
CA LYS D 45 -22.56 -15.60 -27.70
C LYS D 45 -22.75 -14.14 -27.30
N GLU D 46 -22.30 -13.24 -28.16
CA GLU D 46 -22.23 -11.83 -27.77
C GLU D 46 -23.58 -11.28 -27.29
N SER D 47 -24.67 -11.67 -27.97
CA SER D 47 -25.98 -11.18 -27.59
C SER D 47 -26.45 -11.66 -26.22
N ASP D 48 -25.74 -12.59 -25.58
CA ASP D 48 -26.10 -12.99 -24.23
C ASP D 48 -25.82 -11.88 -23.23
N MET D 49 -25.09 -10.84 -23.63
CA MET D 49 -24.83 -9.66 -22.84
C MET D 49 -25.26 -8.45 -23.64
N GLU D 50 -25.56 -7.35 -22.98
CA GLU D 50 -25.89 -6.15 -23.75
C GLU D 50 -25.34 -4.91 -23.06
N LEU D 51 -25.00 -3.92 -23.87
CA LEU D 51 -24.39 -2.70 -23.39
C LEU D 51 -25.45 -1.64 -23.17
N THR D 52 -25.33 -0.93 -22.05
CA THR D 52 -26.21 0.19 -21.72
C THR D 52 -25.37 1.29 -21.09
N THR D 53 -25.92 2.51 -21.11
CA THR D 53 -25.35 3.63 -20.37
C THR D 53 -26.44 4.21 -19.48
N ARG D 54 -26.10 4.48 -18.22
CA ARG D 54 -27.03 5.06 -17.27
C ARG D 54 -26.41 6.26 -16.59
N SER D 55 -27.25 7.21 -16.20
CA SER D 55 -26.83 8.35 -15.41
C SER D 55 -26.68 7.93 -13.95
N ILE D 56 -25.62 8.38 -13.31
CA ILE D 56 -25.34 7.95 -11.93
C ILE D 56 -24.68 9.11 -11.17
N THR D 57 -24.89 9.12 -9.86
CA THR D 57 -24.32 10.10 -8.96
C THR D 57 -23.44 9.39 -7.94
N LEU D 58 -22.60 10.16 -7.24
CA LEU D 58 -21.55 9.63 -6.37
C LEU D 58 -22.00 9.62 -4.91
N LYS D 59 -22.66 8.52 -4.51
CA LYS D 59 -23.06 8.33 -3.12
C LYS D 59 -21.87 8.10 -2.19
N SER D 64 -23.80 5.32 3.61
CA SER D 64 -23.85 3.87 3.78
C SER D 64 -22.50 3.29 4.20
N THR D 65 -22.43 1.97 4.20
CA THR D 65 -21.23 1.28 4.64
C THR D 65 -20.42 0.71 3.48
N GLY D 66 -20.90 0.85 2.23
CA GLY D 66 -20.24 0.26 1.09
C GLY D 66 -19.20 1.17 0.47
N LEU D 67 -18.70 0.75 -0.70
CA LEU D 67 -17.69 1.50 -1.43
C LEU D 67 -18.25 1.98 -2.76
N LEU D 68 -17.84 3.17 -3.18
CA LEU D 68 -18.10 3.64 -4.53
C LEU D 68 -16.79 3.51 -5.29
N LEU D 69 -16.77 2.61 -6.28
CA LEU D 69 -15.56 2.30 -7.03
C LEU D 69 -15.60 2.90 -8.42
N LYS D 70 -14.44 3.36 -8.90
CA LYS D 70 -14.22 3.60 -10.31
C LYS D 70 -13.40 2.43 -10.87
N ASN D 71 -14.02 1.64 -11.72
CA ASN D 71 -13.38 0.44 -12.25
C ASN D 71 -12.38 0.80 -13.34
N LEU D 72 -11.18 0.23 -13.23
CA LEU D 72 -10.11 0.52 -14.17
C LEU D 72 -9.85 -0.64 -15.12
N TYR D 73 -9.77 -1.85 -14.59
CA TYR D 73 -9.48 -3.05 -15.36
C TYR D 73 -10.41 -4.16 -14.94
N LEU D 74 -10.79 -5.00 -15.90
CA LEU D 74 -11.61 -6.18 -15.64
C LEU D 74 -10.92 -7.44 -16.16
N SER D 75 -11.03 -8.51 -15.40
CA SER D 75 -10.55 -9.81 -15.87
C SER D 75 -11.64 -10.54 -16.64
N CYS D 76 -11.25 -11.23 -17.72
CA CYS D 76 -12.09 -12.28 -18.28
C CYS D 76 -11.52 -13.61 -17.80
N ASP D 77 -12.31 -14.37 -17.04
CA ASP D 77 -11.88 -15.64 -16.49
C ASP D 77 -12.80 -16.77 -16.93
N PRO D 78 -12.24 -17.94 -17.25
CA PRO D 78 -13.10 -19.06 -17.69
C PRO D 78 -14.24 -19.44 -16.76
N TYR D 79 -14.09 -19.40 -15.42
CA TYR D 79 -15.20 -19.80 -14.56
C TYR D 79 -16.48 -18.99 -14.80
N MET D 80 -16.41 -17.80 -15.42
CA MET D 80 -17.61 -16.96 -15.55
CA MET D 80 -17.62 -16.97 -15.50
C MET D 80 -18.74 -17.67 -16.27
N ARG D 81 -18.41 -18.59 -17.19
CA ARG D 81 -19.45 -19.32 -17.90
C ARG D 81 -20.40 -20.03 -16.93
N ALA D 82 -19.85 -20.60 -15.85
CA ALA D 82 -20.69 -21.35 -14.91
C ALA D 82 -21.77 -20.46 -14.30
N ARG D 83 -21.50 -19.16 -14.19
CA ARG D 83 -22.49 -18.24 -13.62
C ARG D 83 -23.55 -17.82 -14.61
N MET D 84 -23.41 -18.16 -15.89
CA MET D 84 -24.44 -17.91 -16.88
C MET D 84 -25.51 -18.99 -16.93
N THR D 85 -25.35 -20.07 -16.15
CA THR D 85 -26.36 -21.11 -16.05
C THR D 85 -27.22 -20.83 -14.83
N ASN D 86 -28.53 -21.08 -14.95
CA ASN D 86 -29.45 -20.81 -13.85
C ASN D 86 -29.24 -21.74 -12.66
N VAL D 93 -20.85 -20.54 -6.29
CA VAL D 93 -21.18 -19.10 -6.26
C VAL D 93 -22.50 -18.86 -7.00
N ASP D 94 -23.21 -17.80 -6.61
CA ASP D 94 -24.52 -17.55 -7.19
C ASP D 94 -24.39 -17.14 -8.66
N SER D 95 -25.34 -17.59 -9.46
CA SER D 95 -25.43 -17.26 -10.87
C SER D 95 -25.65 -15.76 -11.08
N PHE D 96 -25.28 -15.28 -12.27
CA PHE D 96 -25.58 -13.91 -12.66
C PHE D 96 -27.09 -13.72 -12.71
N LYS D 97 -27.55 -12.50 -12.41
CA LYS D 97 -28.96 -12.15 -12.48
C LYS D 97 -29.29 -11.53 -13.83
N PRO D 98 -30.24 -12.07 -14.59
CA PRO D 98 -30.63 -11.38 -15.83
C PRO D 98 -31.13 -9.98 -15.52
N GLY D 99 -30.60 -9.01 -16.26
CA GLY D 99 -30.93 -7.61 -16.09
C GLY D 99 -29.91 -6.81 -15.31
N SER D 100 -28.97 -7.48 -14.64
CA SER D 100 -27.97 -6.83 -13.82
C SER D 100 -26.59 -6.90 -14.48
N PRO D 101 -25.67 -6.02 -14.07
CA PRO D 101 -24.33 -6.07 -14.65
C PRO D 101 -23.67 -7.42 -14.38
N ILE D 102 -22.91 -7.89 -15.38
CA ILE D 102 -21.93 -8.93 -15.14
C ILE D 102 -21.07 -8.52 -13.95
N ILE D 103 -20.64 -9.51 -13.16
CA ILE D 103 -19.75 -9.33 -12.02
C ILE D 103 -18.52 -10.19 -12.23
N GLY D 104 -17.35 -9.69 -11.84
CA GLY D 104 -16.16 -10.51 -11.92
C GLY D 104 -14.97 -9.79 -11.30
N TYR D 105 -13.81 -10.43 -11.35
CA TYR D 105 -12.60 -9.80 -10.80
C TYR D 105 -12.22 -8.55 -11.55
N GLY D 106 -11.79 -7.52 -10.80
CA GLY D 106 -11.34 -6.32 -11.47
C GLY D 106 -10.33 -5.58 -10.61
N VAL D 107 -9.92 -4.42 -11.11
CA VAL D 107 -9.05 -3.51 -10.37
C VAL D 107 -9.72 -2.13 -10.40
N ALA D 108 -9.88 -1.50 -9.23
CA ALA D 108 -10.67 -0.29 -9.10
C ALA D 108 -9.99 0.67 -8.14
N ARG D 109 -10.35 1.96 -8.26
CA ARG D 109 -9.94 3.00 -7.33
C ARG D 109 -11.13 3.41 -6.47
N VAL D 110 -10.93 3.50 -5.17
CA VAL D 110 -12.00 3.88 -4.25
C VAL D 110 -12.22 5.38 -4.38
N LEU D 111 -13.43 5.77 -4.79
CA LEU D 111 -13.84 7.17 -4.88
C LEU D 111 -14.39 7.68 -3.56
N GLU D 112 -15.28 6.91 -2.94
CA GLU D 112 -15.88 7.25 -1.65
C GLU D 112 -15.98 5.96 -0.85
N SER D 113 -16.00 6.08 0.48
CA SER D 113 -16.04 4.90 1.32
C SER D 113 -16.86 5.16 2.58
N GLY D 114 -17.71 4.20 2.93
CA GLY D 114 -18.43 4.18 4.19
C GLY D 114 -17.88 3.10 5.11
N ASN D 115 -16.80 2.48 4.67
CA ASN D 115 -16.12 1.46 5.44
C ASN D 115 -14.75 2.01 5.82
N PRO D 116 -14.48 2.25 7.10
CA PRO D 116 -13.22 2.90 7.49
C PRO D 116 -11.98 2.10 7.12
N LYS D 117 -12.12 0.81 6.81
CA LYS D 117 -10.98 0.04 6.33
C LYS D 117 -10.48 0.52 4.98
N PHE D 118 -11.31 1.23 4.21
CA PHE D 118 -10.92 1.75 2.90
C PHE D 118 -11.07 3.26 2.87
N ASN D 119 -10.11 3.93 2.23
CA ASN D 119 -10.13 5.37 2.11
C ASN D 119 -10.10 5.75 0.64
N PRO D 120 -10.65 6.91 0.28
CA PRO D 120 -10.55 7.36 -1.11
C PRO D 120 -9.11 7.35 -1.58
N GLY D 121 -8.91 7.09 -2.87
CA GLY D 121 -7.59 6.93 -3.43
C GLY D 121 -6.99 5.55 -3.26
N ASP D 122 -7.55 4.72 -2.38
CA ASP D 122 -7.15 3.32 -2.35
C ASP D 122 -7.42 2.67 -3.70
N LEU D 123 -6.50 1.79 -4.11
CA LEU D 123 -6.67 0.91 -5.27
C LEU D 123 -6.88 -0.51 -4.74
N VAL D 124 -7.90 -1.18 -5.26
CA VAL D 124 -8.27 -2.49 -4.75
C VAL D 124 -8.43 -3.46 -5.91
N TRP D 125 -8.36 -4.75 -5.59
CA TRP D 125 -8.71 -5.76 -6.57
C TRP D 125 -9.60 -6.80 -5.90
N GLY D 126 -10.55 -7.29 -6.68
CA GLY D 126 -11.55 -8.21 -6.18
C GLY D 126 -12.77 -8.14 -7.09
N PHE D 127 -13.91 -8.56 -6.53
CA PHE D 127 -15.13 -8.56 -7.33
C PHE D 127 -15.69 -7.16 -7.50
N THR D 128 -16.08 -6.85 -8.73
CA THR D 128 -16.72 -5.58 -9.05
C THR D 128 -17.62 -5.78 -10.26
N GLY D 129 -18.35 -4.73 -10.63
CA GLY D 129 -19.28 -4.80 -11.74
C GLY D 129 -18.65 -4.48 -13.07
N TRP D 130 -19.24 -5.04 -14.12
CA TRP D 130 -18.83 -4.75 -15.50
C TRP D 130 -19.46 -3.41 -15.91
N GLU D 131 -18.84 -2.35 -15.41
CA GLU D 131 -19.39 -1.01 -15.58
C GLU D 131 -18.30 -0.02 -15.20
N GLU D 132 -18.55 1.25 -15.52
CA GLU D 132 -17.51 2.24 -15.25
C GLU D 132 -17.40 2.55 -13.77
N TYR D 133 -18.51 2.50 -13.04
CA TYR D 133 -18.56 2.78 -11.61
C TYR D 133 -19.45 1.76 -10.94
N SER D 134 -19.00 1.26 -9.79
CA SER D 134 -19.76 0.29 -9.01
C SER D 134 -19.90 0.73 -7.56
N VAL D 135 -21.01 0.34 -6.97
CA VAL D 135 -21.25 0.45 -5.54
C VAL D 135 -21.16 -0.96 -4.97
N ILE D 136 -20.16 -1.18 -4.12
CA ILE D 136 -19.83 -2.49 -3.57
C ILE D 136 -20.20 -2.48 -2.09
N THR D 137 -21.06 -3.40 -1.68
CA THR D 137 -21.31 -3.59 -0.25
C THR D 137 -20.52 -4.75 0.33
N ALA D 138 -20.30 -5.82 -0.44
CA ALA D 138 -19.52 -6.96 0.01
C ALA D 138 -18.06 -6.69 -0.30
N THR D 139 -17.28 -6.36 0.73
CA THR D 139 -15.87 -6.04 0.59
C THR D 139 -14.94 -7.18 0.95
N GLU D 140 -15.49 -8.33 1.34
CA GLU D 140 -14.69 -9.48 1.74
C GLU D 140 -13.62 -9.81 0.73
N SER D 141 -13.97 -9.74 -0.54
CA SER D 141 -13.02 -10.17 -1.57
C SER D 141 -11.98 -9.11 -1.90
N LEU D 142 -12.13 -7.89 -1.40
CA LEU D 142 -11.25 -6.82 -1.85
C LEU D 142 -9.90 -6.89 -1.13
N PHE D 143 -8.84 -6.86 -1.92
CA PHE D 143 -7.48 -6.70 -1.41
C PHE D 143 -7.06 -5.26 -1.70
N LYS D 144 -6.47 -4.58 -0.73
CA LYS D 144 -5.88 -3.27 -1.01
C LYS D 144 -4.54 -3.46 -1.70
N ILE D 145 -4.36 -2.76 -2.82
CA ILE D 145 -3.11 -2.84 -3.56
C ILE D 145 -2.10 -1.90 -2.89
N HIS D 146 -0.91 -2.43 -2.61
CA HIS D 146 0.16 -1.65 -2.00
C HIS D 146 1.31 -1.36 -2.96
N ASN D 147 1.70 -2.30 -3.81
CA ASN D 147 2.75 -2.07 -4.79
C ASN D 147 2.13 -1.53 -6.08
N THR D 148 2.40 -0.27 -6.38
CA THR D 148 1.98 0.32 -7.64
C THR D 148 3.13 0.51 -8.63
N ASP D 149 4.28 -0.12 -8.38
CA ASP D 149 5.39 -0.10 -9.32
C ASP D 149 5.23 -1.13 -10.43
N VAL D 150 4.13 -1.88 -10.44
CA VAL D 150 3.78 -2.79 -11.53
C VAL D 150 2.58 -2.22 -12.26
N PRO D 151 2.34 -2.61 -13.51
CA PRO D 151 1.09 -2.21 -14.18
C PRO D 151 -0.11 -2.64 -13.36
N LEU D 152 -1.14 -1.78 -13.31
CA LEU D 152 -2.32 -2.12 -12.53
C LEU D 152 -3.02 -3.37 -13.08
N SER D 153 -2.97 -3.57 -14.39
CA SER D 153 -3.61 -4.74 -14.97
C SER D 153 -3.09 -6.03 -14.36
N TYR D 154 -1.87 -6.02 -13.79
CA TYR D 154 -1.33 -7.26 -13.21
C TYR D 154 -2.23 -7.77 -12.09
N TYR D 155 -3.00 -6.91 -11.45
CA TYR D 155 -3.81 -7.40 -10.35
C TYR D 155 -5.10 -8.08 -10.81
N THR D 156 -5.30 -8.25 -12.13
CA THR D 156 -6.33 -9.14 -12.68
C THR D 156 -5.78 -10.53 -12.99
N GLY D 157 -4.47 -10.70 -13.00
CA GLY D 157 -3.88 -11.94 -13.47
C GLY D 157 -2.69 -12.37 -12.63
N LEU D 158 -1.51 -11.98 -13.09
CA LEU D 158 -0.24 -12.35 -12.47
C LEU D 158 -0.24 -12.16 -10.97
N LEU D 159 -0.72 -11.01 -10.50
CA LEU D 159 -0.75 -10.70 -9.07
C LEU D 159 -2.15 -10.79 -8.49
N GLY D 160 -3.11 -11.30 -9.26
CA GLY D 160 -4.44 -11.47 -8.73
C GLY D 160 -4.79 -12.94 -8.62
N MET D 161 -6.05 -13.25 -8.90
CA MET D 161 -6.56 -14.58 -8.64
C MET D 161 -5.88 -15.65 -9.50
N PRO D 162 -5.61 -15.41 -10.78
CA PRO D 162 -4.94 -16.48 -11.56
C PRO D 162 -3.54 -16.79 -11.08
N GLY D 163 -2.77 -15.76 -10.75
CA GLY D 163 -1.44 -15.99 -10.22
C GLY D 163 -1.46 -16.77 -8.93
N MET D 164 -2.40 -16.44 -8.04
CA MET D 164 -2.53 -17.19 -6.79
C MET D 164 -2.92 -18.63 -7.08
N THR D 165 -3.76 -18.82 -8.09
CA THR D 165 -4.14 -20.19 -8.47
C THR D 165 -2.92 -20.99 -8.90
N ALA D 166 -2.05 -20.40 -9.74
CA ALA D 166 -0.88 -21.12 -10.20
C ALA D 166 0.04 -21.44 -9.03
N TYR D 167 0.22 -20.49 -8.12
CA TYR D 167 1.10 -20.70 -6.99
C TYR D 167 0.54 -21.77 -6.05
N ALA D 168 -0.75 -21.68 -5.75
CA ALA D 168 -1.35 -22.65 -4.83
C ALA D 168 -1.37 -24.04 -5.46
N GLY D 169 -1.83 -24.13 -6.71
CA GLY D 169 -1.97 -25.44 -7.31
C GLY D 169 -0.62 -26.11 -7.49
N PHE D 170 0.38 -25.34 -7.91
CA PHE D 170 1.66 -25.97 -8.14
C PHE D 170 2.34 -26.31 -6.82
N TYR D 171 2.47 -25.33 -5.91
CA TYR D 171 3.31 -25.60 -4.74
C TYR D 171 2.58 -26.30 -3.60
N GLU D 172 1.25 -26.12 -3.47
CA GLU D 172 0.54 -26.74 -2.36
C GLU D 172 -0.08 -28.08 -2.72
N ILE D 173 -0.35 -28.33 -4.00
CA ILE D 173 -0.98 -29.59 -4.39
C ILE D 173 0.00 -30.53 -5.08
N CYS D 174 0.99 -30.02 -5.82
CA CYS D 174 1.81 -30.91 -6.64
C CYS D 174 3.07 -31.42 -5.95
N SER D 175 3.43 -30.89 -4.77
CA SER D 175 4.65 -31.31 -4.08
C SER D 175 5.83 -31.44 -5.03
N PRO D 176 6.11 -30.42 -5.85
CA PRO D 176 7.12 -30.58 -6.89
C PRO D 176 8.53 -30.69 -6.31
N LYS D 177 9.37 -31.47 -6.99
CA LYS D 177 10.77 -31.59 -6.62
C LYS D 177 11.67 -31.48 -7.85
N LYS D 178 12.89 -30.98 -7.60
CA LYS D 178 13.86 -30.80 -8.67
C LYS D 178 14.00 -32.07 -9.50
N GLY D 179 14.07 -31.90 -10.81
CA GLY D 179 14.21 -33.03 -11.72
C GLY D 179 12.92 -33.72 -12.12
N GLU D 180 11.80 -33.45 -11.46
CA GLU D 180 10.55 -34.07 -11.87
C GLU D 180 10.09 -33.53 -13.22
N THR D 181 9.31 -34.34 -13.94
CA THR D 181 8.73 -33.95 -15.21
C THR D 181 7.33 -33.41 -15.01
N VAL D 182 7.05 -32.28 -15.65
CA VAL D 182 5.78 -31.55 -15.46
C VAL D 182 5.15 -31.30 -16.81
N TYR D 183 3.86 -31.61 -16.95
CA TYR D 183 3.08 -31.28 -18.13
C TYR D 183 2.00 -30.27 -17.75
N VAL D 184 1.86 -29.21 -18.55
CA VAL D 184 0.91 -28.11 -18.26
C VAL D 184 -0.02 -27.97 -19.48
N SER D 185 -1.34 -28.15 -19.27
CA SER D 185 -2.27 -27.86 -20.36
C SER D 185 -2.72 -26.38 -20.27
N ALA D 186 -3.31 -25.89 -21.35
CA ALA D 186 -3.55 -24.43 -21.56
C ALA D 186 -2.37 -23.60 -21.07
N ALA D 187 -1.18 -23.98 -21.52
CA ALA D 187 0.04 -23.58 -20.84
C ALA D 187 0.42 -22.12 -21.13
N SER D 188 -0.14 -21.53 -22.18
CA SER D 188 0.12 -20.11 -22.45
C SER D 188 -0.90 -19.19 -21.78
N GLY D 189 -1.82 -19.75 -21.01
CA GLY D 189 -2.86 -18.95 -20.40
C GLY D 189 -2.45 -18.28 -19.10
N ALA D 190 -3.44 -17.62 -18.50
CA ALA D 190 -3.23 -16.82 -17.29
C ALA D 190 -2.57 -17.64 -16.19
N VAL D 191 -3.09 -18.85 -15.97
CA VAL D 191 -2.57 -19.72 -14.93
C VAL D 191 -1.38 -20.50 -15.45
N GLY D 192 -1.54 -21.12 -16.64
CA GLY D 192 -0.54 -22.07 -17.10
C GLY D 192 0.83 -21.45 -17.34
N GLN D 193 0.86 -20.20 -17.84
CA GLN D 193 2.15 -19.58 -18.12
C GLN D 193 2.95 -19.40 -16.84
N LEU D 194 2.26 -19.18 -15.72
CA LEU D 194 2.96 -19.04 -14.45
C LEU D 194 3.33 -20.38 -13.85
N VAL D 195 2.45 -21.39 -13.95
CA VAL D 195 2.83 -22.72 -13.44
C VAL D 195 4.13 -23.18 -14.09
N GLY D 196 4.23 -23.03 -15.41
CA GLY D 196 5.44 -23.49 -16.09
C GLY D 196 6.69 -22.78 -15.62
N GLN D 197 6.60 -21.46 -15.45
CA GLN D 197 7.78 -20.71 -14.99
C GLN D 197 8.17 -21.12 -13.57
N PHE D 198 7.19 -21.27 -12.67
CA PHE D 198 7.49 -21.82 -11.34
C PHE D 198 8.16 -23.19 -11.45
N ALA D 199 7.66 -24.05 -12.35
CA ALA D 199 8.26 -25.37 -12.43
C ALA D 199 9.69 -25.27 -12.94
N LYS D 200 9.97 -24.33 -13.82
CA LYS D 200 11.35 -24.18 -14.27
C LYS D 200 12.23 -23.70 -13.11
N LEU D 201 11.73 -22.74 -12.33
CA LEU D 201 12.51 -22.20 -11.22
C LEU D 201 12.76 -23.26 -10.14
N THR D 202 11.88 -24.25 -10.01
CA THR D 202 12.07 -25.34 -9.07
C THR D 202 13.03 -26.39 -9.61
N GLY D 203 13.40 -26.30 -10.88
CA GLY D 203 14.27 -27.26 -11.51
C GLY D 203 13.58 -28.43 -12.17
N CYS D 204 12.29 -28.32 -12.46
CA CYS D 204 11.57 -29.36 -13.17
C CYS D 204 11.85 -29.30 -14.67
N TYR D 205 11.59 -30.42 -15.34
CA TYR D 205 11.53 -30.47 -16.79
C TYR D 205 10.07 -30.24 -17.18
N VAL D 206 9.81 -29.23 -18.01
CA VAL D 206 8.47 -28.68 -18.18
C VAL D 206 8.09 -28.66 -19.65
N VAL D 207 6.97 -29.29 -19.97
CA VAL D 207 6.38 -29.27 -21.31
C VAL D 207 4.98 -28.68 -21.20
N GLY D 208 4.63 -27.80 -22.14
CA GLY D 208 3.28 -27.27 -22.20
C GLY D 208 2.71 -27.46 -23.60
N SER D 209 1.39 -27.41 -23.68
CA SER D 209 0.72 -27.38 -24.98
C SER D 209 -0.23 -26.21 -25.00
N ALA D 210 -0.50 -25.71 -26.21
CA ALA D 210 -1.42 -24.62 -26.44
C ALA D 210 -1.97 -24.76 -27.85
N GLY D 211 -2.93 -23.91 -28.20
CA GLY D 211 -3.71 -24.14 -29.39
C GLY D 211 -3.31 -23.36 -30.65
N SER D 212 -2.09 -22.80 -30.67
CA SER D 212 -1.66 -22.08 -31.87
C SER D 212 -0.14 -21.99 -31.91
N LYS D 213 0.41 -21.85 -33.12
CA LYS D 213 1.86 -21.68 -33.24
C LYS D 213 2.32 -20.47 -32.46
N GLU D 214 1.54 -19.38 -32.49
CA GLU D 214 1.89 -18.17 -31.75
C GLU D 214 2.10 -18.49 -30.28
N LYS D 215 1.15 -19.20 -29.67
CA LYS D 215 1.25 -19.51 -28.24
C LYS D 215 2.39 -20.49 -27.96
N VAL D 216 2.59 -21.49 -28.83
CA VAL D 216 3.70 -22.42 -28.65
C VAL D 216 5.04 -21.70 -28.70
N ASP D 217 5.18 -20.72 -29.60
CA ASP D 217 6.40 -19.91 -29.63
C ASP D 217 6.62 -19.17 -28.32
N LEU D 218 5.54 -18.65 -27.71
CA LEU D 218 5.69 -17.98 -26.43
C LEU D 218 6.21 -18.94 -25.38
N LEU D 219 5.64 -20.16 -25.34
CA LEU D 219 6.07 -21.14 -24.34
C LEU D 219 7.57 -21.41 -24.43
N LYS D 220 8.07 -21.57 -25.66
CA LYS D 220 9.48 -21.84 -25.87
C LYS D 220 10.33 -20.57 -25.72
N ASN D 221 9.91 -19.48 -26.37
CA ASN D 221 10.77 -18.30 -26.52
C ASN D 221 10.67 -17.31 -25.37
N LYS D 222 9.50 -17.17 -24.73
CA LYS D 222 9.34 -16.19 -23.67
C LYS D 222 9.29 -16.83 -22.30
N PHE D 223 8.54 -17.91 -22.14
CA PHE D 223 8.32 -18.47 -20.81
C PHE D 223 9.36 -19.52 -20.45
N GLY D 224 10.20 -19.95 -21.39
CA GLY D 224 11.28 -20.85 -21.01
C GLY D 224 10.91 -22.29 -20.76
N PHE D 225 9.77 -22.77 -21.28
CA PHE D 225 9.44 -24.19 -21.17
C PHE D 225 10.53 -25.00 -21.87
N ASP D 226 10.81 -26.21 -21.36
CA ASP D 226 11.78 -27.06 -22.04
C ASP D 226 11.30 -27.45 -23.43
N GLU D 227 10.02 -27.80 -23.54
CA GLU D 227 9.42 -28.13 -24.83
C GLU D 227 7.97 -27.70 -24.83
N ALA D 228 7.38 -27.65 -26.03
CA ALA D 228 5.97 -27.28 -26.15
C ALA D 228 5.46 -27.77 -27.49
N PHE D 229 4.14 -27.96 -27.56
CA PHE D 229 3.54 -28.39 -28.81
C PHE D 229 2.14 -27.81 -28.96
N ASN D 230 1.67 -27.80 -30.20
CA ASN D 230 0.32 -27.36 -30.54
C ASN D 230 -0.57 -28.60 -30.49
N TYR D 231 -1.43 -28.71 -29.47
CA TYR D 231 -2.20 -29.95 -29.33
C TYR D 231 -3.23 -30.08 -30.44
N LYS D 232 -3.60 -28.98 -31.10
CA LYS D 232 -4.55 -29.08 -32.21
C LYS D 232 -3.91 -29.71 -33.44
N GLU D 233 -2.59 -29.73 -33.53
CA GLU D 233 -1.90 -30.35 -34.65
C GLU D 233 -1.39 -31.75 -34.33
N GLU D 234 -1.78 -32.32 -33.20
CA GLU D 234 -1.44 -33.70 -32.87
C GLU D 234 -2.66 -34.58 -33.13
N ALA D 235 -2.50 -35.58 -34.00
CA ALA D 235 -3.57 -36.54 -34.21
C ALA D 235 -3.71 -37.47 -33.02
N ASP D 236 -2.63 -37.68 -32.28
CA ASP D 236 -2.59 -38.65 -31.19
C ASP D 236 -1.97 -37.98 -29.98
N LEU D 237 -2.81 -37.37 -29.13
CA LEU D 237 -2.29 -36.68 -27.96
C LEU D 237 -1.46 -37.59 -27.07
N ASP D 238 -1.86 -38.86 -26.94
CA ASP D 238 -1.08 -39.79 -26.12
C ASP D 238 0.32 -39.95 -26.71
N ALA D 239 0.40 -40.13 -28.03
CA ALA D 239 1.70 -40.30 -28.66
C ALA D 239 2.57 -39.08 -28.49
N ALA D 240 1.93 -37.89 -28.58
CA ALA D 240 2.66 -36.66 -28.39
C ALA D 240 3.31 -36.62 -27.01
N LEU D 241 2.58 -37.03 -25.97
CA LEU D 241 3.15 -36.95 -24.63
C LEU D 241 4.27 -37.98 -24.46
N ARG D 242 4.16 -39.14 -25.12
CA ARG D 242 5.23 -40.13 -25.02
C ARG D 242 6.51 -39.61 -25.65
N ARG D 243 6.37 -38.83 -26.73
CA ARG D 243 7.51 -38.22 -27.38
C ARG D 243 8.18 -37.24 -26.43
N TYR D 244 7.40 -36.34 -25.82
CA TYR D 244 8.00 -35.34 -24.96
C TYR D 244 8.33 -35.87 -23.57
N PHE D 245 7.71 -36.98 -23.15
CA PHE D 245 7.94 -37.57 -21.82
C PHE D 245 8.29 -39.04 -21.99
N PRO D 246 9.51 -39.35 -22.43
CA PRO D 246 9.87 -40.75 -22.65
C PRO D 246 9.84 -41.60 -21.38
N ASP D 247 10.02 -41.01 -20.20
CA ASP D 247 9.93 -41.76 -18.96
C ASP D 247 8.67 -41.42 -18.15
N GLY D 248 7.69 -40.76 -18.77
CA GLY D 248 6.43 -40.46 -18.09
C GLY D 248 6.41 -39.08 -17.45
N ILE D 249 5.24 -38.76 -16.88
CA ILE D 249 4.92 -37.44 -16.29
C ILE D 249 4.81 -37.57 -14.76
N ASP D 250 5.61 -36.81 -14.02
CA ASP D 250 5.48 -36.82 -12.56
C ASP D 250 4.29 -35.99 -12.11
N ILE D 251 4.06 -34.84 -12.77
CA ILE D 251 3.04 -33.88 -12.38
C ILE D 251 2.28 -33.41 -13.64
N TYR D 252 0.96 -33.50 -13.60
CA TYR D 252 0.09 -32.89 -14.61
C TYR D 252 -0.66 -31.76 -13.94
N PHE D 253 -0.50 -30.54 -14.47
CA PHE D 253 -1.30 -29.41 -14.05
C PHE D 253 -2.49 -29.33 -15.01
N GLU D 254 -3.65 -29.75 -14.53
CA GLU D 254 -4.82 -29.98 -15.38
C GLU D 254 -5.68 -28.72 -15.47
N ASN D 255 -5.80 -28.18 -16.70
CA ASN D 255 -6.63 -27.01 -16.96
C ASN D 255 -7.76 -27.28 -17.95
N VAL D 256 -7.83 -28.49 -18.53
CA VAL D 256 -8.54 -28.71 -19.78
C VAL D 256 -9.59 -29.81 -19.67
N GLY D 257 -9.20 -30.98 -19.15
CA GLY D 257 -10.11 -32.10 -19.03
C GLY D 257 -10.31 -32.89 -20.32
N GLY D 258 -11.34 -33.72 -20.32
CA GLY D 258 -11.75 -34.43 -21.51
C GLY D 258 -10.64 -35.30 -22.08
N LYS D 259 -10.54 -35.30 -23.40
CA LYS D 259 -9.60 -36.19 -24.07
C LYS D 259 -8.16 -35.93 -23.65
N MET D 260 -7.83 -34.67 -23.34
CA MET D 260 -6.49 -34.36 -22.86
C MET D 260 -6.16 -35.14 -21.61
N LEU D 261 -7.06 -35.11 -20.61
CA LEU D 261 -6.83 -35.89 -19.40
C LEU D 261 -6.67 -37.37 -19.72
N ASP D 262 -7.52 -37.90 -20.60
CA ASP D 262 -7.37 -39.32 -20.94
C ASP D 262 -6.04 -39.62 -21.63
N ALA D 263 -5.47 -38.64 -22.33
CA ALA D 263 -4.15 -38.87 -22.93
C ALA D 263 -3.06 -38.87 -21.86
N VAL D 264 -3.21 -38.05 -20.80
CA VAL D 264 -2.20 -37.96 -19.77
C VAL D 264 -2.18 -39.19 -18.89
N LEU D 265 -3.37 -39.68 -18.49
CA LEU D 265 -3.49 -40.71 -17.45
C LEU D 265 -2.52 -41.88 -17.65
N PRO D 266 -2.46 -42.54 -18.80
CA PRO D 266 -1.56 -43.70 -18.88
C PRO D 266 -0.09 -43.34 -18.99
N ASN D 267 0.23 -42.04 -19.12
CA ASN D 267 1.60 -41.55 -19.14
C ASN D 267 2.10 -41.08 -17.79
N MET D 268 1.29 -41.16 -16.73
CA MET D 268 1.77 -40.76 -15.42
C MET D 268 2.83 -41.72 -14.91
N ARG D 269 3.79 -41.16 -14.17
CA ARG D 269 4.78 -41.96 -13.45
C ARG D 269 4.22 -42.45 -12.11
N PRO D 270 4.81 -43.51 -11.57
CA PRO D 270 4.43 -43.97 -10.24
C PRO D 270 4.50 -42.82 -9.24
N LYS D 271 3.47 -42.74 -8.41
CA LYS D 271 3.32 -41.71 -7.40
C LYS D 271 3.17 -40.33 -8.02
N GLY D 272 2.80 -40.27 -9.29
CA GLY D 272 2.56 -39.00 -9.95
C GLY D 272 1.38 -38.29 -9.33
N ARG D 273 1.24 -37.01 -9.71
CA ARG D 273 0.24 -36.14 -9.11
C ARG D 273 -0.43 -35.34 -10.22
N ILE D 274 -1.76 -35.22 -10.12
CA ILE D 274 -2.54 -34.40 -11.04
C ILE D 274 -3.22 -33.34 -10.20
N ALA D 275 -2.89 -32.08 -10.44
CA ALA D 275 -3.59 -31.00 -9.75
C ALA D 275 -4.76 -30.62 -10.66
N VAL D 276 -5.96 -30.90 -10.20
CA VAL D 276 -7.15 -30.62 -11.00
C VAL D 276 -7.54 -29.18 -10.77
N CYS D 277 -7.08 -28.30 -11.64
CA CYS D 277 -7.33 -26.86 -11.54
C CYS D 277 -8.59 -26.45 -12.29
N GLY D 278 -8.69 -26.87 -13.55
CA GLY D 278 -9.87 -26.61 -14.35
C GLY D 278 -10.05 -27.68 -15.41
N MET D 279 -11.18 -27.61 -16.11
CA MET D 279 -11.47 -28.54 -17.19
C MET D 279 -12.26 -27.78 -18.27
N ILE D 280 -11.60 -26.78 -18.87
CA ILE D 280 -12.30 -25.80 -19.71
C ILE D 280 -12.96 -26.44 -20.92
N SER D 281 -12.49 -27.63 -21.36
CA SER D 281 -13.15 -28.30 -22.49
C SER D 281 -14.58 -28.73 -22.15
N GLN D 282 -14.94 -28.71 -20.87
CA GLN D 282 -16.23 -29.25 -20.45
C GLN D 282 -17.24 -28.15 -20.13
N TYR D 283 -16.80 -26.88 -20.10
CA TYR D 283 -17.63 -25.85 -19.46
C TYR D 283 -18.89 -25.49 -20.26
N ASN D 284 -18.90 -25.80 -21.55
CA ASN D 284 -20.00 -25.42 -22.43
C ASN D 284 -20.77 -26.60 -22.97
N LEU D 285 -20.57 -27.78 -22.38
CA LEU D 285 -21.27 -29.01 -22.75
C LEU D 285 -22.49 -29.24 -21.88
N GLU D 286 -23.58 -29.70 -22.50
CA GLU D 286 -24.74 -30.02 -21.66
C GLU D 286 -24.52 -31.31 -20.87
N GLN D 287 -23.74 -32.25 -21.40
CA GLN D 287 -23.32 -33.42 -20.64
C GLN D 287 -21.79 -33.49 -20.73
N PRO D 288 -21.09 -33.56 -19.61
CA PRO D 288 -19.62 -33.71 -19.66
C PRO D 288 -19.23 -35.00 -20.35
N GLU D 289 -18.06 -34.96 -20.99
CA GLU D 289 -17.51 -36.11 -21.67
C GLU D 289 -16.99 -37.13 -20.67
N GLY D 290 -17.01 -38.39 -21.05
CA GLY D 290 -16.57 -39.44 -20.15
C GLY D 290 -15.06 -39.63 -20.28
N VAL D 291 -14.42 -39.78 -19.14
CA VAL D 291 -12.99 -40.06 -19.03
C VAL D 291 -12.83 -41.56 -18.76
N ARG D 292 -12.07 -42.25 -19.62
CA ARG D 292 -12.07 -43.72 -19.62
C ARG D 292 -10.88 -44.38 -18.94
N ASN D 293 -9.79 -43.64 -18.71
CA ASN D 293 -8.52 -44.25 -18.29
C ASN D 293 -8.23 -44.12 -16.79
N LEU D 294 -9.25 -43.97 -15.93
CA LEU D 294 -8.99 -43.76 -14.51
C LEU D 294 -8.34 -44.98 -13.83
N MET D 295 -8.41 -46.19 -14.41
CA MET D 295 -7.71 -47.29 -13.77
CA MET D 295 -7.70 -47.31 -13.82
C MET D 295 -6.21 -47.04 -13.71
N ALA D 296 -5.68 -46.12 -14.52
CA ALA D 296 -4.28 -45.74 -14.40
C ALA D 296 -3.98 -45.14 -13.04
N LEU D 297 -4.99 -44.58 -12.35
CA LEU D 297 -4.74 -44.06 -11.01
C LEU D 297 -4.29 -45.15 -10.06
N ILE D 298 -4.75 -46.38 -10.26
CA ILE D 298 -4.42 -47.47 -9.35
C ILE D 298 -3.02 -47.97 -9.64
N VAL D 299 -2.77 -48.33 -10.91
CA VAL D 299 -1.51 -49.01 -11.27
C VAL D 299 -0.33 -48.05 -11.15
N LYS D 300 -0.52 -46.76 -11.38
CA LYS D 300 0.56 -45.80 -11.15
C LYS D 300 0.49 -45.13 -9.79
N GLN D 301 -0.48 -45.49 -8.94
CA GLN D 301 -0.59 -44.94 -7.57
C GLN D 301 -0.53 -43.42 -7.59
N VAL D 302 -1.38 -42.84 -8.42
CA VAL D 302 -1.44 -41.40 -8.66
C VAL D 302 -2.42 -40.72 -7.71
N ARG D 303 -2.03 -39.53 -7.22
CA ARG D 303 -2.92 -38.63 -6.47
C ARG D 303 -3.46 -37.56 -7.42
N MET D 304 -4.76 -37.57 -7.66
CA MET D 304 -5.45 -36.58 -8.50
C MET D 304 -6.33 -35.73 -7.58
N GLU D 305 -6.01 -34.45 -7.42
CA GLU D 305 -6.64 -33.68 -6.35
C GLU D 305 -7.07 -32.31 -6.87
N GLY D 306 -8.36 -31.99 -6.66
CA GLY D 306 -8.88 -30.68 -7.02
C GLY D 306 -8.64 -29.69 -5.92
N PHE D 307 -8.65 -28.41 -6.29
CA PHE D 307 -8.45 -27.34 -5.31
C PHE D 307 -9.16 -26.10 -5.84
N MET D 308 -9.52 -25.19 -4.94
CA MET D 308 -10.05 -23.89 -5.30
C MET D 308 -9.16 -22.82 -4.69
N VAL D 309 -8.79 -21.82 -5.51
CA VAL D 309 -7.83 -20.82 -5.05
C VAL D 309 -8.37 -20.09 -3.82
N PHE D 310 -9.69 -20.01 -3.67
CA PHE D 310 -10.22 -19.28 -2.51
C PHE D 310 -9.69 -19.81 -1.19
N SER D 311 -9.35 -21.11 -1.13
CA SER D 311 -8.89 -21.70 0.12
C SER D 311 -7.43 -21.42 0.40
N TYR D 312 -6.75 -20.63 -0.44
CA TYR D 312 -5.31 -20.41 -0.27
C TYR D 312 -4.98 -18.94 -0.14
N TYR D 313 -5.99 -18.08 0.02
CA TYR D 313 -5.66 -16.66 0.10
C TYR D 313 -4.88 -16.30 1.37
N HIS D 314 -4.84 -17.17 2.37
CA HIS D 314 -3.99 -16.94 3.52
C HIS D 314 -2.51 -16.99 3.16
N LEU D 315 -2.17 -17.51 1.97
CA LEU D 315 -0.81 -17.48 1.46
C LEU D 315 -0.54 -16.31 0.51
N TYR D 316 -1.48 -15.39 0.33
CA TYR D 316 -1.27 -14.33 -0.67
C TYR D 316 -0.01 -13.51 -0.35
N GLY D 317 0.20 -13.17 0.92
CA GLY D 317 1.36 -12.38 1.27
C GLY D 317 2.65 -13.10 0.94
N LYS D 318 2.70 -14.40 1.24
CA LYS D 318 3.86 -15.20 0.86
C LYS D 318 4.02 -15.25 -0.65
N PHE D 319 2.90 -15.34 -1.38
CA PHE D 319 2.99 -15.38 -2.84
C PHE D 319 3.62 -14.09 -3.37
N LEU D 320 3.10 -12.94 -2.94
CA LEU D 320 3.68 -11.67 -3.37
C LEU D 320 5.16 -11.60 -3.04
N GLU D 321 5.54 -11.99 -1.82
CA GLU D 321 6.96 -11.97 -1.42
C GLU D 321 7.80 -12.84 -2.34
N THR D 322 7.22 -13.90 -2.90
CA THR D 322 7.98 -14.80 -3.78
C THR D 322 8.06 -14.25 -5.19
N VAL D 323 6.94 -13.80 -5.75
CA VAL D 323 6.92 -13.52 -7.17
C VAL D 323 7.43 -12.11 -7.48
N LEU D 324 7.22 -11.15 -6.56
CA LEU D 324 7.59 -9.77 -6.87
C LEU D 324 9.07 -9.60 -7.17
N PRO D 325 9.99 -10.14 -6.36
CA PRO D 325 11.42 -10.05 -6.76
C PRO D 325 11.71 -10.74 -8.07
N TYR D 326 11.13 -11.94 -8.29
CA TYR D 326 11.32 -12.63 -9.56
C TYR D 326 10.90 -11.76 -10.73
N ILE D 327 9.83 -10.97 -10.56
CA ILE D 327 9.32 -10.13 -11.62
C ILE D 327 10.31 -9.02 -11.96
N LYS D 328 10.83 -8.33 -10.93
CA LYS D 328 11.75 -7.22 -11.17
C LYS D 328 13.14 -7.72 -11.58
N GLN D 329 13.59 -8.84 -11.04
CA GLN D 329 14.79 -9.47 -11.59
C GLN D 329 14.55 -10.09 -12.97
N GLY D 330 13.34 -10.00 -13.51
CA GLY D 330 13.07 -10.47 -14.86
C GLY D 330 13.03 -11.98 -15.04
N LYS D 331 13.02 -12.74 -13.95
CA LYS D 331 13.00 -14.20 -14.06
C LYS D 331 11.57 -14.75 -14.18
N ILE D 332 10.56 -13.92 -13.97
CA ILE D 332 9.16 -14.23 -14.24
C ILE D 332 8.62 -13.15 -15.18
N THR D 333 8.13 -13.56 -16.34
CA THR D 333 7.44 -12.65 -17.25
C THR D 333 5.98 -13.09 -17.42
N TYR D 334 5.20 -12.22 -18.06
CA TYR D 334 3.76 -12.41 -18.16
C TYR D 334 3.27 -11.79 -19.45
N VAL D 335 2.34 -12.46 -20.11
CA VAL D 335 1.74 -11.96 -21.35
C VAL D 335 0.24 -11.77 -21.13
N GLU D 336 -0.23 -10.54 -21.30
CA GLU D 336 -1.65 -10.23 -21.28
C GLU D 336 -2.18 -9.96 -22.69
N ASP D 337 -3.44 -10.34 -22.89
CA ASP D 337 -4.23 -9.94 -24.05
C ASP D 337 -5.11 -8.78 -23.60
N VAL D 338 -4.91 -7.60 -24.18
CA VAL D 338 -5.51 -6.38 -23.67
C VAL D 338 -6.49 -5.86 -24.69
N VAL D 339 -7.77 -5.71 -24.31
CA VAL D 339 -8.76 -5.08 -25.18
C VAL D 339 -9.28 -3.83 -24.48
N ASP D 340 -9.54 -2.79 -25.26
CA ASP D 340 -9.93 -1.49 -24.70
C ASP D 340 -11.44 -1.34 -24.74
N GLY D 341 -12.02 -0.90 -23.63
CA GLY D 341 -13.43 -0.55 -23.58
C GLY D 341 -14.39 -1.64 -23.17
N LEU D 342 -15.32 -1.27 -22.29
CA LEU D 342 -16.40 -2.18 -21.92
C LEU D 342 -17.13 -2.73 -23.12
N ASP D 343 -17.24 -1.95 -24.20
CA ASP D 343 -17.95 -2.42 -25.38
C ASP D 343 -17.37 -3.72 -25.91
N ASN D 344 -16.06 -3.92 -25.73
CA ASN D 344 -15.36 -5.12 -26.20
C ASN D 344 -15.35 -6.25 -25.18
N ALA D 345 -15.84 -6.03 -23.96
CA ALA D 345 -15.72 -7.05 -22.92
C ALA D 345 -16.50 -8.34 -23.24
N PRO D 346 -17.76 -8.31 -23.70
CA PRO D 346 -18.44 -9.57 -24.04
C PRO D 346 -17.64 -10.43 -25.02
N ALA D 347 -17.16 -9.84 -26.11
CA ALA D 347 -16.39 -10.61 -27.09
C ALA D 347 -15.14 -11.20 -26.47
N ALA D 348 -14.47 -10.46 -25.58
CA ALA D 348 -13.24 -10.96 -24.95
C ALA D 348 -13.53 -12.13 -24.02
N LEU D 349 -14.64 -12.06 -23.29
CA LEU D 349 -15.04 -13.19 -22.45
C LEU D 349 -15.38 -14.42 -23.29
N ILE D 350 -16.20 -14.24 -24.32
CA ILE D 350 -16.60 -15.38 -25.16
C ILE D 350 -15.38 -15.99 -25.84
N GLY D 351 -14.40 -15.13 -26.17
CA GLY D 351 -13.21 -15.60 -26.85
C GLY D 351 -12.41 -16.62 -26.06
N LEU D 352 -12.59 -16.65 -24.72
CA LEU D 352 -11.81 -17.61 -23.94
C LEU D 352 -12.04 -19.04 -24.43
N TYR D 353 -13.29 -19.36 -24.78
CA TYR D 353 -13.70 -20.73 -25.03
C TYR D 353 -13.33 -21.17 -26.43
N SER D 354 -12.92 -20.24 -27.29
CA SER D 354 -12.32 -20.66 -28.55
C SER D 354 -10.83 -20.33 -28.63
N GLY D 355 -10.22 -19.93 -27.51
CA GLY D 355 -8.80 -19.65 -27.47
C GLY D 355 -8.37 -18.38 -28.18
N ARG D 356 -9.27 -17.41 -28.28
CA ARG D 356 -8.94 -16.16 -28.96
C ARG D 356 -7.90 -15.38 -28.16
N ASN D 357 -7.92 -15.50 -26.84
CA ASN D 357 -6.98 -14.75 -26.01
C ASN D 357 -5.58 -15.32 -26.16
N VAL D 358 -4.61 -14.42 -26.23
CA VAL D 358 -3.21 -14.79 -26.21
C VAL D 358 -2.66 -14.34 -24.86
N GLY D 359 -2.53 -15.28 -23.93
CA GLY D 359 -2.23 -14.93 -22.54
C GLY D 359 -3.46 -14.48 -21.77
N LYS D 360 -3.21 -13.79 -20.66
CA LYS D 360 -4.29 -13.47 -19.74
C LYS D 360 -5.23 -12.39 -20.33
N GLN D 361 -6.53 -12.69 -20.38
CA GLN D 361 -7.46 -11.75 -21.02
C GLN D 361 -7.84 -10.62 -20.06
N VAL D 362 -7.51 -9.37 -20.44
CA VAL D 362 -7.80 -8.15 -19.70
C VAL D 362 -8.71 -7.25 -20.53
N VAL D 363 -9.66 -6.57 -19.88
CA VAL D 363 -10.40 -5.47 -20.51
C VAL D 363 -10.04 -4.19 -19.79
N VAL D 364 -9.63 -3.16 -20.54
CA VAL D 364 -9.37 -1.85 -19.96
C VAL D 364 -10.67 -1.07 -19.94
N VAL D 365 -11.14 -0.73 -18.74
CA VAL D 365 -12.30 0.18 -18.60
C VAL D 365 -11.86 1.62 -18.67
N SER D 366 -10.84 1.97 -17.89
CA SER D 366 -10.27 3.31 -17.94
C SER D 366 -8.79 3.18 -17.60
N ARG D 367 -7.93 3.49 -18.57
CA ARG D 367 -6.50 3.35 -18.35
C ARG D 367 -5.99 4.29 -17.26
N GLU D 368 -5.32 3.71 -16.27
CA GLU D 368 -4.71 4.46 -15.16
C GLU D 368 -3.56 3.67 -14.53
#